data_3PEA
#
_entry.id   3PEA
#
_cell.length_a   68.954
_cell.length_b   75.123
_cell.length_c   89.490
_cell.angle_alpha   89.04
_cell.angle_beta   90.01
_cell.angle_gamma   75.47
#
_symmetry.space_group_name_H-M   'P 1'
#
loop_
_entity.id
_entity.type
_entity.pdbx_description
1 polymer 'Enoyl-CoA hydratase/isomerase family protein'
2 non-polymer 'CITRATE ANION'
3 non-polymer 'TETRAETHYLENE GLYCOL'
4 non-polymer 'ACETATE ION'
5 water water
#
_entity_poly.entity_id   1
_entity_poly.type   'polypeptide(L)'
_entity_poly.pdbx_seq_one_letter_code
;SNA(MSE)LKFLSVRVEDHIAVATLNHAPANA(MSE)SSQV(MSE)HDVTELIDQVEKDDNIRVVVIHGEGRFFSAGADI
KEFTSVTEAKQATELAQLGQVTFERVEKCSKPVIAAIHGAALGGGLEFA(MSE)SCH(MSE)RFATESAKLGLPELTLGL
IPGFAGTQRLPRYVGKAKACE(MSE)(MSE)LTSTPITGAEALKWGLVNGVFAEETFLDDTLKVAKQIAGKSPATARAVL
ELLQTTKSSHYYEGVQREAQIFGEVFTSEDGREGVAAFLEKRKPSFSGR
;
_entity_poly.pdbx_strand_id   A,B,C,D,E,F
#
loop_
_chem_comp.id
_chem_comp.type
_chem_comp.name
_chem_comp.formula
ACT non-polymer 'ACETATE ION' 'C2 H3 O2 -1'
FLC non-polymer 'CITRATE ANION' 'C6 H5 O7 -3'
PG4 non-polymer 'TETRAETHYLENE GLYCOL' 'C8 H18 O5'
#
# COMPACT_ATOMS: atom_id res chain seq x y z
N MSE A 4 29.63 -13.67 -55.14
CA MSE A 4 28.45 -13.06 -55.81
C MSE A 4 27.23 -13.98 -55.80
O MSE A 4 27.29 -15.12 -56.28
CB MSE A 4 28.76 -12.72 -57.26
CG MSE A 4 29.76 -11.56 -57.45
SE MSE A 4 30.35 -11.42 -59.33
CE MSE A 4 28.69 -12.09 -60.18
N LEU A 5 26.13 -13.46 -55.27
CA LEU A 5 24.86 -14.15 -55.22
C LEU A 5 23.97 -13.72 -56.38
N LYS A 6 23.10 -14.62 -56.81
CA LYS A 6 22.27 -14.41 -57.99
C LYS A 6 21.23 -13.29 -57.86
N PHE A 7 20.43 -13.26 -56.79
CA PHE A 7 19.34 -12.27 -56.69
C PHE A 7 19.50 -11.27 -55.53
N LEU A 8 20.66 -11.28 -54.90
CA LEU A 8 21.03 -10.35 -53.84
C LEU A 8 22.40 -9.77 -54.18
N SER A 9 22.49 -8.45 -54.29
CA SER A 9 23.80 -7.83 -54.43
C SER A 9 24.05 -7.05 -53.14
N VAL A 10 25.31 -7.03 -52.76
CA VAL A 10 25.72 -6.50 -51.48
C VAL A 10 26.83 -5.50 -51.70
N ARG A 11 26.69 -4.30 -51.12
CA ARG A 11 27.81 -3.39 -51.07
C ARG A 11 28.03 -2.88 -49.64
N VAL A 12 29.26 -3.02 -49.16
CA VAL A 12 29.62 -2.64 -47.82
C VAL A 12 30.25 -1.24 -47.85
N GLU A 13 29.73 -0.34 -47.02
CA GLU A 13 30.29 1.00 -46.89
C GLU A 13 30.12 1.40 -45.41
N ASP A 14 31.26 1.70 -44.76
CA ASP A 14 31.30 2.12 -43.37
C ASP A 14 30.70 1.08 -42.43
N HIS A 15 31.10 -0.18 -42.64
CA HIS A 15 30.68 -1.34 -41.84
C HIS A 15 29.19 -1.74 -41.97
N ILE A 16 28.50 -1.11 -42.93
CA ILE A 16 27.12 -1.39 -43.24
C ILE A 16 27.05 -2.13 -44.58
N ALA A 17 26.51 -3.35 -44.54
CA ALA A 17 26.25 -4.17 -45.72
C ALA A 17 24.84 -3.83 -46.18
N VAL A 18 24.75 -3.18 -47.33
CA VAL A 18 23.49 -2.87 -47.96
C VAL A 18 23.24 -3.97 -48.98
N ALA A 19 22.22 -4.78 -48.74
CA ALA A 19 21.91 -5.92 -49.56
C ALA A 19 20.66 -5.60 -50.35
N THR A 20 20.73 -5.71 -51.67
CA THR A 20 19.63 -5.37 -52.54
C THR A 20 19.02 -6.63 -53.12
N LEU A 21 17.77 -6.87 -52.78
CA LEU A 21 17.01 -7.93 -53.36
C LEU A 21 16.58 -7.55 -54.78
N ASN A 22 16.92 -8.40 -55.72
CA ASN A 22 16.67 -8.10 -57.12
C ASN A 22 16.22 -9.35 -57.84
N HIS A 23 14.94 -9.62 -57.68
CA HIS A 23 14.27 -10.70 -58.43
C HIS A 23 13.07 -10.04 -59.08
N ALA A 24 13.36 -9.28 -60.13
CA ALA A 24 12.37 -8.58 -60.96
C ALA A 24 11.07 -9.34 -61.23
N PRO A 25 9.92 -8.65 -61.25
CA PRO A 25 9.70 -7.27 -60.94
C PRO A 25 9.20 -7.10 -59.52
N ALA A 26 8.92 -8.19 -58.81
CA ALA A 26 8.35 -8.02 -57.45
C ALA A 26 9.12 -8.72 -56.34
N ASN A 27 10.33 -9.17 -56.65
CA ASN A 27 11.25 -9.69 -55.65
C ASN A 27 10.63 -10.85 -54.86
N ALA A 28 10.06 -11.81 -55.59
CA ALA A 28 9.41 -12.97 -54.93
C ALA A 28 10.41 -13.85 -54.21
N MSE A 29 10.00 -14.33 -53.02
CA MSE A 29 10.83 -15.16 -52.16
C MSE A 29 10.83 -16.62 -52.65
O MSE A 29 10.22 -17.52 -52.05
CB MSE A 29 10.30 -15.09 -50.69
CG MSE A 29 10.21 -13.64 -50.11
SE MSE A 29 11.90 -12.62 -50.18
CE MSE A 29 12.95 -13.96 -49.29
N SER A 30 11.51 -16.85 -53.77
CA SER A 30 11.63 -18.18 -54.36
C SER A 30 12.68 -18.98 -53.59
N SER A 31 12.71 -20.27 -53.82
CA SER A 31 13.76 -21.14 -53.29
C SER A 31 15.18 -20.63 -53.52
N GLN A 32 15.49 -20.16 -54.73
CA GLN A 32 16.83 -19.60 -54.96
C GLN A 32 17.07 -18.37 -54.11
N VAL A 33 16.10 -17.46 -54.01
CA VAL A 33 16.29 -16.25 -53.20
C VAL A 33 16.56 -16.65 -51.75
N MSE A 34 15.89 -17.68 -51.25
CA MSE A 34 16.11 -18.15 -49.87
C MSE A 34 17.51 -18.61 -49.64
O MSE A 34 18.10 -18.29 -48.61
CB MSE A 34 15.22 -19.34 -49.47
CG MSE A 34 13.78 -19.11 -49.60
SE MSE A 34 13.09 -17.92 -48.25
CE MSE A 34 11.46 -18.49 -48.57
N HIS A 35 18.05 -19.37 -50.59
N HIS A 35 18.08 -19.36 -50.58
CA HIS A 35 19.44 -19.80 -50.56
CA HIS A 35 19.44 -19.81 -50.44
C HIS A 35 20.36 -18.61 -50.50
C HIS A 35 20.41 -18.63 -50.54
N ASP A 36 20.07 -17.60 -51.32
CA ASP A 36 20.91 -16.36 -51.36
C ASP A 36 20.87 -15.64 -50.00
N VAL A 37 19.68 -15.58 -49.41
CA VAL A 37 19.51 -15.03 -48.02
C VAL A 37 20.35 -15.75 -47.00
N THR A 38 20.35 -17.08 -47.03
CA THR A 38 21.16 -17.86 -46.12
C THR A 38 22.65 -17.55 -46.37
N GLU A 39 23.05 -17.42 -47.63
CA GLU A 39 24.44 -17.07 -47.94
C GLU A 39 24.85 -15.67 -47.48
N LEU A 40 23.93 -14.71 -47.63
CA LEU A 40 24.13 -13.37 -47.08
C LEU A 40 24.38 -13.42 -45.55
N ILE A 41 23.51 -14.12 -44.84
CA ILE A 41 23.71 -14.21 -43.38
C ILE A 41 25.07 -14.88 -43.07
N ASP A 42 25.42 -15.95 -43.78
CA ASP A 42 26.75 -16.57 -43.58
C ASP A 42 27.90 -15.56 -43.76
N GLN A 43 27.82 -14.81 -44.86
N GLN A 43 27.83 -14.80 -44.85
CA GLN A 43 28.81 -13.78 -45.25
CA GLN A 43 28.87 -13.82 -45.19
C GLN A 43 28.91 -12.69 -44.17
C GLN A 43 28.92 -12.69 -44.15
N VAL A 44 27.75 -12.19 -43.75
CA VAL A 44 27.64 -11.15 -42.75
C VAL A 44 28.24 -11.61 -41.43
N GLU A 45 27.99 -12.86 -41.06
CA GLU A 45 28.46 -13.36 -39.77
C GLU A 45 29.98 -13.54 -39.79
N LYS A 46 30.54 -13.94 -40.92
CA LYS A 46 32.02 -14.12 -41.02
C LYS A 46 32.87 -12.85 -41.23
N ASP A 47 32.27 -11.79 -41.77
CA ASP A 47 33.00 -10.55 -42.10
C ASP A 47 33.01 -9.61 -40.89
N ASP A 48 34.16 -9.50 -40.23
CA ASP A 48 34.30 -8.64 -39.05
C ASP A 48 34.11 -7.17 -39.40
N ASN A 49 34.41 -6.80 -40.65
CA ASN A 49 34.16 -5.44 -41.13
C ASN A 49 32.66 -5.07 -41.11
N ILE A 50 31.77 -6.06 -41.23
CA ILE A 50 30.31 -5.81 -41.23
C ILE A 50 29.75 -5.80 -39.83
N ARG A 51 29.12 -4.69 -39.47
CA ARG A 51 28.51 -4.52 -38.17
C ARG A 51 26.99 -4.49 -38.23
N VAL A 52 26.42 -4.11 -39.38
CA VAL A 52 24.97 -4.00 -39.54
C VAL A 52 24.62 -4.36 -40.96
N VAL A 53 23.38 -4.82 -41.20
CA VAL A 53 22.93 -5.15 -42.54
C VAL A 53 21.63 -4.40 -42.75
N VAL A 54 21.47 -3.79 -43.90
CA VAL A 54 20.22 -3.17 -44.33
C VAL A 54 19.81 -3.89 -45.60
N ILE A 55 18.57 -4.40 -45.61
CA ILE A 55 18.04 -5.13 -46.74
C ILE A 55 16.88 -4.35 -47.34
N HIS A 56 16.94 -4.10 -48.66
CA HIS A 56 15.82 -3.48 -49.34
C HIS A 56 15.62 -4.11 -50.73
N GLY A 57 14.47 -3.86 -51.36
CA GLY A 57 14.16 -4.41 -52.66
C GLY A 57 14.51 -3.46 -53.81
N GLU A 58 15.00 -4.04 -54.91
CA GLU A 58 15.11 -3.32 -56.20
C GLU A 58 13.74 -3.14 -56.84
N GLY A 59 13.55 -2.06 -57.59
CA GLY A 59 12.28 -1.80 -58.27
C GLY A 59 11.25 -1.20 -57.34
N ARG A 60 9.98 -1.46 -57.61
CA ARG A 60 8.86 -0.88 -56.87
C ARG A 60 8.67 -1.46 -55.46
N PHE A 61 9.08 -2.71 -55.20
CA PHE A 61 8.69 -3.44 -54.00
C PHE A 61 9.85 -4.00 -53.19
N PHE A 62 9.61 -4.16 -51.88
CA PHE A 62 10.51 -4.91 -51.03
C PHE A 62 10.39 -6.37 -51.49
N SER A 63 9.21 -6.94 -51.33
CA SER A 63 8.91 -8.30 -51.79
C SER A 63 7.42 -8.55 -51.73
N ALA A 64 6.85 -8.91 -52.88
CA ALA A 64 5.40 -9.10 -53.04
C ALA A 64 4.91 -10.48 -52.61
N GLY A 65 5.79 -11.41 -52.24
CA GLY A 65 5.33 -12.73 -51.87
C GLY A 65 6.35 -13.84 -52.04
N ALA A 66 5.95 -15.05 -51.66
CA ALA A 66 6.63 -16.24 -52.15
C ALA A 66 6.39 -16.30 -53.68
N ASP A 67 7.03 -17.24 -54.34
CA ASP A 67 6.94 -17.35 -55.80
C ASP A 67 5.84 -18.31 -56.18
N ILE A 68 4.73 -17.81 -56.71
CA ILE A 68 3.57 -18.64 -57.03
C ILE A 68 3.95 -19.86 -57.92
N LYS A 69 5.02 -19.73 -58.70
CA LYS A 69 5.47 -20.79 -59.63
C LYS A 69 5.92 -22.07 -58.91
N GLU A 70 6.21 -21.97 -57.62
CA GLU A 70 6.64 -23.15 -56.88
C GLU A 70 5.44 -23.82 -56.18
N PHE A 71 4.26 -23.23 -56.29
CA PHE A 71 3.06 -23.73 -55.57
C PHE A 71 1.92 -24.14 -56.50
N THR A 72 2.25 -24.55 -57.72
CA THR A 72 1.20 -24.95 -58.70
C THR A 72 0.79 -26.42 -58.53
N SER A 73 -0.22 -26.83 -59.33
CA SER A 73 -0.71 -28.21 -59.38
C SER A 73 0.40 -29.29 -59.47
N VAL A 74 1.51 -28.95 -60.12
CA VAL A 74 2.64 -29.90 -60.29
C VAL A 74 3.32 -30.25 -58.96
N THR A 75 3.19 -29.39 -57.96
CA THR A 75 3.80 -29.66 -56.68
C THR A 75 2.87 -30.48 -55.77
N GLU A 76 3.46 -31.46 -55.06
CA GLU A 76 2.73 -32.32 -54.08
C GLU A 76 2.98 -31.89 -52.62
N ALA A 77 2.31 -32.58 -51.70
CA ALA A 77 2.22 -32.22 -50.28
C ALA A 77 3.54 -32.24 -49.52
N LYS A 78 4.44 -33.13 -49.90
CA LYS A 78 5.69 -33.27 -49.16
C LYS A 78 6.60 -32.13 -49.57
N GLN A 79 6.64 -31.85 -50.87
CA GLN A 79 7.43 -30.75 -51.37
C GLN A 79 6.89 -29.42 -50.81
N ALA A 80 5.58 -29.30 -50.65
CA ALA A 80 4.97 -28.06 -50.15
C ALA A 80 5.34 -27.77 -48.69
N THR A 81 5.20 -28.80 -47.83
CA THR A 81 5.67 -28.76 -46.44
C THR A 81 7.17 -28.42 -46.40
N GLU A 82 7.94 -29.03 -47.30
CA GLU A 82 9.37 -28.78 -47.34
C GLU A 82 9.72 -27.35 -47.76
N LEU A 83 8.96 -26.82 -48.71
CA LEU A 83 9.14 -25.42 -49.15
C LEU A 83 8.78 -24.45 -48.01
N ALA A 84 7.65 -24.70 -47.34
CA ALA A 84 7.31 -23.96 -46.12
C ALA A 84 8.47 -24.01 -45.14
N GLN A 85 8.96 -25.19 -44.84
CA GLN A 85 10.09 -25.32 -43.94
C GLN A 85 11.38 -24.65 -44.40
N LEU A 86 11.66 -24.59 -45.70
CA LEU A 86 12.84 -23.88 -46.19
C LEU A 86 12.73 -22.40 -45.83
N GLY A 87 11.54 -21.80 -45.98
CA GLY A 87 11.38 -20.39 -45.65
C GLY A 87 11.49 -20.17 -44.14
N GLN A 88 10.92 -21.09 -43.38
CA GLN A 88 10.94 -21.01 -41.92
C GLN A 88 12.38 -21.06 -41.44
N VAL A 89 13.16 -22.00 -41.98
CA VAL A 89 14.56 -22.19 -41.56
C VAL A 89 15.41 -20.98 -41.97
N THR A 90 15.14 -20.49 -43.17
CA THR A 90 15.87 -19.36 -43.73
C THR A 90 15.65 -18.12 -42.84
N PHE A 91 14.40 -17.88 -42.49
CA PHE A 91 14.04 -16.68 -41.73
C PHE A 91 14.46 -16.82 -40.25
N GLU A 92 14.47 -18.03 -39.70
CA GLU A 92 15.06 -18.26 -38.38
C GLU A 92 16.57 -17.93 -38.45
N ARG A 93 17.26 -18.29 -39.53
CA ARG A 93 18.68 -17.86 -39.66
C ARG A 93 18.89 -16.35 -39.65
N VAL A 94 18.02 -15.63 -40.33
CA VAL A 94 18.05 -14.17 -40.32
C VAL A 94 17.87 -13.68 -38.89
N GLU A 95 16.83 -14.17 -38.22
CA GLU A 95 16.49 -13.64 -36.88
C GLU A 95 17.58 -13.96 -35.85
N LYS A 96 18.26 -15.11 -36.04
CA LYS A 96 19.38 -15.52 -35.22
C LYS A 96 20.72 -14.89 -35.60
N CYS A 97 20.75 -14.05 -36.63
CA CYS A 97 21.99 -13.45 -37.04
C CYS A 97 22.61 -12.66 -35.88
N SER A 98 23.94 -12.83 -35.69
CA SER A 98 24.62 -12.19 -34.59
C SER A 98 24.88 -10.70 -34.86
N LYS A 99 24.59 -10.22 -36.09
CA LYS A 99 24.69 -8.80 -36.45
C LYS A 99 23.32 -8.24 -36.77
N PRO A 100 23.03 -7.00 -36.36
CA PRO A 100 21.66 -6.47 -36.54
C PRO A 100 21.31 -6.34 -37.99
N VAL A 101 20.08 -6.75 -38.31
CA VAL A 101 19.56 -6.80 -39.66
C VAL A 101 18.34 -5.94 -39.70
N ILE A 102 18.35 -4.94 -40.59
CA ILE A 102 17.24 -4.01 -40.74
C ILE A 102 16.61 -4.20 -42.12
N ALA A 103 15.27 -4.32 -42.19
CA ALA A 103 14.52 -4.41 -43.44
C ALA A 103 14.06 -3.00 -43.72
N ALA A 104 14.40 -2.51 -44.92
CA ALA A 104 13.93 -1.18 -45.40
C ALA A 104 12.87 -1.39 -46.45
N ILE A 105 11.61 -1.21 -46.05
CA ILE A 105 10.47 -1.54 -46.88
C ILE A 105 9.84 -0.36 -47.61
N HIS A 106 9.85 -0.42 -48.93
CA HIS A 106 8.98 0.46 -49.73
C HIS A 106 8.11 -0.34 -50.67
N GLY A 107 7.02 0.27 -51.10
CA GLY A 107 6.12 -0.32 -52.06
C GLY A 107 5.20 -1.34 -51.43
N ALA A 108 5.75 -2.52 -51.15
CA ALA A 108 4.99 -3.55 -50.45
C ALA A 108 5.89 -4.65 -49.92
N ALA A 109 5.45 -5.20 -48.80
CA ALA A 109 5.95 -6.45 -48.22
C ALA A 109 4.75 -7.32 -47.92
N LEU A 110 4.50 -8.29 -48.79
CA LEU A 110 3.30 -9.13 -48.71
C LEU A 110 3.64 -10.59 -48.62
N GLY A 111 2.90 -11.30 -47.79
CA GLY A 111 2.99 -12.75 -47.77
C GLY A 111 4.37 -13.16 -47.38
N GLY A 112 4.98 -14.04 -48.16
CA GLY A 112 6.40 -14.40 -47.96
C GLY A 112 7.36 -13.26 -47.76
N GLY A 113 7.09 -12.14 -48.46
CA GLY A 113 7.88 -10.94 -48.36
C GLY A 113 7.78 -10.31 -46.99
N LEU A 114 6.58 -10.24 -46.42
CA LEU A 114 6.41 -9.75 -45.06
C LEU A 114 7.00 -10.72 -44.04
N GLU A 115 6.87 -12.02 -44.32
CA GLU A 115 7.47 -13.02 -43.46
C GLU A 115 9.00 -12.86 -43.40
N PHE A 116 9.62 -12.49 -44.52
CA PHE A 116 11.05 -12.18 -44.55
C PHE A 116 11.35 -10.98 -43.71
N ALA A 117 10.62 -9.88 -43.96
CA ALA A 117 10.82 -8.64 -43.26
C ALA A 117 10.68 -8.85 -41.76
N MSE A 118 9.66 -9.63 -41.38
CA MSE A 118 9.37 -9.93 -39.99
C MSE A 118 10.46 -10.67 -39.26
O MSE A 118 10.52 -10.65 -38.01
CB MSE A 118 8.03 -10.70 -39.86
CG MSE A 118 6.85 -9.81 -39.92
SE MSE A 118 5.12 -10.52 -39.52
CE MSE A 118 5.25 -12.16 -40.60
N SER A 119 11.35 -11.33 -39.99
CA SER A 119 12.42 -12.09 -39.35
C SER A 119 13.65 -11.22 -39.14
N CYS A 120 13.63 -10.02 -39.74
CA CYS A 120 14.69 -9.04 -39.51
C CYS A 120 14.48 -8.47 -38.12
N HIS A 121 15.53 -7.92 -37.55
CA HIS A 121 15.46 -7.43 -36.17
C HIS A 121 14.68 -6.14 -36.10
N MSE A 122 14.76 -5.35 -37.16
CA MSE A 122 14.07 -4.00 -37.21
C MSE A 122 13.47 -3.79 -38.60
O MSE A 122 13.97 -4.36 -39.56
CB MSE A 122 15.03 -2.89 -36.91
CG MSE A 122 15.48 -2.83 -35.43
SE MSE A 122 17.16 -1.84 -35.22
CE MSE A 122 18.40 -3.23 -35.84
N ARG A 123 12.37 -3.04 -38.69
CA ARG A 123 11.78 -2.67 -39.97
C ARG A 123 11.49 -1.19 -40.05
N PHE A 124 11.82 -0.59 -41.19
CA PHE A 124 11.37 0.78 -41.47
C PHE A 124 10.64 0.74 -42.81
N ALA A 125 9.62 1.56 -42.97
CA ALA A 125 8.78 1.53 -44.13
C ALA A 125 8.42 2.94 -44.58
N THR A 126 8.01 3.10 -45.81
CA THR A 126 7.39 4.35 -46.24
C THR A 126 5.95 4.35 -45.77
N GLU A 127 5.33 5.53 -45.70
CA GLU A 127 3.96 5.62 -45.22
C GLU A 127 2.93 4.87 -46.06
N SER A 128 3.13 4.81 -47.36
CA SER A 128 2.18 4.18 -48.23
C SER A 128 2.52 2.74 -48.61
N ALA A 129 3.66 2.21 -48.15
CA ALA A 129 3.98 0.78 -48.32
C ALA A 129 2.82 -0.06 -47.81
N LYS A 130 2.55 -1.18 -48.48
CA LYS A 130 1.47 -2.09 -48.09
C LYS A 130 2.09 -3.31 -47.43
N LEU A 131 1.63 -3.63 -46.22
CA LEU A 131 2.18 -4.79 -45.50
C LEU A 131 1.00 -5.70 -45.20
N GLY A 132 1.16 -6.99 -45.52
CA GLY A 132 0.05 -7.93 -45.28
C GLY A 132 0.39 -9.38 -45.49
N LEU A 133 -0.53 -10.26 -45.09
CA LEU A 133 -0.44 -11.72 -45.32
C LEU A 133 -1.69 -12.18 -46.06
N PRO A 134 -1.65 -12.16 -47.41
CA PRO A 134 -2.87 -12.43 -48.16
C PRO A 134 -2.99 -13.89 -48.59
N GLU A 135 -2.25 -14.80 -47.95
CA GLU A 135 -2.22 -16.19 -48.36
C GLU A 135 -3.61 -16.84 -48.41
N LEU A 136 -4.54 -16.45 -47.55
CA LEU A 136 -5.86 -17.13 -47.52
C LEU A 136 -6.66 -16.83 -48.82
N THR A 137 -6.30 -15.77 -49.53
CA THR A 137 -6.89 -15.54 -50.86
C THR A 137 -6.64 -16.76 -51.80
N LEU A 138 -5.50 -17.41 -51.63
CA LEU A 138 -5.14 -18.64 -52.38
C LEU A 138 -5.67 -19.93 -51.77
N GLY A 139 -6.45 -19.83 -50.71
CA GLY A 139 -6.84 -21.00 -49.96
C GLY A 139 -5.72 -21.67 -49.22
N LEU A 140 -4.65 -20.93 -48.94
CA LEU A 140 -3.51 -21.46 -48.23
C LEU A 140 -3.39 -20.71 -46.88
N ILE A 141 -2.39 -21.03 -46.09
CA ILE A 141 -2.03 -20.24 -44.90
C ILE A 141 -0.60 -19.74 -45.10
N PRO A 142 -0.18 -18.68 -44.37
CA PRO A 142 1.25 -18.32 -44.32
C PRO A 142 2.03 -19.58 -43.86
N GLY A 143 3.14 -19.87 -44.52
CA GLY A 143 3.92 -21.03 -44.25
C GLY A 143 5.37 -20.75 -43.89
N PHE A 144 5.76 -19.47 -43.90
CA PHE A 144 7.14 -19.10 -43.50
C PHE A 144 7.14 -18.43 -42.11
N ALA A 145 6.39 -18.99 -41.15
CA ALA A 145 6.32 -18.58 -39.75
C ALA A 145 5.49 -17.37 -39.47
N GLY A 146 4.80 -16.89 -40.50
CA GLY A 146 3.98 -15.73 -40.39
C GLY A 146 2.85 -15.87 -39.37
N THR A 147 2.32 -17.09 -39.21
CA THR A 147 1.23 -17.22 -38.25
C THR A 147 1.69 -17.05 -36.79
N GLN A 148 3.00 -17.23 -36.56
CA GLN A 148 3.65 -17.10 -35.24
C GLN A 148 4.24 -15.71 -35.03
N ARG A 149 4.97 -15.20 -36.03
CA ARG A 149 5.56 -13.87 -35.91
C ARG A 149 4.54 -12.74 -35.90
N LEU A 150 3.53 -12.76 -36.76
CA LEU A 150 2.66 -11.60 -36.88
C LEU A 150 1.90 -11.28 -35.58
N PRO A 151 1.22 -12.26 -34.94
CA PRO A 151 0.49 -11.88 -33.69
C PRO A 151 1.43 -11.43 -32.57
N ARG A 152 2.69 -11.90 -32.61
CA ARG A 152 3.65 -11.47 -31.58
C ARG A 152 4.14 -10.03 -31.84
N TYR A 153 3.90 -9.49 -33.02
CA TYR A 153 4.09 -8.05 -33.30
C TYR A 153 2.85 -7.24 -33.03
N VAL A 154 1.72 -7.60 -33.66
CA VAL A 154 0.54 -6.71 -33.70
C VAL A 154 -0.59 -7.13 -32.75
N GLY A 155 -0.33 -8.21 -32.02
CA GLY A 155 -1.33 -8.87 -31.18
C GLY A 155 -2.19 -9.87 -31.94
N LYS A 156 -2.74 -10.83 -31.19
CA LYS A 156 -3.50 -11.94 -31.79
C LYS A 156 -4.71 -11.45 -32.60
N ALA A 157 -5.37 -10.44 -32.09
CA ALA A 157 -6.63 -9.94 -32.71
C ALA A 157 -6.40 -9.30 -34.08
N LYS A 158 -5.43 -8.40 -34.17
N LYS A 158 -5.43 -8.41 -34.18
CA LYS A 158 -5.07 -7.73 -35.45
CA LYS A 158 -5.12 -7.75 -35.47
C LYS A 158 -4.54 -8.74 -36.43
C LYS A 158 -4.55 -8.76 -36.44
N ALA A 159 -3.74 -9.68 -35.94
CA ALA A 159 -3.15 -10.72 -36.77
C ALA A 159 -4.26 -11.58 -37.36
N CYS A 160 -5.20 -11.98 -36.51
CA CYS A 160 -6.38 -12.69 -36.93
C CYS A 160 -7.12 -11.94 -38.05
N GLU A 161 -7.41 -10.67 -37.84
CA GLU A 161 -8.10 -9.89 -38.83
C GLU A 161 -7.30 -9.80 -40.15
N MSE A 162 -6.00 -9.60 -40.07
CA MSE A 162 -5.19 -9.43 -41.25
C MSE A 162 -5.12 -10.71 -42.05
O MSE A 162 -5.22 -10.68 -43.31
CB MSE A 162 -3.78 -8.96 -40.87
CG MSE A 162 -3.67 -7.46 -40.46
SE MSE A 162 -1.90 -7.03 -39.79
CE MSE A 162 -0.94 -7.15 -41.53
N MSE A 163 -4.96 -11.84 -41.36
CA MSE A 163 -4.95 -13.11 -42.07
C MSE A 163 -6.30 -13.52 -42.65
O MSE A 163 -6.37 -14.05 -43.76
CB MSE A 163 -4.34 -14.17 -41.21
CG MSE A 163 -2.84 -13.93 -40.98
SE MSE A 163 -2.02 -15.46 -40.02
CE MSE A 163 -2.40 -14.86 -38.21
N LEU A 164 -7.39 -13.29 -41.91
CA LEU A 164 -8.71 -13.73 -42.37
C LEU A 164 -9.35 -12.84 -43.42
N THR A 165 -8.99 -11.56 -43.44
CA THR A 165 -9.46 -10.68 -44.49
C THR A 165 -8.49 -10.62 -45.69
N SER A 166 -7.21 -10.94 -45.48
CA SER A 166 -6.16 -10.78 -46.47
C SER A 166 -5.82 -9.32 -46.85
N THR A 167 -6.50 -8.33 -46.24
CA THR A 167 -6.30 -6.90 -46.56
C THR A 167 -4.97 -6.44 -45.96
N PRO A 168 -4.11 -5.77 -46.74
CA PRO A 168 -2.86 -5.26 -46.19
C PRO A 168 -3.08 -3.95 -45.45
N ILE A 169 -2.10 -3.54 -44.64
CA ILE A 169 -2.20 -2.27 -43.94
C ILE A 169 -1.10 -1.38 -44.49
N THR A 170 -1.26 -0.09 -44.35
CA THR A 170 -0.22 0.83 -44.79
C THR A 170 0.99 0.81 -43.86
N GLY A 171 2.12 1.35 -44.32
CA GLY A 171 3.25 1.60 -43.44
C GLY A 171 2.91 2.40 -42.19
N ALA A 172 2.10 3.45 -42.34
CA ALA A 172 1.66 4.27 -41.21
C ALA A 172 0.86 3.44 -40.18
N GLU A 173 -0.04 2.60 -40.68
CA GLU A 173 -0.79 1.70 -39.79
C GLU A 173 0.08 0.63 -39.16
N ALA A 174 1.03 0.10 -39.93
CA ALA A 174 1.95 -0.89 -39.37
C ALA A 174 2.77 -0.31 -38.23
N LEU A 175 3.07 0.99 -38.33
CA LEU A 175 3.74 1.66 -37.23
C LEU A 175 2.85 1.70 -35.99
N LYS A 176 1.58 2.10 -36.17
CA LYS A 176 0.60 2.15 -35.06
C LYS A 176 0.47 0.80 -34.34
N TRP A 177 0.52 -0.27 -35.12
CA TRP A 177 0.28 -1.62 -34.60
C TRP A 177 1.55 -2.35 -34.20
N GLY A 178 2.70 -1.73 -34.36
CA GLY A 178 3.98 -2.29 -33.91
C GLY A 178 4.59 -3.32 -34.85
N LEU A 179 4.20 -3.25 -36.12
CA LEU A 179 4.78 -4.16 -37.13
C LEU A 179 6.05 -3.56 -37.78
N VAL A 180 6.19 -2.24 -37.71
CA VAL A 180 7.43 -1.57 -38.10
C VAL A 180 7.91 -0.62 -37.00
N ASN A 181 9.20 -0.30 -37.06
CA ASN A 181 9.83 0.63 -36.13
C ASN A 181 9.53 2.05 -36.39
N GLY A 182 9.38 2.41 -37.66
CA GLY A 182 9.27 3.82 -38.03
C GLY A 182 8.97 3.94 -39.51
N VAL A 183 8.48 5.12 -39.91
CA VAL A 183 8.24 5.42 -41.29
C VAL A 183 9.15 6.58 -41.69
N PHE A 184 9.59 6.57 -42.94
CA PHE A 184 10.34 7.71 -43.51
C PHE A 184 9.72 8.11 -44.85
N ALA A 185 9.95 9.36 -45.29
CA ALA A 185 9.54 9.84 -46.59
C ALA A 185 10.13 8.99 -47.72
N GLU A 186 9.37 8.79 -48.81
CA GLU A 186 9.86 8.01 -49.96
C GLU A 186 11.16 8.59 -50.56
N GLU A 187 11.29 9.92 -50.55
CA GLU A 187 12.41 10.58 -51.21
C GLU A 187 13.78 10.19 -50.59
N THR A 188 13.81 9.99 -49.27
CA THR A 188 15.06 9.82 -48.53
C THR A 188 15.06 8.52 -47.73
N PHE A 189 14.10 7.68 -48.02
CA PHE A 189 13.83 6.51 -47.24
C PHE A 189 15.05 5.60 -46.99
N LEU A 190 15.72 5.17 -48.06
CA LEU A 190 16.92 4.34 -47.86
C LEU A 190 18.03 5.09 -47.10
N ASP A 191 18.22 6.38 -47.37
CA ASP A 191 19.22 7.17 -46.66
C ASP A 191 18.88 7.33 -45.18
N ASP A 192 17.60 7.53 -44.86
CA ASP A 192 17.16 7.70 -43.47
C ASP A 192 17.37 6.40 -42.70
N THR A 193 17.18 5.26 -43.36
CA THR A 193 17.42 3.94 -42.72
C THR A 193 18.93 3.74 -42.50
N LEU A 194 19.74 4.19 -43.44
CA LEU A 194 21.20 4.09 -43.32
C LEU A 194 21.76 4.94 -42.18
N LYS A 195 21.11 6.07 -41.89
CA LYS A 195 21.44 6.84 -40.72
C LYS A 195 21.28 6.02 -39.43
N VAL A 196 20.18 5.29 -39.33
CA VAL A 196 19.99 4.41 -38.17
C VAL A 196 21.12 3.35 -38.13
N ALA A 197 21.38 2.69 -39.25
CA ALA A 197 22.42 1.66 -39.33
C ALA A 197 23.77 2.20 -38.86
N LYS A 198 24.08 3.43 -39.28
CA LYS A 198 25.34 4.08 -38.92
C LYS A 198 25.44 4.28 -37.41
N GLN A 199 24.33 4.69 -36.76
CA GLN A 199 24.36 4.80 -35.27
C GLN A 199 24.68 3.43 -34.67
N ILE A 200 24.07 2.37 -35.20
CA ILE A 200 24.25 1.03 -34.63
C ILE A 200 25.67 0.54 -34.86
N ALA A 201 26.23 0.87 -36.02
CA ALA A 201 27.58 0.49 -36.39
C ALA A 201 28.65 1.05 -35.44
N GLY A 202 28.33 2.13 -34.75
CA GLY A 202 29.21 2.71 -33.73
C GLY A 202 29.36 1.93 -32.41
N LYS A 203 28.48 0.96 -32.15
CA LYS A 203 28.48 0.26 -30.85
C LYS A 203 29.40 -0.94 -30.88
N SER A 204 29.85 -1.39 -29.71
CA SER A 204 30.81 -2.52 -29.74
C SER A 204 30.10 -3.81 -30.17
N PRO A 205 30.76 -4.64 -31.00
CA PRO A 205 30.12 -5.86 -31.49
C PRO A 205 29.62 -6.78 -30.40
N ALA A 206 30.37 -6.93 -29.32
CA ALA A 206 29.95 -7.83 -28.27
C ALA A 206 28.66 -7.32 -27.62
N THR A 207 28.46 -6.00 -27.55
CA THR A 207 27.22 -5.54 -26.93
C THR A 207 26.06 -5.69 -27.90
N ALA A 208 26.33 -5.50 -29.20
CA ALA A 208 25.26 -5.67 -30.22
C ALA A 208 24.80 -7.10 -30.20
N ARG A 209 25.77 -8.01 -30.23
CA ARG A 209 25.47 -9.45 -30.13
C ARG A 209 24.65 -9.79 -28.90
N ALA A 210 25.05 -9.25 -27.76
CA ALA A 210 24.35 -9.52 -26.50
C ALA A 210 22.88 -9.08 -26.53
N VAL A 211 22.60 -7.88 -27.00
CA VAL A 211 21.28 -7.39 -27.11
C VAL A 211 20.42 -8.29 -27.98
N LEU A 212 20.93 -8.64 -29.17
CA LEU A 212 20.24 -9.55 -30.07
C LEU A 212 19.93 -10.87 -29.37
N GLU A 213 20.90 -11.46 -28.67
CA GLU A 213 20.67 -12.72 -27.99
C GLU A 213 19.55 -12.59 -26.94
N LEU A 214 19.62 -11.51 -26.17
CA LEU A 214 18.74 -11.35 -25.01
C LEU A 214 17.30 -11.07 -25.47
N LEU A 215 17.16 -10.48 -26.66
CA LEU A 215 15.85 -10.28 -27.26
C LEU A 215 15.14 -11.58 -27.70
N GLN A 216 15.87 -12.69 -27.83
CA GLN A 216 15.27 -13.93 -28.29
C GLN A 216 14.49 -14.70 -27.20
N THR A 217 14.49 -14.21 -25.96
CA THR A 217 13.80 -14.91 -24.89
C THR A 217 12.28 -14.94 -25.05
N THR A 218 11.71 -14.16 -25.96
CA THR A 218 10.29 -14.26 -26.18
C THR A 218 9.92 -15.37 -27.09
N LYS A 219 10.90 -16.07 -27.66
CA LYS A 219 10.64 -17.19 -28.57
C LYS A 219 10.57 -18.46 -27.75
N SER A 220 9.36 -18.74 -27.31
CA SER A 220 9.07 -19.82 -26.40
C SER A 220 9.02 -21.15 -27.12
N SER A 221 8.90 -22.24 -26.36
CA SER A 221 8.67 -23.53 -26.95
C SER A 221 7.27 -23.60 -27.57
N HIS A 222 6.31 -22.84 -27.03
CA HIS A 222 5.00 -22.71 -27.71
C HIS A 222 5.13 -22.08 -29.14
N TYR A 223 5.96 -21.06 -29.27
CA TYR A 223 6.28 -20.44 -30.54
C TYR A 223 6.87 -21.50 -31.52
N TYR A 224 7.92 -22.13 -31.09
CA TYR A 224 8.60 -23.13 -31.94
C TYR A 224 7.71 -24.29 -32.39
N GLU A 225 6.90 -24.80 -31.48
CA GLU A 225 5.90 -25.77 -31.82
C GLU A 225 4.79 -25.25 -32.74
N GLY A 226 4.38 -24.00 -32.59
CA GLY A 226 3.53 -23.34 -33.56
C GLY A 226 4.12 -23.32 -34.97
N VAL A 227 5.40 -23.06 -35.09
CA VAL A 227 6.06 -23.06 -36.39
C VAL A 227 6.02 -24.48 -36.97
N GLN A 228 6.26 -25.52 -36.16
CA GLN A 228 6.17 -26.90 -36.64
C GLN A 228 4.74 -27.18 -37.13
N ARG A 229 3.77 -26.81 -36.31
CA ARG A 229 2.38 -27.01 -36.68
C ARG A 229 1.99 -26.30 -37.95
N GLU A 230 2.47 -25.07 -38.14
CA GLU A 230 2.15 -24.27 -39.31
C GLU A 230 2.62 -24.97 -40.60
N ALA A 231 3.85 -25.51 -40.59
CA ALA A 231 4.37 -26.22 -41.74
C ALA A 231 3.53 -27.45 -42.07
N GLN A 232 3.07 -28.16 -41.04
CA GLN A 232 2.30 -29.39 -41.25
C GLN A 232 0.94 -29.02 -41.85
N ILE A 233 0.27 -28.06 -41.25
CA ILE A 233 -1.01 -27.57 -41.77
C ILE A 233 -0.88 -27.01 -43.17
N PHE A 234 0.19 -26.29 -43.44
CA PHE A 234 0.41 -25.71 -44.75
C PHE A 234 0.32 -26.78 -45.85
N GLY A 235 1.02 -27.90 -45.64
CA GLY A 235 1.03 -29.00 -46.60
C GLY A 235 -0.37 -29.59 -46.78
N GLU A 236 -1.10 -29.76 -45.68
CA GLU A 236 -2.45 -30.29 -45.71
C GLU A 236 -3.39 -29.40 -46.52
N VAL A 237 -3.42 -28.11 -46.24
N VAL A 237 -3.41 -28.12 -46.20
CA VAL A 237 -4.31 -27.21 -46.95
CA VAL A 237 -4.24 -27.16 -46.90
C VAL A 237 -3.84 -27.05 -48.41
C VAL A 237 -3.84 -27.05 -48.37
N PHE A 238 -2.53 -27.06 -48.63
CA PHE A 238 -2.01 -26.93 -49.98
C PHE A 238 -2.53 -27.96 -50.97
N THR A 239 -2.60 -29.23 -50.51
CA THR A 239 -3.03 -30.34 -51.35
C THR A 239 -4.51 -30.65 -51.25
N SER A 240 -5.21 -29.94 -50.40
CA SER A 240 -6.66 -30.03 -50.31
C SER A 240 -7.31 -29.49 -51.58
N GLU A 241 -8.56 -29.86 -51.79
CA GLU A 241 -9.35 -29.42 -52.92
C GLU A 241 -9.48 -27.89 -52.89
N ASP A 242 -9.77 -27.33 -51.73
CA ASP A 242 -9.86 -25.87 -51.60
C ASP A 242 -8.53 -25.15 -51.84
N GLY A 243 -7.41 -25.70 -51.36
CA GLY A 243 -6.09 -25.11 -51.63
C GLY A 243 -5.71 -25.15 -53.11
N ARG A 244 -6.00 -26.28 -53.76
CA ARG A 244 -5.76 -26.41 -55.22
C ARG A 244 -6.60 -25.39 -56.00
N GLU A 245 -7.86 -25.25 -55.62
CA GLU A 245 -8.78 -24.29 -56.24
C GLU A 245 -8.39 -22.83 -56.05
N GLY A 246 -7.99 -22.48 -54.82
CA GLY A 246 -7.53 -21.15 -54.52
C GLY A 246 -6.35 -20.76 -55.38
N VAL A 247 -5.38 -21.66 -55.55
CA VAL A 247 -4.20 -21.34 -56.35
C VAL A 247 -4.55 -21.28 -57.86
N ALA A 248 -5.34 -22.23 -58.33
CA ALA A 248 -5.84 -22.25 -59.73
C ALA A 248 -6.67 -21.00 -60.04
N ALA A 249 -7.54 -20.58 -59.12
CA ALA A 249 -8.35 -19.37 -59.30
C ALA A 249 -7.50 -18.12 -59.44
N PHE A 250 -6.45 -18.00 -58.61
CA PHE A 250 -5.58 -16.83 -58.66
C PHE A 250 -4.90 -16.72 -60.03
N LEU A 251 -4.35 -17.84 -60.49
CA LEU A 251 -3.65 -17.90 -61.77
C LEU A 251 -4.60 -17.63 -62.93
N GLU A 252 -5.87 -18.02 -62.79
CA GLU A 252 -6.89 -17.83 -63.81
C GLU A 252 -7.65 -16.51 -63.63
N LYS A 253 -7.21 -15.66 -62.72
CA LYS A 253 -7.84 -14.35 -62.54
C LYS A 253 -9.35 -14.48 -62.35
N ARG A 254 -9.75 -15.32 -61.40
CA ARG A 254 -11.17 -15.51 -61.07
C ARG A 254 -11.33 -15.70 -59.57
N LYS A 255 -12.56 -15.54 -59.06
CA LYS A 255 -12.83 -15.69 -57.62
C LYS A 255 -12.92 -17.18 -57.29
N PRO A 256 -12.14 -17.66 -56.32
CA PRO A 256 -12.23 -19.11 -56.06
C PRO A 256 -13.58 -19.51 -55.46
N SER A 257 -13.94 -20.78 -55.60
CA SER A 257 -15.13 -21.30 -54.95
C SER A 257 -14.73 -22.43 -54.02
N PHE A 258 -14.82 -22.16 -52.72
CA PHE A 258 -14.42 -23.12 -51.68
C PHE A 258 -15.60 -23.96 -51.17
N SER A 259 -15.36 -25.26 -51.00
CA SER A 259 -16.39 -26.21 -50.62
C SER A 259 -16.10 -27.00 -49.34
N GLY A 260 -14.98 -26.73 -48.68
CA GLY A 260 -14.70 -27.36 -47.37
C GLY A 260 -14.17 -28.78 -47.51
N MSE B 4 17.15 5.42 8.34
CA MSE B 4 16.79 4.10 7.74
C MSE B 4 16.94 4.10 6.22
O MSE B 4 17.54 3.19 5.67
CB MSE B 4 15.35 3.71 8.09
CG MSE B 4 15.22 2.28 8.64
SE MSE B 4 13.41 1.52 8.64
CE MSE B 4 12.36 3.19 8.95
N LEU B 5 16.39 5.13 5.58
CA LEU B 5 16.48 5.35 4.13
C LEU B 5 17.35 6.59 3.85
N LYS B 6 18.51 6.38 3.20
CA LYS B 6 19.46 7.47 2.90
C LYS B 6 19.01 8.44 1.79
N PHE B 7 18.65 7.90 0.63
CA PHE B 7 18.41 8.75 -0.54
C PHE B 7 16.96 8.74 -1.03
N LEU B 8 16.08 8.18 -0.22
CA LEU B 8 14.64 8.16 -0.44
C LEU B 8 14.03 8.70 0.81
N SER B 9 12.94 9.43 0.64
CA SER B 9 12.17 9.87 1.79
C SER B 9 10.72 9.56 1.43
N VAL B 10 9.94 9.12 2.42
CA VAL B 10 8.58 8.66 2.19
C VAL B 10 7.64 9.38 3.11
N ARG B 11 6.57 9.94 2.55
CA ARG B 11 5.58 10.62 3.33
C ARG B 11 4.23 10.01 2.96
N VAL B 12 3.47 9.63 3.98
CA VAL B 12 2.17 9.00 3.81
C VAL B 12 1.11 10.03 4.08
N GLU B 13 0.27 10.31 3.10
CA GLU B 13 -0.92 11.16 3.30
C GLU B 13 -2.09 10.56 2.56
N ASP B 14 -3.19 10.38 3.29
CA ASP B 14 -4.41 9.86 2.74
C ASP B 14 -4.19 8.48 2.05
N HIS B 15 -3.37 7.63 2.69
CA HIS B 15 -3.10 6.24 2.28
C HIS B 15 -2.21 6.15 1.05
N ILE B 16 -1.69 7.30 0.62
CA ILE B 16 -0.73 7.36 -0.49
C ILE B 16 0.66 7.65 0.09
N ALA B 17 1.58 6.72 -0.12
CA ALA B 17 2.99 6.88 0.18
C ALA B 17 3.69 7.55 -1.00
N VAL B 18 4.12 8.80 -0.82
CA VAL B 18 4.88 9.52 -1.84
C VAL B 18 6.35 9.40 -1.48
N ALA B 19 7.09 8.68 -2.30
CA ALA B 19 8.51 8.44 -2.13
C ALA B 19 9.29 9.31 -3.10
N THR B 20 10.20 10.12 -2.57
CA THR B 20 10.98 11.00 -3.39
C THR B 20 12.41 10.49 -3.37
N LEU B 21 12.92 10.16 -4.54
CA LEU B 21 14.32 9.82 -4.68
C LEU B 21 15.16 11.09 -4.80
N ASN B 22 16.21 11.17 -3.99
CA ASN B 22 17.09 12.31 -3.99
C ASN B 22 18.51 11.86 -3.77
N HIS B 23 19.18 11.53 -4.86
CA HIS B 23 20.57 11.16 -4.79
C HIS B 23 21.30 12.03 -5.81
N ALA B 24 21.71 13.19 -5.32
CA ALA B 24 22.35 14.22 -6.11
C ALA B 24 23.59 13.67 -6.80
N PRO B 25 23.89 14.16 -8.02
CA PRO B 25 23.23 15.17 -8.86
C PRO B 25 22.06 14.69 -9.78
N ALA B 26 22.01 13.39 -10.06
CA ALA B 26 21.20 12.82 -11.15
C ALA B 26 20.25 11.65 -10.75
N ASN B 27 20.12 11.41 -9.45
CA ASN B 27 19.33 10.32 -8.89
C ASN B 27 19.80 8.98 -9.41
N ALA B 28 21.12 8.84 -9.47
CA ALA B 28 21.74 7.63 -9.98
C ALA B 28 21.39 6.48 -9.06
N MSE B 29 21.14 5.31 -9.64
CA MSE B 29 20.72 4.12 -8.90
C MSE B 29 21.93 3.38 -8.33
O MSE B 29 22.29 2.32 -8.84
CB MSE B 29 19.88 3.16 -9.78
CG MSE B 29 18.55 3.71 -10.46
SE MSE B 29 17.37 4.56 -9.18
CE MSE B 29 17.02 2.91 -8.17
N SER B 30 22.50 3.87 -7.23
CA SER B 30 23.68 3.25 -6.57
C SER B 30 23.25 2.10 -5.66
N SER B 31 24.22 1.31 -5.16
CA SER B 31 23.96 0.19 -4.21
C SER B 31 23.15 0.67 -3.04
N GLN B 32 23.47 1.85 -2.52
CA GLN B 32 22.73 2.39 -1.33
C GLN B 32 21.28 2.68 -1.68
N VAL B 33 21.07 3.31 -2.83
CA VAL B 33 19.73 3.47 -3.36
C VAL B 33 18.96 2.14 -3.47
N MSE B 34 19.60 1.07 -4.01
CA MSE B 34 18.98 -0.22 -4.10
C MSE B 34 18.50 -0.69 -2.72
O MSE B 34 17.36 -1.10 -2.55
CB MSE B 34 19.93 -1.26 -4.70
CG MSE B 34 20.40 -0.96 -6.13
SE MSE B 34 18.88 -0.71 -7.35
CE MSE B 34 19.98 -0.84 -8.99
N HIS B 35 19.38 -0.60 -1.74
N HIS B 35 19.34 -0.58 -1.74
CA HIS B 35 19.05 -0.92 -0.33
CA HIS B 35 18.96 -1.02 -0.41
C HIS B 35 17.83 -0.14 0.15
C HIS B 35 17.86 -0.13 0.24
N ASP B 36 17.82 1.16 -0.12
CA ASP B 36 16.72 2.04 0.29
C ASP B 36 15.39 1.58 -0.36
N VAL B 37 15.46 1.16 -1.62
CA VAL B 37 14.26 0.75 -2.37
C VAL B 37 13.67 -0.53 -1.75
N THR B 38 14.54 -1.46 -1.39
CA THR B 38 14.15 -2.70 -0.73
C THR B 38 13.44 -2.36 0.58
N GLU B 39 14.06 -1.49 1.37
CA GLU B 39 13.41 -1.06 2.63
C GLU B 39 12.08 -0.39 2.40
N LEU B 40 12.01 0.48 1.39
CA LEU B 40 10.73 1.16 1.07
C LEU B 40 9.65 0.13 0.75
N ILE B 41 9.99 -0.91 -0.04
CA ILE B 41 8.99 -1.90 -0.37
C ILE B 41 8.53 -2.68 0.89
N ASP B 42 9.43 -3.06 1.79
CA ASP B 42 9.01 -3.77 3.01
C ASP B 42 8.10 -2.90 3.89
N GLN B 43 8.45 -1.63 3.98
CA GLN B 43 7.68 -0.63 4.72
C GLN B 43 6.28 -0.50 4.15
N VAL B 44 6.21 -0.35 2.85
CA VAL B 44 4.93 -0.22 2.13
C VAL B 44 4.04 -1.43 2.38
N GLU B 45 4.62 -2.64 2.28
CA GLU B 45 3.83 -3.82 2.41
C GLU B 45 3.30 -4.02 3.82
N LYS B 46 4.11 -3.63 4.80
CA LYS B 46 3.72 -3.84 6.18
C LYS B 46 2.90 -2.76 6.84
N ASP B 47 2.89 -1.54 6.29
CA ASP B 47 2.13 -0.43 6.88
C ASP B 47 0.69 -0.56 6.35
N ASP B 48 -0.24 -0.98 7.21
CA ASP B 48 -1.65 -1.10 6.82
C ASP B 48 -2.27 0.23 6.37
N ASN B 49 -1.66 1.34 6.73
CA ASN B 49 -2.18 2.65 6.30
C ASN B 49 -1.86 2.98 4.86
N ILE B 50 -0.83 2.35 4.32
CA ILE B 50 -0.46 2.57 2.93
C ILE B 50 -1.25 1.69 2.01
N ARG B 51 -1.83 2.30 0.96
CA ARG B 51 -2.55 1.54 -0.10
C ARG B 51 -1.95 1.62 -1.49
N VAL B 52 -1.19 2.67 -1.75
CA VAL B 52 -0.54 2.90 -3.05
C VAL B 52 0.75 3.70 -2.81
N VAL B 53 1.76 3.52 -3.64
CA VAL B 53 3.00 4.26 -3.58
C VAL B 53 3.20 5.02 -4.88
N VAL B 54 3.60 6.29 -4.78
CA VAL B 54 3.97 7.08 -5.95
C VAL B 54 5.46 7.42 -5.79
N ILE B 55 6.28 7.08 -6.78
CA ILE B 55 7.73 7.31 -6.70
C ILE B 55 8.07 8.39 -7.73
N HIS B 56 8.75 9.44 -7.26
CA HIS B 56 9.28 10.43 -8.20
C HIS B 56 10.69 10.91 -7.83
N GLY B 57 11.33 11.63 -8.76
CA GLY B 57 12.71 12.10 -8.59
C GLY B 57 12.72 13.53 -8.05
N GLU B 58 13.74 13.87 -7.27
CA GLU B 58 13.96 15.23 -6.83
C GLU B 58 14.74 15.86 -7.95
N GLY B 59 14.35 17.07 -8.34
CA GLY B 59 15.18 17.86 -9.24
C GLY B 59 14.79 17.70 -10.69
N ARG B 60 15.79 17.70 -11.56
CA ARG B 60 15.60 17.67 -13.00
C ARG B 60 14.99 16.38 -13.53
N PHE B 61 15.40 15.26 -12.91
CA PHE B 61 15.22 13.89 -13.40
C PHE B 61 14.55 12.95 -12.43
N PHE B 62 13.82 12.00 -12.99
CA PHE B 62 13.46 10.77 -12.27
C PHE B 62 14.75 10.04 -11.81
N SER B 63 15.55 9.59 -12.77
CA SER B 63 16.88 9.06 -12.53
C SER B 63 17.62 8.96 -13.86
N ALA B 64 18.87 9.43 -13.90
CA ALA B 64 19.66 9.45 -15.11
C ALA B 64 20.44 8.17 -15.39
N GLY B 65 20.44 7.22 -14.46
CA GLY B 65 21.05 5.92 -14.73
C GLY B 65 21.52 5.22 -13.48
N ALA B 66 22.25 4.13 -13.67
CA ALA B 66 23.08 3.54 -12.63
C ALA B 66 24.14 4.54 -12.15
N ASP B 67 24.79 4.21 -11.05
CA ASP B 67 25.89 5.03 -10.57
C ASP B 67 27.19 4.59 -11.23
N ILE B 68 27.58 5.29 -12.30
CA ILE B 68 28.71 4.80 -13.09
C ILE B 68 30.02 4.96 -12.29
N LYS B 69 30.11 6.01 -11.48
CA LYS B 69 31.23 6.16 -10.53
C LYS B 69 31.42 4.92 -9.66
N GLU B 70 30.33 4.43 -9.06
CA GLU B 70 30.40 3.21 -8.27
C GLU B 70 30.82 2.03 -9.12
N PHE B 71 30.39 1.99 -10.39
CA PHE B 71 30.84 0.93 -11.30
C PHE B 71 32.36 0.89 -11.38
N THR B 72 33.01 2.03 -11.40
CA THR B 72 34.49 2.03 -11.51
C THR B 72 35.22 1.49 -10.27
N SER B 73 34.50 1.07 -9.23
CA SER B 73 35.12 0.36 -8.13
C SER B 73 35.32 -1.14 -8.39
N VAL B 74 34.86 -1.58 -9.56
CA VAL B 74 34.90 -2.97 -9.96
C VAL B 74 36.19 -3.35 -10.58
N THR B 75 36.77 -4.46 -10.11
CA THR B 75 38.04 -4.98 -10.65
C THR B 75 37.93 -6.37 -11.30
N GLU B 76 36.73 -6.96 -11.30
CA GLU B 76 36.57 -8.36 -11.76
C GLU B 76 35.15 -8.55 -12.26
N ALA B 77 34.99 -9.40 -13.28
CA ALA B 77 33.66 -9.68 -13.88
C ALA B 77 32.61 -10.05 -12.84
N LYS B 78 33.03 -10.88 -11.88
CA LYS B 78 32.09 -11.38 -10.89
C LYS B 78 31.43 -10.26 -10.08
N GLN B 79 32.22 -9.25 -9.71
CA GLN B 79 31.70 -8.10 -8.98
C GLN B 79 30.72 -7.29 -9.79
N ALA B 80 30.98 -7.12 -11.09
CA ALA B 80 30.09 -6.40 -11.96
C ALA B 80 28.77 -7.19 -12.10
N THR B 81 28.89 -8.51 -12.20
CA THR B 81 27.69 -9.38 -12.29
C THR B 81 26.86 -9.27 -10.99
N GLU B 82 27.56 -9.23 -9.86
CA GLU B 82 26.90 -9.07 -8.57
C GLU B 82 26.18 -7.74 -8.43
N LEU B 83 26.75 -6.69 -9.00
CA LEU B 83 26.10 -5.37 -8.93
C LEU B 83 24.85 -5.36 -9.79
N ALA B 84 24.96 -5.95 -10.97
CA ALA B 84 23.81 -6.14 -11.80
C ALA B 84 22.71 -6.92 -11.08
N GLN B 85 23.07 -8.02 -10.41
CA GLN B 85 22.10 -8.86 -9.75
C GLN B 85 21.42 -8.13 -8.61
N LEU B 86 22.17 -7.28 -7.94
CA LEU B 86 21.58 -6.45 -6.87
C LEU B 86 20.44 -5.57 -7.39
N GLY B 87 20.67 -4.87 -8.50
CA GLY B 87 19.61 -4.12 -9.14
C GLY B 87 18.44 -4.96 -9.58
N GLN B 88 18.73 -6.10 -10.21
CA GLN B 88 17.71 -7.02 -10.67
C GLN B 88 16.84 -7.49 -9.50
N VAL B 89 17.49 -7.88 -8.40
CA VAL B 89 16.78 -8.38 -7.23
C VAL B 89 15.92 -7.30 -6.62
N THR B 90 16.49 -6.09 -6.56
CA THR B 90 15.78 -4.93 -5.98
C THR B 90 14.51 -4.62 -6.80
N PHE B 91 14.66 -4.58 -8.12
CA PHE B 91 13.52 -4.23 -8.95
C PHE B 91 12.49 -5.35 -9.00
N GLU B 92 12.90 -6.62 -8.84
CA GLU B 92 11.95 -7.69 -8.78
C GLU B 92 11.06 -7.56 -7.49
N ARG B 93 11.67 -7.07 -6.42
CA ARG B 93 10.95 -6.87 -5.16
C ARG B 93 9.93 -5.75 -5.35
N VAL B 94 10.29 -4.75 -6.13
CA VAL B 94 9.35 -3.69 -6.50
C VAL B 94 8.18 -4.29 -7.29
N GLU B 95 8.50 -5.03 -8.36
CA GLU B 95 7.45 -5.52 -9.21
C GLU B 95 6.54 -6.51 -8.49
N LYS B 96 7.11 -7.25 -7.54
CA LYS B 96 6.34 -8.16 -6.73
C LYS B 96 5.61 -7.54 -5.56
N CYS B 97 5.71 -6.25 -5.40
CA CYS B 97 5.07 -5.58 -4.31
C CYS B 97 3.56 -5.83 -4.33
N SER B 98 2.97 -6.12 -3.15
CA SER B 98 1.56 -6.46 -3.02
C SER B 98 0.69 -5.23 -2.93
N LYS B 99 1.30 -4.05 -3.00
CA LYS B 99 0.56 -2.80 -3.11
C LYS B 99 1.00 -2.08 -4.35
N PRO B 100 0.08 -1.39 -4.99
CA PRO B 100 0.39 -0.76 -6.29
C PRO B 100 1.43 0.34 -6.20
N VAL B 101 2.38 0.32 -7.12
CA VAL B 101 3.52 1.22 -7.17
C VAL B 101 3.51 1.93 -8.54
N ILE B 102 3.33 3.26 -8.49
CA ILE B 102 3.33 4.14 -9.65
C ILE B 102 4.67 4.93 -9.70
N ALA B 103 5.35 4.93 -10.86
CA ALA B 103 6.47 5.81 -11.17
C ALA B 103 5.93 7.05 -11.90
N ALA B 104 6.26 8.22 -11.36
CA ALA B 104 5.89 9.50 -11.94
C ALA B 104 7.17 10.10 -12.51
N ILE B 105 7.34 10.00 -13.83
CA ILE B 105 8.55 10.41 -14.51
C ILE B 105 8.42 11.82 -15.11
N HIS B 106 9.23 12.73 -14.58
CA HIS B 106 9.52 14.00 -15.30
C HIS B 106 11.02 14.11 -15.68
N GLY B 107 11.31 14.87 -16.73
CA GLY B 107 12.69 15.19 -17.12
C GLY B 107 13.38 14.11 -17.90
N ALA B 108 13.83 13.07 -17.18
CA ALA B 108 14.38 11.85 -17.78
C ALA B 108 14.39 10.60 -16.88
N ALA B 109 14.25 9.44 -17.52
CA ALA B 109 14.45 8.13 -16.88
C ALA B 109 15.28 7.35 -17.89
N LEU B 110 16.58 7.24 -17.60
CA LEU B 110 17.55 6.66 -18.52
C LEU B 110 18.34 5.59 -17.85
N GLY B 111 18.64 4.55 -18.62
CA GLY B 111 19.42 3.45 -18.16
C GLY B 111 18.83 2.82 -16.94
N GLY B 112 19.65 2.65 -15.90
CA GLY B 112 19.20 2.11 -14.61
C GLY B 112 17.94 2.81 -14.06
N GLY B 113 17.82 4.09 -14.35
CA GLY B 113 16.64 4.83 -13.94
C GLY B 113 15.40 4.37 -14.68
N LEU B 114 15.52 4.11 -15.98
CA LEU B 114 14.36 3.55 -16.72
C LEU B 114 14.08 2.14 -16.22
N GLU B 115 15.11 1.38 -15.94
CA GLU B 115 14.93 0.00 -15.46
C GLU B 115 14.19 -0.01 -14.13
N PHE B 116 14.49 0.98 -13.28
CA PHE B 116 13.75 1.18 -12.02
C PHE B 116 12.26 1.48 -12.31
N ALA B 117 12.00 2.51 -13.12
CA ALA B 117 10.61 2.84 -13.50
C ALA B 117 9.86 1.66 -14.12
N MSE B 118 10.52 0.87 -14.98
CA MSE B 118 9.93 -0.29 -15.61
C MSE B 118 9.50 -1.43 -14.66
O MSE B 118 8.67 -2.24 -15.02
CB MSE B 118 10.85 -0.86 -16.71
CG MSE B 118 10.86 0.02 -17.95
SE MSE B 118 11.78 -0.76 -19.45
CE MSE B 118 13.54 -1.03 -18.62
N SER B 119 10.10 -1.45 -13.46
CA SER B 119 9.79 -2.43 -12.44
C SER B 119 8.56 -1.99 -11.64
N CYS B 120 8.20 -0.72 -11.76
CA CYS B 120 6.98 -0.25 -11.09
C CYS B 120 5.74 -0.77 -11.87
N HIS B 121 4.58 -0.82 -11.24
CA HIS B 121 3.41 -1.37 -11.86
C HIS B 121 2.83 -0.52 -12.97
N MSE B 122 2.93 0.80 -12.79
CA MSE B 122 2.42 1.78 -13.69
C MSE B 122 3.41 2.94 -13.77
O MSE B 122 4.24 3.17 -12.84
CB MSE B 122 1.03 2.26 -13.20
CG MSE B 122 -0.07 1.25 -13.24
SE MSE B 122 -1.50 1.84 -12.02
CE MSE B 122 -0.75 1.08 -10.36
N ARG B 123 3.37 3.65 -14.90
CA ARG B 123 4.23 4.79 -15.15
C ARG B 123 3.44 5.88 -15.77
N PHE B 124 3.59 7.09 -15.24
CA PHE B 124 3.09 8.32 -15.89
C PHE B 124 4.24 9.27 -16.18
N ALA B 125 4.16 10.02 -17.27
CA ALA B 125 5.29 10.85 -17.73
C ALA B 125 4.82 12.18 -18.28
N THR B 126 5.72 13.14 -18.36
CA THR B 126 5.46 14.38 -19.06
C THR B 126 5.73 14.13 -20.56
N GLU B 127 5.11 14.95 -21.43
CA GLU B 127 5.30 14.81 -22.87
C GLU B 127 6.73 14.87 -23.31
N SER B 128 7.51 15.70 -22.65
CA SER B 128 8.90 15.97 -23.05
C SER B 128 9.95 15.15 -22.31
N ALA B 129 9.55 14.34 -21.33
CA ALA B 129 10.52 13.50 -20.59
C ALA B 129 11.25 12.61 -21.57
N LYS B 130 12.49 12.28 -21.25
CA LYS B 130 13.30 11.41 -22.09
C LYS B 130 13.44 10.05 -21.37
N LEU B 131 13.15 8.99 -22.11
CA LEU B 131 13.13 7.61 -21.62
C LEU B 131 13.96 6.80 -22.58
N GLY B 132 14.99 6.14 -22.06
CA GLY B 132 15.84 5.34 -22.92
C GLY B 132 16.78 4.43 -22.15
N LEU B 133 17.47 3.57 -22.89
CA LEU B 133 18.53 2.71 -22.37
C LEU B 133 19.85 2.95 -23.15
N PRO B 134 20.69 3.88 -22.67
CA PRO B 134 21.90 4.27 -23.43
C PRO B 134 23.16 3.52 -23.05
N GLU B 135 23.01 2.37 -22.37
CA GLU B 135 24.15 1.65 -21.83
C GLU B 135 25.17 1.29 -22.89
N LEU B 136 24.74 1.08 -24.12
CA LEU B 136 25.73 0.68 -25.16
C LEU B 136 26.69 1.80 -25.54
N THR B 137 26.32 3.05 -25.28
CA THR B 137 27.26 4.14 -25.42
C THR B 137 28.47 3.97 -24.50
N LEU B 138 28.26 3.28 -23.37
CA LEU B 138 29.31 2.93 -22.43
C LEU B 138 30.08 1.62 -22.77
N GLY B 139 29.76 0.97 -23.89
CA GLY B 139 30.32 -0.38 -24.17
C GLY B 139 29.76 -1.44 -23.24
N LEU B 140 28.60 -1.14 -22.63
CA LEU B 140 27.95 -2.02 -21.70
C LEU B 140 26.58 -2.44 -22.24
N ILE B 141 25.89 -3.31 -21.52
CA ILE B 141 24.45 -3.55 -21.81
C ILE B 141 23.65 -3.14 -20.58
N PRO B 142 22.32 -3.01 -20.71
CA PRO B 142 21.54 -2.86 -19.47
C PRO B 142 21.72 -4.13 -18.61
N GLY B 143 21.87 -3.96 -17.30
CA GLY B 143 22.07 -5.04 -16.37
C GLY B 143 21.10 -5.10 -15.22
N PHE B 144 20.08 -4.25 -15.21
CA PHE B 144 19.03 -4.33 -14.21
C PHE B 144 17.69 -4.76 -14.86
N ALA B 145 17.77 -5.79 -15.70
CA ALA B 145 16.59 -6.47 -16.32
C ALA B 145 15.93 -5.69 -17.48
N GLY B 146 16.55 -4.61 -17.89
CA GLY B 146 16.09 -3.75 -19.00
C GLY B 146 16.02 -4.51 -20.31
N THR B 147 16.97 -5.44 -20.58
CA THR B 147 16.92 -6.28 -21.80
C THR B 147 15.69 -7.19 -21.88
N GLN B 148 15.09 -7.54 -20.73
CA GLN B 148 13.92 -8.36 -20.66
C GLN B 148 12.66 -7.52 -20.53
N ARG B 149 12.67 -6.52 -19.68
CA ARG B 149 11.47 -5.72 -19.48
C ARG B 149 11.11 -4.83 -20.70
N LEU B 150 12.11 -4.16 -21.29
CA LEU B 150 11.81 -3.19 -22.35
C LEU B 150 11.07 -3.79 -23.56
N PRO B 151 11.56 -4.91 -24.12
CA PRO B 151 10.84 -5.51 -25.27
C PRO B 151 9.45 -6.01 -24.93
N ARG B 152 9.21 -6.35 -23.67
CA ARG B 152 7.87 -6.80 -23.21
C ARG B 152 6.91 -5.65 -23.04
N TYR B 153 7.43 -4.43 -23.02
CA TYR B 153 6.60 -3.22 -23.13
C TYR B 153 6.42 -2.72 -24.56
N VAL B 154 7.51 -2.49 -25.28
CA VAL B 154 7.44 -1.74 -26.56
C VAL B 154 7.56 -2.67 -27.77
N GLY B 155 7.78 -3.95 -27.53
CA GLY B 155 8.04 -4.89 -28.62
C GLY B 155 9.53 -5.05 -28.82
N LYS B 156 9.97 -6.22 -29.28
CA LYS B 156 11.38 -6.42 -29.44
C LYS B 156 12.01 -5.53 -30.53
N ALA B 157 11.26 -5.15 -31.56
CA ALA B 157 11.83 -4.33 -32.64
C ALA B 157 12.22 -2.95 -32.12
N LYS B 158 11.27 -2.31 -31.44
CA LYS B 158 11.51 -0.97 -30.88
C LYS B 158 12.56 -1.01 -29.76
N ALA B 159 12.54 -2.06 -28.94
CA ALA B 159 13.54 -2.26 -27.91
C ALA B 159 14.94 -2.37 -28.47
N CYS B 160 15.07 -3.14 -29.55
CA CYS B 160 16.33 -3.32 -30.28
C CYS B 160 16.84 -1.99 -30.76
N GLU B 161 15.99 -1.24 -31.46
CA GLU B 161 16.36 0.07 -31.95
C GLU B 161 16.85 0.98 -30.80
N MSE B 162 16.08 1.02 -29.72
CA MSE B 162 16.43 1.82 -28.52
C MSE B 162 17.78 1.46 -27.92
O MSE B 162 18.58 2.35 -27.68
CB MSE B 162 15.34 1.70 -27.43
CG MSE B 162 14.11 2.47 -27.87
SE MSE B 162 12.58 2.31 -26.69
CE MSE B 162 13.29 3.12 -25.05
N MSE B 163 18.02 0.18 -27.73
CA MSE B 163 19.30 -0.27 -27.14
C MSE B 163 20.50 -0.11 -28.11
O MSE B 163 21.60 0.26 -27.69
CB MSE B 163 19.17 -1.71 -26.63
CG MSE B 163 18.26 -1.78 -25.40
SE MSE B 163 18.20 -3.55 -24.59
CE MSE B 163 16.90 -4.39 -25.75
N LEU B 164 20.29 -0.35 -29.38
CA LEU B 164 21.39 -0.39 -30.33
C LEU B 164 21.75 1.02 -30.77
N THR B 165 20.79 1.93 -30.73
CA THR B 165 21.07 3.32 -31.06
C THR B 165 21.39 4.16 -29.82
N SER B 166 20.88 3.73 -28.66
CA SER B 166 21.01 4.49 -27.41
C SER B 166 20.18 5.78 -27.36
N THR B 167 19.39 6.07 -28.37
CA THR B 167 18.66 7.32 -28.48
C THR B 167 17.39 7.18 -27.63
N PRO B 168 17.11 8.15 -26.75
CA PRO B 168 15.92 8.04 -25.91
C PRO B 168 14.68 8.41 -26.70
N ILE B 169 13.50 8.09 -26.17
CA ILE B 169 12.27 8.54 -26.80
C ILE B 169 11.57 9.51 -25.86
N THR B 170 10.72 10.36 -26.40
CA THR B 170 9.97 11.26 -25.55
C THR B 170 8.84 10.56 -24.79
N GLY B 171 8.36 11.20 -23.73
CA GLY B 171 7.19 10.74 -23.02
C GLY B 171 6.00 10.45 -23.93
N ALA B 172 5.76 11.33 -24.91
CA ALA B 172 4.63 11.14 -25.83
C ALA B 172 4.84 9.87 -26.65
N GLU B 173 6.07 9.66 -27.10
CA GLU B 173 6.41 8.48 -27.86
C GLU B 173 6.33 7.23 -26.99
N ALA B 174 6.75 7.32 -25.73
CA ALA B 174 6.71 6.17 -24.82
C ALA B 174 5.26 5.70 -24.64
N LEU B 175 4.33 6.66 -24.58
CA LEU B 175 2.93 6.35 -24.51
C LEU B 175 2.45 5.59 -25.76
N LYS B 176 2.83 6.07 -26.94
CA LYS B 176 2.47 5.41 -28.17
C LYS B 176 2.96 3.98 -28.18
N TRP B 177 4.18 3.78 -27.69
CA TRP B 177 4.84 2.47 -27.63
C TRP B 177 4.48 1.60 -26.43
N GLY B 178 3.67 2.10 -25.51
CA GLY B 178 3.26 1.31 -24.34
C GLY B 178 4.27 1.20 -23.20
N LEU B 179 5.22 2.12 -23.17
CA LEU B 179 6.21 2.15 -22.11
C LEU B 179 5.74 2.97 -20.88
N VAL B 180 4.75 3.85 -21.06
CA VAL B 180 4.05 4.51 -19.98
C VAL B 180 2.52 4.30 -20.18
N ASN B 181 1.79 4.50 -19.11
CA ASN B 181 0.32 4.49 -19.05
C ASN B 181 -0.31 5.76 -19.60
N GLY B 182 0.36 6.87 -19.36
CA GLY B 182 -0.25 8.16 -19.64
C GLY B 182 0.72 9.28 -19.59
N VAL B 183 0.37 10.40 -20.22
CA VAL B 183 1.18 11.61 -20.18
C VAL B 183 0.34 12.74 -19.63
N PHE B 184 0.96 13.57 -18.81
CA PHE B 184 0.27 14.76 -18.26
C PHE B 184 1.07 16.02 -18.58
N ALA B 185 0.40 17.18 -18.50
CA ALA B 185 1.03 18.47 -18.70
C ALA B 185 2.04 18.67 -17.59
N GLU B 186 3.15 19.30 -17.94
CA GLU B 186 4.28 19.38 -17.03
C GLU B 186 4.02 20.20 -15.75
N GLU B 187 2.98 21.02 -15.78
CA GLU B 187 2.67 21.97 -14.68
C GLU B 187 1.89 21.30 -13.55
N THR B 188 1.05 20.33 -13.93
CA THR B 188 0.16 19.63 -13.02
C THR B 188 0.42 18.13 -13.03
N PHE B 189 1.62 17.77 -13.42
CA PHE B 189 1.98 16.39 -13.64
C PHE B 189 1.86 15.56 -12.37
N LEU B 190 2.45 16.02 -11.29
CA LEU B 190 2.47 15.22 -10.07
C LEU B 190 1.07 15.17 -9.45
N ASP B 191 0.30 16.25 -9.54
CA ASP B 191 -1.11 16.29 -9.11
C ASP B 191 -2.01 15.31 -9.88
N ASP B 192 -1.82 15.23 -11.19
CA ASP B 192 -2.62 14.34 -12.00
C ASP B 192 -2.26 12.90 -11.68
N THR B 193 -1.00 12.63 -11.42
CA THR B 193 -0.59 11.27 -11.03
C THR B 193 -1.19 10.92 -9.68
N LEU B 194 -1.19 11.88 -8.77
CA LEU B 194 -1.78 11.65 -7.43
C LEU B 194 -3.30 11.40 -7.45
N LYS B 195 -3.99 12.02 -8.40
CA LYS B 195 -5.42 11.76 -8.64
C LYS B 195 -5.66 10.27 -9.02
N VAL B 196 -4.78 9.71 -9.86
CA VAL B 196 -4.82 8.28 -10.12
C VAL B 196 -4.62 7.49 -8.83
N ALA B 197 -3.58 7.83 -8.06
CA ALA B 197 -3.28 7.09 -6.87
C ALA B 197 -4.47 7.16 -5.90
N LYS B 198 -5.12 8.30 -5.81
CA LYS B 198 -6.28 8.43 -4.91
C LYS B 198 -7.42 7.49 -5.35
N GLN B 199 -7.62 7.34 -6.65
CA GLN B 199 -8.67 6.45 -7.15
C GLN B 199 -8.32 5.02 -6.75
N ILE B 200 -7.07 4.68 -6.87
CA ILE B 200 -6.61 3.34 -6.50
C ILE B 200 -6.70 3.07 -4.99
N ALA B 201 -6.49 4.10 -4.18
CA ALA B 201 -6.51 3.96 -2.71
C ALA B 201 -7.91 3.63 -2.22
N GLY B 202 -8.91 3.83 -3.06
CA GLY B 202 -10.30 3.56 -2.70
C GLY B 202 -10.67 2.10 -2.76
N LYS B 203 -9.84 1.28 -3.38
CA LYS B 203 -10.11 -0.12 -3.50
C LYS B 203 -9.64 -0.92 -2.27
N SER B 204 -10.25 -2.09 -2.09
CA SER B 204 -9.92 -2.96 -0.97
C SER B 204 -8.51 -3.50 -1.14
N PRO B 205 -7.75 -3.51 -0.07
CA PRO B 205 -6.39 -4.07 -0.14
C PRO B 205 -6.28 -5.48 -0.68
N ALA B 206 -7.21 -6.39 -0.32
CA ALA B 206 -7.17 -7.78 -0.84
C ALA B 206 -7.38 -7.82 -2.38
N THR B 207 -8.27 -6.97 -2.91
CA THR B 207 -8.42 -6.90 -4.35
C THR B 207 -7.23 -6.30 -5.08
N ALA B 208 -6.59 -5.27 -4.53
CA ALA B 208 -5.37 -4.72 -5.15
C ALA B 208 -4.30 -5.81 -5.14
N ARG B 209 -4.18 -6.52 -4.02
CA ARG B 209 -3.16 -7.58 -3.93
C ARG B 209 -3.40 -8.70 -4.95
N ALA B 210 -4.66 -9.08 -5.09
CA ALA B 210 -5.07 -10.10 -6.03
C ALA B 210 -4.74 -9.67 -7.46
N VAL B 211 -5.10 -8.46 -7.82
CA VAL B 211 -4.84 -7.98 -9.20
C VAL B 211 -3.36 -8.04 -9.51
N LEU B 212 -2.57 -7.54 -8.57
CA LEU B 212 -1.12 -7.49 -8.74
C LEU B 212 -0.53 -8.87 -8.84
N GLU B 213 -1.02 -9.80 -8.03
CA GLU B 213 -0.55 -11.19 -8.15
C GLU B 213 -0.87 -11.75 -9.55
N LEU B 214 -2.10 -11.56 -9.99
CA LEU B 214 -2.63 -12.15 -11.22
C LEU B 214 -1.93 -11.58 -12.46
N LEU B 215 -1.46 -10.33 -12.36
CA LEU B 215 -0.65 -9.71 -13.43
C LEU B 215 0.74 -10.35 -13.64
N GLN B 216 1.26 -11.04 -12.62
CA GLN B 216 2.62 -11.64 -12.71
C GLN B 216 2.73 -12.87 -13.60
N THR B 217 1.60 -13.42 -14.03
CA THR B 217 1.58 -14.58 -14.90
C THR B 217 2.12 -14.22 -16.29
N THR B 218 2.32 -12.95 -16.59
CA THR B 218 2.95 -12.50 -17.82
C THR B 218 4.48 -12.75 -17.84
N LYS B 219 5.06 -13.18 -16.71
CA LYS B 219 6.51 -13.38 -16.63
C LYS B 219 6.81 -14.89 -16.66
N SER B 220 7.50 -15.34 -17.67
CA SER B 220 7.78 -16.76 -17.89
C SER B 220 9.12 -17.17 -17.35
N SER B 221 9.42 -18.48 -17.44
CA SER B 221 10.75 -18.91 -17.12
C SER B 221 11.78 -18.28 -18.05
N HIS B 222 11.40 -17.94 -19.29
CA HIS B 222 12.37 -17.40 -20.22
C HIS B 222 12.77 -16.01 -19.84
N TYR B 223 11.80 -15.27 -19.31
CA TYR B 223 12.08 -13.96 -18.74
C TYR B 223 13.13 -14.11 -17.60
N TYR B 224 12.87 -15.01 -16.67
CA TYR B 224 13.73 -15.14 -15.50
C TYR B 224 15.12 -15.62 -15.89
N GLU B 225 15.18 -16.57 -16.80
CA GLU B 225 16.48 -17.03 -17.30
C GLU B 225 17.23 -15.94 -18.06
N GLY B 226 16.46 -15.12 -18.77
CA GLY B 226 16.98 -13.96 -19.48
C GLY B 226 17.61 -12.93 -18.58
N VAL B 227 16.98 -12.66 -17.45
CA VAL B 227 17.53 -11.78 -16.45
C VAL B 227 18.86 -12.34 -15.93
N GLN B 228 18.90 -13.62 -15.56
CA GLN B 228 20.19 -14.20 -15.15
C GLN B 228 21.29 -14.09 -16.19
N ARG B 229 20.95 -14.40 -17.45
CA ARG B 229 21.90 -14.34 -18.52
C ARG B 229 22.38 -12.91 -18.73
N GLU B 230 21.45 -11.94 -18.61
CA GLU B 230 21.80 -10.54 -18.73
C GLU B 230 22.89 -10.18 -17.70
N ALA B 231 22.73 -10.64 -16.46
CA ALA B 231 23.72 -10.35 -15.40
C ALA B 231 25.08 -10.93 -15.70
N GLN B 232 25.10 -12.14 -16.24
CA GLN B 232 26.33 -12.80 -16.62
C GLN B 232 27.06 -12.06 -17.74
N ILE B 233 26.34 -11.77 -18.80
CA ILE B 233 26.88 -10.98 -19.91
C ILE B 233 27.35 -9.61 -19.48
N PHE B 234 26.56 -8.94 -18.62
CA PHE B 234 26.95 -7.64 -18.15
C PHE B 234 28.38 -7.61 -17.56
N GLY B 235 28.71 -8.58 -16.70
CA GLY B 235 29.98 -8.64 -16.06
C GLY B 235 31.11 -8.91 -17.03
N GLU B 236 30.86 -9.76 -18.01
CA GLU B 236 31.85 -10.04 -19.07
C GLU B 236 32.16 -8.78 -19.88
N VAL B 237 31.12 -8.07 -20.34
CA VAL B 237 31.35 -6.84 -21.18
C VAL B 237 31.95 -5.72 -20.34
N PHE B 238 31.55 -5.64 -19.07
CA PHE B 238 32.10 -4.64 -18.17
C PHE B 238 33.63 -4.62 -18.06
N THR B 239 34.27 -5.78 -17.97
CA THR B 239 35.70 -5.82 -17.76
C THR B 239 36.46 -6.07 -19.06
N SER B 240 35.73 -6.16 -20.16
CA SER B 240 36.34 -6.20 -21.49
C SER B 240 37.00 -4.84 -21.81
N GLU B 241 37.95 -4.88 -22.75
CA GLU B 241 38.62 -3.68 -23.19
C GLU B 241 37.64 -2.58 -23.63
N ASP B 242 36.64 -2.99 -24.40
CA ASP B 242 35.63 -2.04 -24.93
C ASP B 242 34.76 -1.51 -23.83
N GLY B 243 34.38 -2.36 -22.90
CA GLY B 243 33.66 -1.92 -21.69
C GLY B 243 34.41 -0.88 -20.87
N ARG B 244 35.67 -1.15 -20.62
CA ARG B 244 36.56 -0.22 -19.90
C ARG B 244 36.66 1.12 -20.65
N GLU B 245 36.93 1.03 -21.93
CA GLU B 245 37.05 2.22 -22.77
C GLU B 245 35.77 3.03 -22.75
N GLY B 246 34.62 2.37 -22.93
CA GLY B 246 33.34 3.10 -22.97
C GLY B 246 33.02 3.82 -21.67
N VAL B 247 33.26 3.16 -20.57
CA VAL B 247 33.04 3.76 -19.26
C VAL B 247 34.05 4.93 -19.07
N ALA B 248 35.32 4.68 -19.36
CA ALA B 248 36.37 5.70 -19.18
C ALA B 248 36.05 6.91 -20.05
N ALA B 249 35.60 6.66 -21.28
CA ALA B 249 35.24 7.72 -22.22
C ALA B 249 34.05 8.54 -21.75
N PHE B 250 33.02 7.88 -21.22
CA PHE B 250 31.88 8.58 -20.66
C PHE B 250 32.31 9.49 -19.50
N LEU B 251 33.13 8.95 -18.60
CA LEU B 251 33.55 9.66 -17.39
C LEU B 251 34.39 10.88 -17.74
N GLU B 252 35.20 10.74 -18.79
CA GLU B 252 36.03 11.81 -19.33
C GLU B 252 35.32 12.65 -20.41
N LYS B 253 34.01 12.45 -20.62
CA LYS B 253 33.21 13.28 -21.52
C LYS B 253 33.71 13.29 -22.97
N ARG B 254 34.21 12.16 -23.47
CA ARG B 254 34.63 12.05 -24.86
C ARG B 254 33.96 10.87 -25.52
N LYS B 255 34.17 10.73 -26.83
CA LYS B 255 33.62 9.60 -27.58
C LYS B 255 34.54 8.41 -27.41
N PRO B 256 33.97 7.24 -27.15
CA PRO B 256 34.82 6.07 -26.92
C PRO B 256 35.35 5.54 -28.24
N SER B 257 36.44 4.79 -28.18
CA SER B 257 37.02 4.17 -29.36
C SER B 257 36.97 2.66 -29.21
N PHE B 258 35.95 2.02 -29.78
CA PHE B 258 35.82 0.56 -29.65
C PHE B 258 36.59 -0.17 -30.75
N SER B 259 37.23 -1.27 -30.38
CA SER B 259 37.89 -2.12 -31.37
C SER B 259 37.73 -3.62 -31.09
N GLY B 260 36.73 -3.99 -30.29
CA GLY B 260 36.41 -5.42 -30.08
C GLY B 260 35.65 -5.98 -31.27
N ALA C 3 -33.70 -27.02 -26.02
CA ALA C 3 -33.69 -25.69 -25.33
C ALA C 3 -33.54 -24.54 -26.34
N MSE C 4 -34.64 -23.84 -26.65
CA MSE C 4 -34.56 -22.51 -27.31
C MSE C 4 -33.63 -21.61 -26.49
O MSE C 4 -33.64 -21.67 -25.27
CB MSE C 4 -35.94 -21.82 -27.36
CG MSE C 4 -36.97 -22.45 -28.28
SE MSE C 4 -38.29 -21.15 -28.99
CE MSE C 4 -38.38 -19.90 -27.47
N LEU C 5 -32.87 -20.75 -27.17
CA LEU C 5 -32.04 -19.78 -26.48
C LEU C 5 -32.95 -18.79 -25.73
N LYS C 6 -32.64 -18.49 -24.48
CA LYS C 6 -33.49 -17.58 -23.69
C LYS C 6 -33.21 -16.12 -23.96
N PHE C 7 -31.94 -15.70 -23.94
CA PHE C 7 -31.60 -14.28 -24.03
C PHE C 7 -30.59 -14.02 -25.16
N LEU C 8 -30.59 -14.88 -26.15
CA LEU C 8 -29.79 -14.70 -27.37
C LEU C 8 -30.70 -15.00 -28.53
N SER C 9 -30.51 -14.30 -29.63
CA SER C 9 -31.20 -14.66 -30.83
C SER C 9 -30.16 -14.75 -31.94
N VAL C 10 -30.45 -15.54 -32.96
CA VAL C 10 -29.44 -15.81 -33.97
C VAL C 10 -30.12 -15.82 -35.30
N ARG C 11 -29.56 -15.09 -36.25
CA ARG C 11 -30.00 -15.18 -37.63
C ARG C 11 -28.79 -15.47 -38.47
N VAL C 12 -28.99 -16.08 -39.62
CA VAL C 12 -27.88 -16.57 -40.43
C VAL C 12 -28.13 -16.07 -41.82
N GLU C 13 -27.16 -15.29 -42.33
CA GLU C 13 -27.27 -14.72 -43.65
C GLU C 13 -25.90 -14.73 -44.30
N ASP C 14 -25.82 -15.16 -45.56
CA ASP C 14 -24.53 -15.16 -46.26
C ASP C 14 -23.43 -15.82 -45.41
N HIS C 15 -23.78 -16.90 -44.73
CA HIS C 15 -22.84 -17.69 -43.95
C HIS C 15 -22.38 -16.99 -42.68
N ILE C 16 -23.05 -15.90 -42.32
CA ILE C 16 -22.72 -15.14 -41.11
C ILE C 16 -23.83 -15.37 -40.09
N ALA C 17 -23.49 -15.96 -38.95
CA ALA C 17 -24.39 -16.02 -37.82
C ALA C 17 -24.31 -14.71 -37.05
N VAL C 18 -25.42 -13.96 -37.06
CA VAL C 18 -25.49 -12.72 -36.29
C VAL C 18 -26.26 -13.00 -35.04
N ALA C 19 -25.56 -12.91 -33.91
CA ALA C 19 -26.15 -13.24 -32.62
C ALA C 19 -26.41 -11.95 -31.85
N THR C 20 -27.59 -11.82 -31.27
CA THR C 20 -27.92 -10.62 -30.51
C THR C 20 -28.25 -11.01 -29.07
N LEU C 21 -27.46 -10.50 -28.16
CA LEU C 21 -27.68 -10.69 -26.73
C LEU C 21 -28.82 -9.78 -26.28
N ASN C 22 -29.79 -10.35 -25.58
CA ASN C 22 -30.97 -9.60 -25.19
C ASN C 22 -31.46 -10.07 -23.81
N HIS C 23 -30.72 -9.66 -22.80
CA HIS C 23 -31.09 -9.87 -21.41
C HIS C 23 -31.31 -8.51 -20.79
N ALA C 24 -32.53 -8.02 -20.88
CA ALA C 24 -32.82 -6.65 -20.50
C ALA C 24 -32.59 -6.44 -19.01
N PRO C 25 -32.27 -5.19 -18.61
CA PRO C 25 -32.05 -4.00 -19.44
C PRO C 25 -30.58 -3.75 -19.87
N ALA C 26 -29.65 -4.50 -19.29
CA ALA C 26 -28.22 -4.17 -19.46
C ALA C 26 -27.37 -5.27 -20.08
N ASN C 27 -28.03 -6.31 -20.57
CA ASN C 27 -27.41 -7.51 -21.13
C ASN C 27 -26.40 -8.14 -20.21
N ALA C 28 -26.78 -8.26 -18.95
CA ALA C 28 -25.94 -8.89 -17.95
C ALA C 28 -25.67 -10.35 -18.26
N MSE C 29 -24.45 -10.76 -18.01
CA MSE C 29 -23.99 -12.10 -18.33
C MSE C 29 -24.34 -13.04 -17.15
O MSE C 29 -23.47 -13.44 -16.38
CB MSE C 29 -22.51 -12.09 -18.58
CG MSE C 29 -22.04 -11.10 -19.60
SE MSE C 29 -22.69 -11.34 -21.40
CE MSE C 29 -22.05 -13.18 -21.65
N SER C 30 -25.61 -13.39 -17.06
CA SER C 30 -26.10 -14.31 -16.07
C SER C 30 -25.75 -15.74 -16.44
N SER C 31 -25.99 -16.66 -15.51
CA SER C 31 -25.73 -18.07 -15.77
C SER C 31 -26.56 -18.53 -16.96
N GLN C 32 -27.82 -18.08 -17.06
CA GLN C 32 -28.64 -18.44 -18.24
C GLN C 32 -28.01 -17.94 -19.55
N VAL C 33 -27.53 -16.70 -19.54
CA VAL C 33 -26.80 -16.18 -20.68
C VAL C 33 -25.59 -17.05 -21.03
N MSE C 34 -24.89 -17.56 -20.03
CA MSE C 34 -23.70 -18.40 -20.31
C MSE C 34 -24.12 -19.68 -21.05
O MSE C 34 -23.47 -20.10 -21.98
CB MSE C 34 -23.00 -18.81 -19.03
CG MSE C 34 -22.50 -17.64 -18.21
SE MSE C 34 -21.16 -16.58 -19.18
CE MSE C 34 -20.81 -15.41 -17.66
N HIS C 35 -25.20 -20.30 -20.56
CA HIS C 35 -25.78 -21.46 -21.23
C HIS C 35 -26.15 -21.13 -22.68
N ASP C 36 -26.79 -19.99 -22.93
CA ASP C 36 -27.11 -19.57 -24.29
C ASP C 36 -25.88 -19.43 -25.17
N VAL C 37 -24.82 -18.84 -24.61
CA VAL C 37 -23.57 -18.68 -25.37
C VAL C 37 -22.97 -20.02 -25.71
N THR C 38 -22.96 -20.94 -24.75
CA THR C 38 -22.45 -22.28 -25.00
C THR C 38 -23.25 -22.96 -26.11
N GLU C 39 -24.58 -22.81 -26.09
CA GLU C 39 -25.43 -23.36 -27.18
C GLU C 39 -25.15 -22.75 -28.53
N LEU C 40 -24.93 -21.44 -28.54
CA LEU C 40 -24.59 -20.76 -29.77
C LEU C 40 -23.32 -21.35 -30.34
N ILE C 41 -22.29 -21.51 -29.52
CA ILE C 41 -21.01 -22.00 -30.04
C ILE C 41 -21.20 -23.45 -30.53
N ASP C 42 -21.93 -24.24 -29.76
CA ASP C 42 -22.30 -25.60 -30.17
C ASP C 42 -22.95 -25.58 -31.57
N GLN C 43 -23.98 -24.76 -31.74
CA GLN C 43 -24.71 -24.61 -33.02
C GLN C 43 -23.73 -24.22 -34.15
N VAL C 44 -22.95 -23.18 -33.89
CA VAL C 44 -22.04 -22.62 -34.88
C VAL C 44 -21.02 -23.64 -35.37
N GLU C 45 -20.45 -24.40 -34.43
CA GLU C 45 -19.42 -25.40 -34.76
C GLU C 45 -20.00 -26.59 -35.53
N LYS C 46 -21.25 -26.94 -35.23
CA LYS C 46 -21.93 -28.05 -35.92
C LYS C 46 -22.37 -27.68 -37.36
N ASP C 47 -22.73 -26.42 -37.61
CA ASP C 47 -23.36 -26.01 -38.87
C ASP C 47 -22.34 -25.61 -39.95
N ASP C 48 -22.11 -26.48 -40.93
CA ASP C 48 -21.14 -26.19 -41.99
C ASP C 48 -21.48 -24.93 -42.78
N ASN C 49 -22.75 -24.52 -42.79
CA ASN C 49 -23.17 -23.30 -43.48
C ASN C 49 -22.72 -22.01 -42.79
N ILE C 50 -22.43 -22.06 -41.48
CA ILE C 50 -21.99 -20.85 -40.77
C ILE C 50 -20.48 -20.79 -40.86
N ARG C 51 -19.96 -19.68 -41.35
CA ARG C 51 -18.50 -19.52 -41.47
C ARG C 51 -17.92 -18.47 -40.52
N VAL C 52 -18.75 -17.57 -40.02
CA VAL C 52 -18.32 -16.50 -39.11
C VAL C 52 -19.46 -16.09 -38.21
N VAL C 53 -19.14 -15.66 -37.00
CA VAL C 53 -20.17 -15.18 -36.06
C VAL C 53 -19.89 -13.71 -35.71
N VAL C 54 -20.95 -12.91 -35.67
CA VAL C 54 -20.87 -11.54 -35.18
C VAL C 54 -21.86 -11.46 -34.01
N ILE C 55 -21.36 -11.06 -32.85
CA ILE C 55 -22.17 -10.90 -31.65
C ILE C 55 -22.30 -9.43 -31.32
N HIS C 56 -23.53 -8.98 -31.08
CA HIS C 56 -23.77 -7.66 -30.55
C HIS C 56 -24.91 -7.65 -29.53
N GLY C 57 -25.13 -6.49 -28.89
CA GLY C 57 -26.12 -6.39 -27.86
C GLY C 57 -27.34 -5.66 -28.34
N GLU C 58 -28.50 -6.08 -27.85
CA GLU C 58 -29.72 -5.32 -28.11
C GLU C 58 -29.77 -4.15 -27.12
N GLY C 59 -30.32 -3.03 -27.57
CA GLY C 59 -30.58 -1.88 -26.70
C GLY C 59 -29.36 -1.00 -26.61
N ARG C 60 -29.08 -0.52 -25.40
CA ARG C 60 -28.10 0.53 -25.16
C ARG C 60 -26.67 0.01 -25.13
N PHE C 61 -26.48 -1.26 -24.76
CA PHE C 61 -25.16 -1.81 -24.45
C PHE C 61 -24.84 -3.11 -25.16
N PHE C 62 -23.56 -3.38 -25.35
CA PHE C 62 -23.12 -4.77 -25.59
C PHE C 62 -23.49 -5.62 -24.35
N SER C 63 -22.87 -5.30 -23.22
CA SER C 63 -23.15 -5.95 -21.93
C SER C 63 -22.54 -5.14 -20.79
N ALA C 64 -23.34 -4.78 -19.79
CA ALA C 64 -22.89 -3.93 -18.69
C ALA C 64 -22.24 -4.70 -17.53
N GLY C 65 -22.23 -6.03 -17.57
CA GLY C 65 -21.57 -6.78 -16.54
C GLY C 65 -22.05 -8.19 -16.39
N ALA C 66 -21.53 -8.88 -15.37
CA ALA C 66 -22.16 -10.07 -14.84
C ALA C 66 -23.48 -9.62 -14.20
N ASP C 67 -24.26 -10.60 -13.74
CA ASP C 67 -25.56 -10.29 -13.18
C ASP C 67 -25.49 -10.18 -11.68
N ILE C 68 -25.70 -8.97 -11.17
CA ILE C 68 -25.58 -8.67 -9.74
C ILE C 68 -26.52 -9.56 -8.90
N LYS C 69 -27.64 -9.99 -9.48
CA LYS C 69 -28.61 -10.82 -8.73
C LYS C 69 -28.04 -12.17 -8.29
N GLU C 70 -26.98 -12.64 -8.95
CA GLU C 70 -26.32 -13.89 -8.57
C GLU C 70 -25.16 -13.72 -7.56
N PHE C 71 -24.91 -12.50 -7.09
CA PHE C 71 -23.74 -12.18 -6.23
C PHE C 71 -24.12 -11.47 -4.92
N THR C 72 -25.30 -11.79 -4.40
CA THR C 72 -25.81 -11.19 -3.14
C THR C 72 -25.38 -11.96 -1.87
N SER C 73 -25.80 -11.48 -0.69
CA SER C 73 -25.52 -12.14 0.61
C SER C 73 -26.00 -13.59 0.74
N VAL C 74 -27.06 -13.95 0.00
CA VAL C 74 -27.60 -15.32 -0.02
C VAL C 74 -26.68 -16.37 -0.71
N THR C 75 -25.81 -15.93 -1.61
CA THR C 75 -24.86 -16.81 -2.29
C THR C 75 -23.62 -17.02 -1.41
N GLU C 76 -23.13 -18.26 -1.31
CA GLU C 76 -21.89 -18.58 -0.54
C GLU C 76 -20.66 -18.80 -1.43
N ALA C 77 -19.49 -19.00 -0.81
CA ALA C 77 -18.19 -19.05 -1.48
C ALA C 77 -18.04 -20.09 -2.59
N LYS C 78 -18.41 -21.33 -2.30
CA LYS C 78 -18.28 -22.41 -3.28
C LYS C 78 -19.07 -22.05 -4.53
N GLN C 79 -20.29 -21.57 -4.34
CA GLN C 79 -21.14 -21.17 -5.44
C GLN C 79 -20.57 -19.98 -6.26
N ALA C 80 -19.90 -19.06 -5.56
CA ALA C 80 -19.26 -17.91 -6.20
C ALA C 80 -18.08 -18.34 -7.09
N THR C 81 -17.23 -19.22 -6.58
CA THR C 81 -16.14 -19.79 -7.37
C THR C 81 -16.70 -20.55 -8.56
N GLU C 82 -17.74 -21.35 -8.35
CA GLU C 82 -18.33 -22.08 -9.46
C GLU C 82 -18.94 -21.16 -10.52
N LEU C 83 -19.50 -20.03 -10.12
CA LEU C 83 -20.04 -19.09 -11.10
C LEU C 83 -18.88 -18.43 -11.89
N ALA C 84 -17.79 -18.11 -11.20
CA ALA C 84 -16.61 -17.56 -11.88
C ALA C 84 -16.16 -18.58 -12.92
N GLN C 85 -16.05 -19.84 -12.47
CA GLN C 85 -15.64 -20.92 -13.35
C GLN C 85 -16.58 -21.11 -14.51
N LEU C 86 -17.89 -21.00 -14.29
CA LEU C 86 -18.85 -21.05 -15.40
C LEU C 86 -18.53 -20.08 -16.51
N GLY C 87 -18.39 -18.80 -16.15
CA GLY C 87 -18.00 -17.76 -17.09
C GLY C 87 -16.69 -18.02 -17.83
N GLN C 88 -15.66 -18.42 -17.07
CA GLN C 88 -14.33 -18.72 -17.61
C GLN C 88 -14.42 -19.85 -18.66
N VAL C 89 -15.14 -20.92 -18.29
CA VAL C 89 -15.28 -22.08 -19.19
C VAL C 89 -16.10 -21.69 -20.44
N THR C 90 -17.14 -20.89 -20.25
CA THR C 90 -17.99 -20.45 -21.37
C THR C 90 -17.18 -19.58 -22.34
N PHE C 91 -16.42 -18.68 -21.76
CA PHE C 91 -15.60 -17.78 -22.58
C PHE C 91 -14.44 -18.49 -23.25
N GLU C 92 -13.94 -19.55 -22.65
CA GLU C 92 -12.90 -20.33 -23.30
C GLU C 92 -13.50 -21.08 -24.50
N ARG C 93 -14.75 -21.51 -24.39
CA ARG C 93 -15.44 -22.13 -25.53
C ARG C 93 -15.52 -21.17 -26.68
N VAL C 94 -15.84 -19.91 -26.40
CA VAL C 94 -15.87 -18.89 -27.42
C VAL C 94 -14.51 -18.73 -28.08
N GLU C 95 -13.46 -18.54 -27.27
CA GLU C 95 -12.16 -18.30 -27.86
C GLU C 95 -11.64 -19.52 -28.65
N LYS C 96 -11.98 -20.71 -28.16
CA LYS C 96 -11.60 -21.96 -28.84
C LYS C 96 -12.50 -22.32 -30.03
N CYS C 97 -13.52 -21.50 -30.31
CA CYS C 97 -14.43 -21.76 -31.44
C CYS C 97 -13.63 -21.93 -32.77
N SER C 98 -13.99 -22.94 -33.57
CA SER C 98 -13.32 -23.23 -34.88
C SER C 98 -13.72 -22.27 -36.02
N LYS C 99 -14.74 -21.45 -35.76
CA LYS C 99 -15.13 -20.39 -36.65
C LYS C 99 -14.89 -19.01 -36.03
N PRO C 100 -14.49 -18.03 -36.85
CA PRO C 100 -14.16 -16.70 -36.36
C PRO C 100 -15.36 -16.07 -35.68
N VAL C 101 -15.11 -15.50 -34.50
CA VAL C 101 -16.14 -14.79 -33.72
C VAL C 101 -15.72 -13.34 -33.55
N ILE C 102 -16.59 -12.45 -33.98
CA ILE C 102 -16.40 -11.00 -33.86
C ILE C 102 -17.40 -10.41 -32.88
N ALA C 103 -16.90 -9.62 -31.94
CA ALA C 103 -17.76 -8.83 -31.06
C ALA C 103 -17.88 -7.41 -31.61
N ALA C 104 -19.12 -6.94 -31.73
CA ALA C 104 -19.41 -5.60 -32.24
C ALA C 104 -20.01 -4.83 -31.06
N ILE C 105 -19.18 -3.99 -30.45
CA ILE C 105 -19.50 -3.28 -29.21
C ILE C 105 -20.00 -1.87 -29.45
N HIS C 106 -21.23 -1.57 -29.02
CA HIS C 106 -21.69 -0.19 -28.92
C HIS C 106 -22.15 0.06 -27.48
N GLY C 107 -22.23 1.32 -27.08
CA GLY C 107 -22.66 1.71 -25.72
C GLY C 107 -21.60 1.45 -24.66
N ALA C 108 -21.45 0.18 -24.29
CA ALA C 108 -20.54 -0.22 -23.21
C ALA C 108 -20.33 -1.73 -23.21
N ALA C 109 -19.11 -2.14 -22.92
CA ALA C 109 -18.78 -3.48 -22.58
C ALA C 109 -18.03 -3.44 -21.25
N LEU C 110 -18.71 -3.77 -20.15
CA LEU C 110 -18.17 -3.57 -18.83
C LEU C 110 -18.11 -4.87 -18.04
N GLY C 111 -17.01 -5.09 -17.36
CA GLY C 111 -16.92 -6.19 -16.40
C GLY C 111 -17.05 -7.48 -17.14
N GLY C 112 -17.94 -8.35 -16.65
CA GLY C 112 -18.27 -9.57 -17.38
C GLY C 112 -18.58 -9.39 -18.86
N GLY C 113 -19.19 -8.27 -19.22
CA GLY C 113 -19.42 -7.91 -20.63
C GLY C 113 -18.14 -7.71 -21.46
N LEU C 114 -17.16 -7.02 -20.89
CA LEU C 114 -15.87 -6.88 -21.57
C LEU C 114 -15.19 -8.23 -21.59
N GLU C 115 -15.30 -8.98 -20.50
CA GLU C 115 -14.69 -10.35 -20.49
C GLU C 115 -15.22 -11.21 -21.60
N PHE C 116 -16.54 -11.12 -21.83
CA PHE C 116 -17.17 -11.78 -22.97
C PHE C 116 -16.59 -11.33 -24.30
N ALA C 117 -16.55 -10.03 -24.53
CA ALA C 117 -16.05 -9.47 -25.77
C ALA C 117 -14.58 -9.84 -25.97
N MSE C 118 -13.82 -9.88 -24.88
CA MSE C 118 -12.42 -10.27 -24.95
C MSE C 118 -12.16 -11.69 -25.33
O MSE C 118 -11.07 -12.02 -25.81
CB MSE C 118 -11.69 -9.95 -23.63
CG MSE C 118 -11.57 -8.43 -23.39
SE MSE C 118 -10.28 -8.00 -21.93
CE MSE C 118 -11.29 -8.77 -20.44
N SER C 119 -13.16 -12.55 -25.09
CA SER C 119 -13.04 -13.95 -25.44
C SER C 119 -13.29 -14.16 -26.93
N CYS C 120 -13.90 -13.19 -27.61
CA CYS C 120 -14.09 -13.25 -29.08
C CYS C 120 -12.73 -12.99 -29.76
N HIS C 121 -12.62 -13.37 -31.03
CA HIS C 121 -11.35 -13.31 -31.73
C HIS C 121 -10.99 -11.92 -32.17
N MSE C 122 -12.01 -11.13 -32.47
CA MSE C 122 -11.84 -9.75 -32.91
C MSE C 122 -12.92 -8.93 -32.25
O MSE C 122 -14.00 -9.47 -31.92
CB MSE C 122 -11.99 -9.68 -34.41
CG MSE C 122 -10.87 -10.33 -35.16
SE MSE C 122 -11.32 -10.81 -36.99
CE MSE C 122 -12.25 -12.48 -36.61
N ARG C 123 -12.66 -7.63 -32.12
CA ARG C 123 -13.66 -6.69 -31.63
C ARG C 123 -13.64 -5.41 -32.48
N PHE C 124 -14.81 -4.88 -32.78
CA PHE C 124 -14.95 -3.51 -33.34
C PHE C 124 -15.90 -2.73 -32.41
N ALA C 125 -15.73 -1.43 -32.33
CA ALA C 125 -16.49 -0.60 -31.38
C ALA C 125 -16.78 0.72 -32.03
N THR C 126 -17.77 1.42 -31.49
CA THR C 126 -17.98 2.83 -31.77
C THR C 126 -16.92 3.63 -31.00
N GLU C 127 -16.64 4.86 -31.45
CA GLU C 127 -15.63 5.68 -30.82
C GLU C 127 -15.95 6.02 -29.36
N SER C 128 -17.23 6.14 -29.02
CA SER C 128 -17.64 6.54 -27.67
C SER C 128 -18.12 5.42 -26.77
N ALA C 129 -18.15 4.16 -27.26
CA ALA C 129 -18.37 2.98 -26.39
C ALA C 129 -17.45 2.99 -25.18
N LYS C 130 -17.95 2.57 -24.01
CA LYS C 130 -17.13 2.49 -22.82
C LYS C 130 -16.73 1.04 -22.59
N LEU C 131 -15.43 0.81 -22.41
CA LEU C 131 -14.85 -0.52 -22.19
C LEU C 131 -14.03 -0.52 -20.89
N GLY C 132 -14.36 -1.41 -19.95
CA GLY C 132 -13.63 -1.44 -18.69
C GLY C 132 -13.94 -2.63 -17.82
N LEU C 133 -13.19 -2.79 -16.75
CA LEU C 133 -13.40 -3.82 -15.73
C LEU C 133 -13.57 -3.14 -14.38
N PRO C 134 -14.81 -2.83 -14.01
CA PRO C 134 -15.06 -2.05 -12.80
C PRO C 134 -15.32 -2.89 -11.56
N GLU C 135 -15.00 -4.18 -11.61
CA GLU C 135 -15.29 -5.09 -10.47
C GLU C 135 -14.77 -4.68 -9.08
N LEU C 136 -13.60 -4.03 -8.99
CA LEU C 136 -13.05 -3.67 -7.72
C LEU C 136 -13.92 -2.62 -7.03
N THR C 137 -14.81 -1.96 -7.75
CA THR C 137 -15.81 -1.08 -7.08
C THR C 137 -16.66 -1.89 -6.12
N LEU C 138 -16.87 -3.16 -6.45
CA LEU C 138 -17.69 -4.05 -5.63
C LEU C 138 -16.85 -4.81 -4.61
N GLY C 139 -15.57 -4.48 -4.47
CA GLY C 139 -14.70 -5.24 -3.58
C GLY C 139 -14.45 -6.65 -4.06
N LEU C 140 -14.63 -6.85 -5.38
CA LEU C 140 -14.38 -8.10 -6.04
C LEU C 140 -13.28 -7.93 -7.07
N ILE C 141 -12.92 -9.01 -7.74
CA ILE C 141 -12.01 -8.90 -8.89
C ILE C 141 -12.75 -9.45 -10.13
N PRO C 142 -12.22 -9.20 -11.33
CA PRO C 142 -12.79 -9.87 -12.49
C PRO C 142 -12.66 -11.37 -12.29
N GLY C 143 -13.73 -12.12 -12.54
CA GLY C 143 -13.74 -13.57 -12.35
C GLY C 143 -13.98 -14.40 -13.61
N PHE C 144 -14.12 -13.74 -14.77
CA PHE C 144 -14.34 -14.46 -16.02
C PHE C 144 -13.14 -14.28 -16.96
N ALA C 145 -11.96 -14.46 -16.36
CA ALA C 145 -10.65 -14.43 -17.05
C ALA C 145 -10.12 -13.06 -17.46
N GLY C 146 -10.81 -11.97 -17.10
CA GLY C 146 -10.36 -10.62 -17.40
C GLY C 146 -8.96 -10.31 -16.87
N THR C 147 -8.57 -10.89 -15.73
CA THR C 147 -7.30 -10.56 -15.13
C THR C 147 -6.19 -11.14 -15.99
N GLN C 148 -6.52 -12.16 -16.78
CA GLN C 148 -5.53 -12.74 -17.67
C GLN C 148 -5.64 -12.18 -19.10
N ARG C 149 -6.85 -12.05 -19.62
CA ARG C 149 -7.01 -11.51 -20.99
C ARG C 149 -6.64 -10.06 -21.18
N LEU C 150 -7.09 -9.19 -20.26
CA LEU C 150 -6.83 -7.75 -20.40
C LEU C 150 -5.35 -7.33 -20.56
N PRO C 151 -4.45 -7.79 -19.70
CA PRO C 151 -3.03 -7.42 -19.87
C PRO C 151 -2.41 -7.94 -21.17
N ARG C 152 -2.95 -9.01 -21.71
CA ARG C 152 -2.46 -9.61 -22.97
C ARG C 152 -2.97 -8.85 -24.18
N TYR C 153 -3.98 -7.98 -23.98
CA TYR C 153 -4.40 -7.03 -25.01
C TYR C 153 -3.72 -5.68 -24.87
N VAL C 154 -3.77 -5.06 -23.66
CA VAL C 154 -3.39 -3.62 -23.52
C VAL C 154 -2.01 -3.45 -22.86
N GLY C 155 -1.43 -4.58 -22.40
CA GLY C 155 -0.22 -4.57 -21.59
C GLY C 155 -0.56 -4.58 -20.12
N LYS C 156 0.34 -5.17 -19.33
CA LYS C 156 0.08 -5.27 -17.90
C LYS C 156 -0.09 -3.93 -17.20
N ALA C 157 0.63 -2.90 -17.66
CA ALA C 157 0.58 -1.58 -17.00
C ALA C 157 -0.81 -0.96 -17.16
N LYS C 158 -1.28 -0.88 -18.38
CA LYS C 158 -2.63 -0.32 -18.65
C LYS C 158 -3.72 -1.17 -18.01
N ALA C 159 -3.54 -2.49 -18.05
CA ALA C 159 -4.53 -3.37 -17.44
C ALA C 159 -4.58 -3.13 -15.96
N CYS C 160 -3.42 -2.99 -15.34
CA CYS C 160 -3.36 -2.67 -13.92
C CYS C 160 -4.13 -1.40 -13.60
N GLU C 161 -3.85 -0.35 -14.36
CA GLU C 161 -4.54 0.90 -14.15
C GLU C 161 -6.08 0.73 -14.29
N MSE C 162 -6.51 0.07 -15.34
CA MSE C 162 -7.97 -0.12 -15.60
C MSE C 162 -8.64 -0.87 -14.45
O MSE C 162 -9.73 -0.50 -14.00
CB MSE C 162 -8.26 -0.80 -16.97
CG MSE C 162 -7.91 0.11 -18.13
SE MSE C 162 -7.94 -0.83 -19.86
CE MSE C 162 -9.86 -1.16 -19.98
N MSE C 163 -7.98 -1.91 -13.96
CA MSE C 163 -8.61 -2.70 -12.90
C MSE C 163 -8.57 -2.00 -11.54
O MSE C 163 -9.52 -2.16 -10.73
CB MSE C 163 -8.00 -4.09 -12.83
CG MSE C 163 -8.34 -4.91 -14.03
SE MSE C 163 -7.69 -6.74 -13.80
CE MSE C 163 -5.86 -6.46 -14.47
N LEU C 164 -7.49 -1.24 -11.29
CA LEU C 164 -7.31 -0.60 -10.01
C LEU C 164 -8.08 0.70 -9.92
N THR C 165 -8.27 1.39 -11.03
CA THR C 165 -9.06 2.60 -10.99
C THR C 165 -10.57 2.34 -11.24
N SER C 166 -10.89 1.24 -11.96
CA SER C 166 -12.28 0.85 -12.38
C SER C 166 -12.83 1.76 -13.49
N THR C 167 -12.03 2.67 -13.99
CA THR C 167 -12.47 3.69 -14.95
C THR C 167 -12.46 3.03 -16.35
N PRO C 168 -13.58 3.14 -17.11
CA PRO C 168 -13.54 2.58 -18.47
C PRO C 168 -12.79 3.50 -19.42
N ILE C 169 -12.38 2.97 -20.57
CA ILE C 169 -11.76 3.72 -21.65
C ILE C 169 -12.76 3.81 -22.85
N THR C 170 -12.59 4.78 -23.74
CA THR C 170 -13.47 4.90 -24.91
C THR C 170 -13.07 3.88 -25.97
N GLY C 171 -13.95 3.66 -26.94
CA GLY C 171 -13.62 2.78 -28.07
C GLY C 171 -12.37 3.26 -28.80
N ALA C 172 -12.26 4.57 -28.95
CA ALA C 172 -11.14 5.15 -29.66
C ALA C 172 -9.84 4.88 -28.87
N GLU C 173 -9.91 4.96 -27.54
CA GLU C 173 -8.75 4.65 -26.71
C GLU C 173 -8.43 3.17 -26.74
N ALA C 174 -9.49 2.36 -26.73
CA ALA C 174 -9.34 0.92 -26.80
C ALA C 174 -8.63 0.53 -28.08
N LEU C 175 -8.90 1.26 -29.18
CA LEU C 175 -8.18 1.00 -30.45
C LEU C 175 -6.66 1.31 -30.29
N LYS C 176 -6.36 2.45 -29.69
CA LYS C 176 -4.95 2.83 -29.44
C LYS C 176 -4.24 1.76 -28.64
N TRP C 177 -4.92 1.20 -27.63
CA TRP C 177 -4.32 0.23 -26.71
C TRP C 177 -4.40 -1.20 -27.20
N GLY C 178 -4.97 -1.45 -28.39
CA GLY C 178 -5.05 -2.81 -28.91
C GLY C 178 -6.15 -3.69 -28.32
N LEU C 179 -7.15 -3.09 -27.71
CA LEU C 179 -8.23 -3.83 -27.07
C LEU C 179 -9.42 -4.06 -28.06
N VAL C 180 -9.47 -3.25 -29.11
CA VAL C 180 -10.29 -3.49 -30.27
C VAL C 180 -9.44 -3.46 -31.58
N ASN C 181 -10.00 -4.05 -32.62
CA ASN C 181 -9.42 -4.02 -34.00
C ASN C 181 -9.65 -2.71 -34.75
N GLY C 182 -10.77 -2.08 -34.50
CA GLY C 182 -11.16 -0.90 -35.28
C GLY C 182 -12.37 -0.25 -34.66
N VAL C 183 -12.62 1.00 -35.07
CA VAL C 183 -13.83 1.71 -34.67
C VAL C 183 -14.61 2.13 -35.91
N PHE C 184 -15.92 2.07 -35.82
CA PHE C 184 -16.77 2.50 -36.91
C PHE C 184 -17.76 3.52 -36.39
N ALA C 185 -18.33 4.30 -37.32
CA ALA C 185 -19.34 5.34 -37.02
C ALA C 185 -20.58 4.70 -36.39
N GLU C 186 -21.22 5.38 -35.44
CA GLU C 186 -22.34 4.76 -34.75
C GLU C 186 -23.50 4.47 -35.72
N GLU C 187 -23.61 5.30 -36.76
CA GLU C 187 -24.74 5.19 -37.70
C GLU C 187 -24.63 3.93 -38.58
N THR C 188 -23.42 3.48 -38.91
CA THR C 188 -23.24 2.35 -39.83
C THR C 188 -22.48 1.21 -39.14
N PHE C 189 -22.53 1.19 -37.82
CA PHE C 189 -21.64 0.36 -37.04
C PHE C 189 -21.78 -1.14 -37.31
N LEU C 190 -22.97 -1.69 -37.09
CA LEU C 190 -23.20 -3.13 -37.34
C LEU C 190 -22.91 -3.46 -38.81
N ASP C 191 -23.42 -2.65 -39.72
CA ASP C 191 -23.15 -2.90 -41.14
C ASP C 191 -21.68 -2.92 -41.49
N ASP C 192 -20.90 -1.99 -40.94
CA ASP C 192 -19.49 -1.96 -41.18
C ASP C 192 -18.81 -3.21 -40.62
N THR C 193 -19.29 -3.71 -39.48
CA THR C 193 -18.73 -4.92 -38.90
C THR C 193 -19.08 -6.14 -39.79
N LEU C 194 -20.31 -6.20 -40.29
CA LEU C 194 -20.74 -7.27 -41.18
C LEU C 194 -19.93 -7.32 -42.49
N LYS C 195 -19.45 -6.16 -42.96
CA LYS C 195 -18.59 -6.14 -44.13
C LYS C 195 -17.31 -6.90 -43.88
N VAL C 196 -16.79 -6.80 -42.67
CA VAL C 196 -15.59 -7.52 -42.30
C VAL C 196 -15.90 -9.00 -42.23
N ALA C 197 -17.03 -9.34 -41.58
CA ALA C 197 -17.48 -10.71 -41.51
C ALA C 197 -17.63 -11.33 -42.92
N LYS C 198 -18.17 -10.56 -43.84
CA LYS C 198 -18.33 -11.07 -45.22
C LYS C 198 -17.02 -11.32 -45.94
N GLN C 199 -16.01 -10.49 -45.69
CA GLN C 199 -14.65 -10.75 -46.22
C GLN C 199 -14.12 -12.05 -45.68
N ILE C 200 -14.27 -12.25 -44.38
CA ILE C 200 -13.83 -13.47 -43.74
C ILE C 200 -14.60 -14.72 -44.19
N ALA C 201 -15.91 -14.60 -44.39
CA ALA C 201 -16.70 -15.71 -44.90
C ALA C 201 -16.30 -16.17 -46.32
N GLY C 202 -15.57 -15.33 -47.06
CA GLY C 202 -15.07 -15.70 -48.38
C GLY C 202 -13.90 -16.68 -48.32
N LYS C 203 -13.34 -16.89 -47.14
CA LYS C 203 -12.17 -17.75 -46.96
C LYS C 203 -12.57 -19.22 -46.76
N SER C 204 -11.67 -20.12 -47.15
CA SER C 204 -11.95 -21.54 -46.98
C SER C 204 -12.08 -21.88 -45.48
N PRO C 205 -13.06 -22.70 -45.14
CA PRO C 205 -13.19 -23.07 -43.73
C PRO C 205 -11.91 -23.67 -43.10
N ALA C 206 -11.17 -24.49 -43.84
CA ALA C 206 -9.95 -25.08 -43.30
C ALA C 206 -8.87 -24.02 -43.00
N THR C 207 -8.75 -22.97 -43.82
CA THR C 207 -7.71 -21.96 -43.55
C THR C 207 -8.15 -21.09 -42.35
N ALA C 208 -9.44 -20.84 -42.24
CA ALA C 208 -9.94 -20.05 -41.12
C ALA C 208 -9.71 -20.80 -39.81
N ARG C 209 -10.06 -22.09 -39.77
CA ARG C 209 -9.77 -22.94 -38.63
C ARG C 209 -8.27 -22.98 -38.26
N ALA C 210 -7.44 -23.18 -39.27
CA ALA C 210 -5.98 -23.23 -39.09
C ALA C 210 -5.44 -21.93 -38.51
N VAL C 211 -5.83 -20.80 -39.05
CA VAL C 211 -5.43 -19.53 -38.46
C VAL C 211 -5.78 -19.45 -36.97
N LEU C 212 -7.04 -19.71 -36.63
CA LEU C 212 -7.48 -19.66 -35.24
C LEU C 212 -6.67 -20.60 -34.35
N GLU C 213 -6.42 -21.80 -34.83
CA GLU C 213 -5.66 -22.78 -34.03
C GLU C 213 -4.23 -22.28 -33.80
N LEU C 214 -3.61 -21.79 -34.88
CA LEU C 214 -2.21 -21.35 -34.83
C LEU C 214 -2.02 -20.10 -33.99
N LEU C 215 -3.08 -19.32 -33.84
CA LEU C 215 -3.07 -18.19 -32.94
C LEU C 215 -3.14 -18.55 -31.44
N GLN C 216 -3.54 -19.78 -31.11
N GLN C 216 -3.54 -19.75 -31.05
CA GLN C 216 -3.67 -20.24 -29.70
CA GLN C 216 -3.67 -20.04 -29.61
C GLN C 216 -2.30 -20.23 -28.98
C GLN C 216 -2.31 -20.45 -28.99
N THR C 217 -1.23 -20.37 -29.75
CA THR C 217 0.09 -20.56 -29.17
C THR C 217 0.55 -19.36 -28.32
N THR C 218 -0.13 -18.23 -28.42
CA THR C 218 0.22 -17.03 -27.69
C THR C 218 -0.07 -17.13 -26.20
N LYS C 219 -0.94 -18.06 -25.79
CA LYS C 219 -1.28 -18.22 -24.37
C LYS C 219 -0.37 -19.24 -23.65
N SER C 220 0.27 -18.78 -22.57
CA SER C 220 1.22 -19.60 -21.84
C SER C 220 0.52 -20.52 -20.86
N SER C 221 1.27 -21.50 -20.34
CA SER C 221 0.75 -22.32 -19.24
C SER C 221 0.40 -21.43 -18.06
N HIS C 222 1.10 -20.30 -17.92
CA HIS C 222 0.82 -19.41 -16.78
C HIS C 222 -0.50 -18.67 -16.96
N TYR C 223 -0.89 -18.39 -18.21
CA TYR C 223 -2.25 -17.83 -18.52
C TYR C 223 -3.31 -18.80 -17.93
N TYR C 224 -3.18 -20.10 -18.24
CA TYR C 224 -4.18 -21.10 -17.78
C TYR C 224 -4.17 -21.29 -16.28
N GLU C 225 -2.99 -21.37 -15.66
CA GLU C 225 -2.87 -21.38 -14.19
C GLU C 225 -3.48 -20.14 -13.58
N GLY C 226 -3.20 -19.01 -14.21
CA GLY C 226 -3.74 -17.73 -13.82
C GLY C 226 -5.26 -17.67 -13.78
N VAL C 227 -5.90 -18.25 -14.79
CA VAL C 227 -7.38 -18.31 -14.84
C VAL C 227 -7.91 -19.09 -13.63
N GLN C 228 -7.30 -20.24 -13.36
CA GLN C 228 -7.70 -21.04 -12.21
C GLN C 228 -7.52 -20.30 -10.86
N ARG C 229 -6.36 -19.69 -10.69
CA ARG C 229 -6.11 -18.87 -9.51
C ARG C 229 -7.09 -17.69 -9.35
N GLU C 230 -7.41 -17.05 -10.45
CA GLU C 230 -8.42 -16.01 -10.47
C GLU C 230 -9.75 -16.50 -9.90
N ALA C 231 -10.19 -17.70 -10.27
CA ALA C 231 -11.47 -18.18 -9.75
C ALA C 231 -11.37 -18.49 -8.28
N GLN C 232 -10.22 -19.01 -7.84
CA GLN C 232 -9.95 -19.29 -6.42
C GLN C 232 -9.99 -17.97 -5.62
N ILE C 233 -9.24 -16.96 -6.04
CA ILE C 233 -9.28 -15.66 -5.39
C ILE C 233 -10.67 -15.06 -5.42
N PHE C 234 -11.35 -15.16 -6.57
CA PHE C 234 -12.68 -14.58 -6.68
C PHE C 234 -13.60 -15.06 -5.53
N GLY C 235 -13.58 -16.36 -5.29
CA GLY C 235 -14.40 -16.89 -4.20
C GLY C 235 -14.05 -16.35 -2.82
N GLU C 236 -12.74 -16.25 -2.54
CA GLU C 236 -12.26 -15.75 -1.25
C GLU C 236 -12.67 -14.31 -1.01
N VAL C 237 -12.46 -13.46 -2.01
CA VAL C 237 -12.83 -12.08 -1.90
C VAL C 237 -14.33 -11.94 -1.86
N PHE C 238 -15.04 -12.77 -2.61
CA PHE C 238 -16.50 -12.71 -2.59
C PHE C 238 -17.10 -12.89 -1.18
N THR C 239 -16.58 -13.83 -0.40
CA THR C 239 -17.18 -14.04 0.94
C THR C 239 -16.50 -13.26 2.05
N SER C 240 -15.46 -12.49 1.70
CA SER C 240 -14.74 -11.68 2.67
C SER C 240 -15.60 -10.53 3.15
N GLU C 241 -15.25 -9.96 4.30
CA GLU C 241 -15.96 -8.79 4.80
C GLU C 241 -15.98 -7.68 3.73
N ASP C 242 -14.82 -7.42 3.09
CA ASP C 242 -14.76 -6.36 2.09
C ASP C 242 -15.59 -6.63 0.83
N GLY C 243 -15.60 -7.87 0.37
CA GLY C 243 -16.40 -8.22 -0.79
C GLY C 243 -17.90 -8.12 -0.48
N ARG C 244 -18.30 -8.59 0.70
CA ARG C 244 -19.71 -8.52 1.10
C ARG C 244 -20.12 -7.05 1.18
N GLU C 245 -19.23 -6.21 1.71
CA GLU C 245 -19.49 -4.78 1.81
C GLU C 245 -19.54 -4.04 0.46
N GLY C 246 -18.62 -4.33 -0.46
CA GLY C 246 -18.71 -3.72 -1.79
C GLY C 246 -20.04 -4.01 -2.48
N VAL C 247 -20.49 -5.25 -2.45
CA VAL C 247 -21.72 -5.61 -3.13
C VAL C 247 -22.92 -4.95 -2.43
N ALA C 248 -23.00 -5.07 -1.11
CA ALA C 248 -24.10 -4.44 -0.37
C ALA C 248 -24.14 -2.92 -0.61
N ALA C 249 -22.98 -2.26 -0.60
CA ALA C 249 -22.89 -0.80 -0.87
C ALA C 249 -23.36 -0.48 -2.28
N PHE C 250 -23.02 -1.34 -3.24
CA PHE C 250 -23.48 -1.14 -4.59
C PHE C 250 -24.99 -1.22 -4.67
N LEU C 251 -25.58 -2.25 -4.07
CA LEU C 251 -27.04 -2.42 -4.09
C LEU C 251 -27.74 -1.26 -3.36
N GLU C 252 -27.11 -0.69 -2.34
CA GLU C 252 -27.66 0.45 -1.61
C GLU C 252 -27.33 1.81 -2.27
N LYS C 253 -26.69 1.81 -3.44
CA LYS C 253 -26.34 3.05 -4.15
C LYS C 253 -25.45 3.99 -3.32
N ARG C 254 -24.42 3.45 -2.66
CA ARG C 254 -23.50 4.29 -1.88
C ARG C 254 -22.07 3.84 -2.12
N LYS C 255 -21.12 4.69 -1.74
CA LYS C 255 -19.72 4.30 -1.88
C LYS C 255 -19.41 3.25 -0.82
N PRO C 256 -18.53 2.28 -1.16
CA PRO C 256 -18.15 1.30 -0.15
C PRO C 256 -17.09 1.84 0.78
N SER C 257 -17.06 1.36 2.03
CA SER C 257 -15.94 1.63 2.93
C SER C 257 -15.34 0.28 3.32
N PHE C 258 -14.07 0.10 2.99
CA PHE C 258 -13.38 -1.19 3.14
C PHE C 258 -12.47 -1.29 4.39
N SER C 259 -12.51 -2.44 5.05
CA SER C 259 -11.70 -2.71 6.25
C SER C 259 -10.26 -3.20 6.01
N GLY C 260 -10.04 -3.95 4.93
CA GLY C 260 -8.89 -4.86 4.84
C GLY C 260 -9.35 -6.20 5.42
N MSE D 4 -3.75 -29.94 14.45
CA MSE D 4 -2.83 -30.50 15.50
C MSE D 4 -1.46 -29.85 15.36
O MSE D 4 -0.72 -30.13 14.40
CB MSE D 4 -2.73 -32.02 15.42
CG MSE D 4 -3.65 -32.79 16.41
SE MSE D 4 -3.01 -34.63 16.92
CE MSE D 4 -1.19 -34.19 17.58
N LEU D 5 -1.13 -29.01 16.34
CA LEU D 5 0.08 -28.20 16.36
C LEU D 5 1.03 -28.70 17.45
N LYS D 6 2.32 -28.57 17.21
CA LYS D 6 3.34 -29.11 18.08
C LYS D 6 3.37 -28.49 19.49
N PHE D 7 3.35 -27.16 19.61
CA PHE D 7 3.54 -26.52 20.93
C PHE D 7 2.33 -25.76 21.47
N LEU D 8 1.22 -25.84 20.75
CA LEU D 8 -0.04 -25.26 21.14
C LEU D 8 -1.04 -26.37 21.04
N SER D 9 -1.85 -26.57 22.05
CA SER D 9 -2.99 -27.41 21.88
C SER D 9 -4.20 -26.56 22.14
N VAL D 10 -5.29 -26.90 21.47
CA VAL D 10 -6.50 -26.12 21.48
C VAL D 10 -7.65 -27.02 21.85
N ARG D 11 -8.51 -26.56 22.75
CA ARG D 11 -9.81 -27.17 22.92
C ARG D 11 -10.91 -26.12 22.96
N VAL D 12 -12.01 -26.42 22.28
CA VAL D 12 -13.06 -25.45 22.10
C VAL D 12 -14.23 -25.90 22.96
N GLU D 13 -14.80 -24.97 23.72
CA GLU D 13 -16.02 -25.25 24.47
C GLU D 13 -16.82 -23.97 24.55
N ASP D 14 -18.11 -24.04 24.24
CA ASP D 14 -19.03 -22.90 24.32
C ASP D 14 -18.57 -21.71 23.45
N HIS D 15 -18.03 -22.02 22.27
CA HIS D 15 -17.56 -21.03 21.27
C HIS D 15 -16.22 -20.36 21.66
N ILE D 16 -15.58 -20.86 22.72
CA ILE D 16 -14.30 -20.33 23.22
C ILE D 16 -13.19 -21.34 22.94
N ALA D 17 -12.20 -20.94 22.16
CA ALA D 17 -10.99 -21.72 21.93
C ALA D 17 -9.98 -21.42 23.02
N VAL D 18 -9.66 -22.42 23.85
CA VAL D 18 -8.63 -22.28 24.90
C VAL D 18 -7.38 -22.88 24.31
N ALA D 19 -6.39 -22.03 24.05
CA ALA D 19 -5.15 -22.43 23.45
C ALA D 19 -4.08 -22.47 24.51
N THR D 20 -3.43 -23.61 24.66
CA THR D 20 -2.42 -23.78 25.68
C THR D 20 -1.06 -23.87 25.06
N LEU D 21 -0.22 -22.90 25.37
CA LEU D 21 1.16 -22.92 24.93
C LEU D 21 1.97 -23.87 25.81
N ASN D 22 2.68 -24.79 25.18
CA ASN D 22 3.40 -25.80 25.93
C ASN D 22 4.70 -26.09 25.20
N HIS D 23 5.68 -25.27 25.50
CA HIS D 23 7.06 -25.47 25.04
C HIS D 23 7.91 -25.47 26.32
N ALA D 24 7.90 -26.62 27.00
CA ALA D 24 8.56 -26.81 28.30
C ALA D 24 10.00 -26.34 28.26
N PRO D 25 10.49 -25.78 29.39
CA PRO D 25 9.83 -25.57 30.66
C PRO D 25 9.31 -24.15 30.78
N ALA D 26 9.67 -23.29 29.83
CA ALA D 26 9.36 -21.87 29.98
C ALA D 26 8.57 -21.24 28.82
N ASN D 27 8.02 -22.08 27.96
CA ASN D 27 7.22 -21.66 26.83
C ASN D 27 7.90 -20.60 25.96
N ALA D 28 9.18 -20.82 25.66
CA ALA D 28 9.93 -19.85 24.85
C ALA D 28 9.33 -19.69 23.45
N MSE D 29 9.26 -18.44 22.95
CA MSE D 29 8.74 -18.13 21.61
C MSE D 29 9.78 -18.42 20.50
O MSE D 29 10.36 -17.51 19.86
CB MSE D 29 8.30 -16.68 21.56
CG MSE D 29 7.41 -16.27 22.71
SE MSE D 29 5.68 -17.22 22.77
CE MSE D 29 5.09 -16.76 21.00
N SER D 30 10.02 -19.70 20.26
CA SER D 30 10.85 -20.12 19.15
C SER D 30 10.13 -19.95 17.83
N SER D 31 10.88 -20.11 16.73
CA SER D 31 10.33 -20.09 15.39
C SER D 31 9.21 -21.08 15.18
N GLN D 32 9.35 -22.31 15.71
CA GLN D 32 8.29 -23.24 15.59
C GLN D 32 7.04 -22.76 16.34
N VAL D 33 7.20 -22.21 17.55
CA VAL D 33 6.06 -21.67 18.27
C VAL D 33 5.38 -20.56 17.41
N MSE D 34 6.17 -19.72 16.76
CA MSE D 34 5.58 -18.65 15.91
C MSE D 34 4.73 -19.23 14.80
O MSE D 34 3.65 -18.75 14.55
CB MSE D 34 6.64 -17.78 15.24
CG MSE D 34 7.60 -17.12 16.19
SE MSE D 34 6.71 -15.77 17.29
CE MSE D 34 8.36 -15.14 17.74
N HIS D 35 5.26 -20.27 14.12
N HIS D 35 5.23 -20.26 14.11
CA HIS D 35 4.49 -20.99 13.10
CA HIS D 35 4.43 -20.84 13.05
C HIS D 35 3.16 -21.43 13.68
C HIS D 35 3.16 -21.52 13.62
N ASP D 36 3.21 -22.08 14.84
CA ASP D 36 2.01 -22.61 15.50
C ASP D 36 1.01 -21.52 15.85
N VAL D 37 1.53 -20.38 16.30
CA VAL D 37 0.66 -19.19 16.54
C VAL D 37 -0.07 -18.71 15.29
N THR D 38 0.67 -18.54 14.20
CA THR D 38 0.06 -18.22 12.90
C THR D 38 -0.99 -19.29 12.50
N GLU D 39 -0.69 -20.57 12.72
CA GLU D 39 -1.67 -21.58 12.38
C GLU D 39 -2.92 -21.49 13.22
N LEU D 40 -2.75 -21.16 14.50
CA LEU D 40 -3.87 -20.99 15.41
C LEU D 40 -4.77 -19.84 14.95
N ILE D 41 -4.16 -18.73 14.56
CA ILE D 41 -4.98 -17.62 14.11
C ILE D 41 -5.77 -18.03 12.86
N ASP D 42 -5.09 -18.70 11.93
CA ASP D 42 -5.73 -19.20 10.71
C ASP D 42 -6.95 -20.08 11.05
N GLN D 43 -6.76 -21.04 11.93
CA GLN D 43 -7.83 -21.95 12.39
C GLN D 43 -9.02 -21.14 13.01
N VAL D 44 -8.66 -20.18 13.86
CA VAL D 44 -9.63 -19.37 14.59
C VAL D 44 -10.45 -18.52 13.62
N GLU D 45 -9.81 -17.95 12.63
CA GLU D 45 -10.54 -17.09 11.69
C GLU D 45 -11.44 -17.95 10.78
N LYS D 46 -11.02 -19.17 10.47
CA LYS D 46 -11.82 -20.06 9.60
C LYS D 46 -13.03 -20.73 10.27
N ASP D 47 -12.96 -20.98 11.57
CA ASP D 47 -13.98 -21.76 12.26
C ASP D 47 -15.09 -20.87 12.86
N ASP D 48 -16.27 -20.94 12.25
CA ASP D 48 -17.42 -20.09 12.65
C ASP D 48 -17.93 -20.38 14.06
N ASN D 49 -17.70 -21.61 14.49
CA ASN D 49 -17.96 -21.99 15.88
C ASN D 49 -17.13 -21.18 16.90
N ILE D 50 -15.93 -20.74 16.53
CA ILE D 50 -15.06 -20.02 17.48
C ILE D 50 -15.38 -18.52 17.46
N ARG D 51 -15.76 -17.99 18.61
CA ARG D 51 -16.08 -16.58 18.74
C ARG D 51 -15.04 -15.80 19.55
N VAL D 52 -14.28 -16.49 20.41
CA VAL D 52 -13.24 -15.88 21.26
C VAL D 52 -12.10 -16.85 21.48
N VAL D 53 -10.89 -16.35 21.66
CA VAL D 53 -9.72 -17.19 21.94
C VAL D 53 -9.13 -16.75 23.27
N VAL D 54 -8.79 -17.72 24.14
CA VAL D 54 -8.02 -17.44 25.35
C VAL D 54 -6.73 -18.23 25.27
N ILE D 55 -5.61 -17.53 25.43
CA ILE D 55 -4.28 -18.12 25.34
C ILE D 55 -3.61 -18.09 26.72
N HIS D 56 -3.13 -19.25 27.17
CA HIS D 56 -2.36 -19.29 28.40
C HIS D 56 -1.24 -20.32 28.26
N GLY D 57 -0.29 -20.31 29.20
CA GLY D 57 0.85 -21.19 29.17
C GLY D 57 0.69 -22.43 30.05
N GLU D 58 1.27 -23.52 29.60
CA GLU D 58 1.45 -24.74 30.42
C GLU D 58 2.64 -24.57 31.35
N GLY D 59 2.55 -25.13 32.56
CA GLY D 59 3.64 -25.07 33.51
C GLY D 59 3.59 -23.77 34.30
N ARG D 60 4.76 -23.35 34.75
CA ARG D 60 4.93 -22.17 35.58
C ARG D 60 4.67 -20.82 34.90
N PHE D 61 4.91 -20.70 33.59
CA PHE D 61 4.86 -19.40 32.91
C PHE D 61 3.87 -19.33 31.77
N PHE D 62 3.44 -18.09 31.47
CA PHE D 62 2.86 -17.79 30.17
C PHE D 62 3.94 -17.98 29.10
N SER D 63 4.99 -17.16 29.15
CA SER D 63 6.18 -17.33 28.30
C SER D 63 7.32 -16.47 28.79
N ALA D 64 8.48 -17.09 29.02
CA ALA D 64 9.63 -16.43 29.59
C ALA D 64 10.54 -15.69 28.56
N GLY D 65 10.25 -15.75 27.27
CA GLY D 65 11.15 -15.12 26.30
C GLY D 65 11.05 -15.67 24.90
N ALA D 66 11.83 -15.08 23.98
CA ALA D 66 12.23 -15.74 22.76
C ALA D 66 13.13 -16.90 23.20
N ASP D 67 13.55 -17.73 22.25
CA ASP D 67 14.34 -18.92 22.55
C ASP D 67 15.80 -18.59 22.35
N ILE D 68 16.56 -18.52 23.44
CA ILE D 68 17.97 -18.16 23.38
C ILE D 68 18.75 -19.02 22.37
N LYS D 69 18.34 -20.28 22.14
CA LYS D 69 19.05 -21.20 21.22
C LYS D 69 19.17 -20.68 19.79
N GLU D 70 18.23 -19.83 19.37
CA GLU D 70 18.26 -19.26 18.01
C GLU D 70 19.05 -17.93 17.90
N PHE D 71 19.64 -17.47 19.00
CA PHE D 71 20.35 -16.18 19.03
C PHE D 71 21.83 -16.32 19.43
N THR D 72 22.40 -17.49 19.19
CA THR D 72 23.77 -17.76 19.62
C THR D 72 24.81 -17.24 18.61
N SER D 73 26.09 -17.41 18.97
CA SER D 73 27.22 -17.06 18.12
C SER D 73 27.11 -17.51 16.64
N VAL D 74 26.43 -18.61 16.36
CA VAL D 74 26.44 -19.18 15.00
C VAL D 74 25.22 -18.73 14.15
N THR D 75 24.46 -17.77 14.67
CA THR D 75 23.46 -17.04 13.88
C THR D 75 24.07 -15.71 13.45
N GLU D 76 23.85 -15.29 12.21
CA GLU D 76 24.38 -14.00 11.69
C GLU D 76 23.29 -12.92 11.54
N ALA D 77 23.69 -11.74 11.06
CA ALA D 77 22.86 -10.52 11.03
C ALA D 77 21.57 -10.67 10.26
N LYS D 78 21.70 -11.19 9.06
CA LYS D 78 20.55 -11.30 8.17
C LYS D 78 19.51 -12.18 8.84
N GLN D 79 19.94 -13.32 9.39
CA GLN D 79 19.03 -14.26 10.02
C GLN D 79 18.42 -13.67 11.29
N ALA D 80 19.22 -12.88 12.02
CA ALA D 80 18.73 -12.20 13.23
C ALA D 80 17.60 -11.23 12.90
N THR D 81 17.80 -10.39 11.89
CA THR D 81 16.74 -9.46 11.44
C THR D 81 15.49 -10.20 10.98
N GLU D 82 15.71 -11.27 10.22
CA GLU D 82 14.63 -12.15 9.77
C GLU D 82 13.86 -12.81 10.91
N LEU D 83 14.58 -13.21 11.96
CA LEU D 83 13.96 -13.80 13.12
C LEU D 83 13.11 -12.74 13.86
N ALA D 84 13.68 -11.57 14.06
CA ALA D 84 12.92 -10.44 14.63
C ALA D 84 11.65 -10.21 13.78
N GLN D 85 11.82 -10.13 12.46
CA GLN D 85 10.64 -9.91 11.58
C GLN D 85 9.60 -11.03 11.65
N LEU D 86 10.04 -12.28 11.85
CA LEU D 86 9.09 -13.37 12.00
C LEU D 86 8.17 -13.15 13.21
N GLY D 87 8.73 -12.78 14.34
CA GLY D 87 7.94 -12.44 15.52
C GLY D 87 7.05 -11.24 15.29
N GLN D 88 7.57 -10.22 14.64
CA GLN D 88 6.76 -9.02 14.32
C GLN D 88 5.56 -9.40 13.47
N VAL D 89 5.82 -10.14 12.38
CA VAL D 89 4.76 -10.55 11.46
C VAL D 89 3.77 -11.44 12.18
N THR D 90 4.28 -12.40 12.95
CA THR D 90 3.37 -13.31 13.70
C THR D 90 2.41 -12.52 14.64
N PHE D 91 2.96 -11.60 15.38
CA PHE D 91 2.19 -10.91 16.40
C PHE D 91 1.26 -9.87 15.75
N GLU D 92 1.64 -9.34 14.58
CA GLU D 92 0.73 -8.46 13.83
C GLU D 92 -0.48 -9.29 13.38
N ARG D 93 -0.26 -10.57 13.01
CA ARG D 93 -1.36 -11.48 12.70
C ARG D 93 -2.36 -11.66 13.84
N VAL D 94 -1.81 -11.85 15.04
CA VAL D 94 -2.60 -12.01 16.25
C VAL D 94 -3.42 -10.78 16.45
N GLU D 95 -2.78 -9.62 16.43
CA GLU D 95 -3.52 -8.34 16.68
C GLU D 95 -4.57 -8.01 15.63
N LYS D 96 -4.31 -8.40 14.37
CA LYS D 96 -5.32 -8.30 13.28
C LYS D 96 -6.41 -9.39 13.25
N CYS D 97 -6.37 -10.35 14.18
CA CYS D 97 -7.34 -11.42 14.20
C CYS D 97 -8.75 -10.84 14.32
N SER D 98 -9.67 -11.32 13.48
CA SER D 98 -11.04 -10.81 13.43
C SER D 98 -11.90 -11.31 14.58
N LYS D 99 -11.37 -12.26 15.35
CA LYS D 99 -12.00 -12.70 16.59
C LYS D 99 -11.18 -12.28 17.80
N PRO D 100 -11.86 -11.87 18.88
CA PRO D 100 -11.15 -11.43 20.11
C PRO D 100 -10.21 -12.48 20.71
N VAL D 101 -8.97 -12.06 20.94
CA VAL D 101 -7.92 -12.88 21.54
C VAL D 101 -7.51 -12.31 22.91
N ILE D 102 -7.61 -13.14 23.93
CA ILE D 102 -7.30 -12.78 25.30
C ILE D 102 -6.08 -13.58 25.74
N ALA D 103 -5.08 -12.92 26.32
CA ALA D 103 -3.92 -13.54 26.93
C ALA D 103 -4.18 -13.68 28.44
N ALA D 104 -4.07 -14.89 28.97
CA ALA D 104 -4.26 -15.10 30.42
C ALA D 104 -2.90 -15.45 30.99
N ILE D 105 -2.30 -14.50 31.71
CA ILE D 105 -0.88 -14.57 32.10
C ILE D 105 -0.73 -14.95 33.57
N HIS D 106 -0.05 -16.07 33.83
CA HIS D 106 0.42 -16.39 35.17
C HIS D 106 1.93 -16.64 35.13
N GLY D 107 2.57 -16.52 36.28
CA GLY D 107 3.97 -16.80 36.40
C GLY D 107 4.82 -15.65 35.89
N ALA D 108 4.96 -15.61 34.58
CA ALA D 108 5.71 -14.52 33.93
C ALA D 108 5.44 -14.45 32.44
N ALA D 109 5.46 -13.22 31.94
CA ALA D 109 5.49 -12.97 30.50
C ALA D 109 6.63 -12.00 30.26
N LEU D 110 7.74 -12.50 29.74
CA LEU D 110 8.97 -11.73 29.64
C LEU D 110 9.49 -11.71 28.22
N GLY D 111 9.96 -10.55 27.80
CA GLY D 111 10.65 -10.45 26.51
C GLY D 111 9.71 -10.82 25.41
N GLY D 112 10.17 -11.70 24.51
CA GLY D 112 9.31 -12.21 23.46
C GLY D 112 7.96 -12.74 23.94
N GLY D 113 7.92 -13.21 25.17
CA GLY D 113 6.66 -13.65 25.82
C GLY D 113 5.68 -12.51 26.05
N LEU D 114 6.20 -11.40 26.54
CA LEU D 114 5.35 -10.20 26.75
C LEU D 114 4.98 -9.57 25.42
N GLU D 115 5.93 -9.56 24.48
CA GLU D 115 5.64 -9.13 23.11
C GLU D 115 4.49 -9.90 22.49
N PHE D 116 4.41 -11.21 22.73
CA PHE D 116 3.26 -12.00 22.33
C PHE D 116 2.00 -11.57 23.05
N ALA D 117 2.05 -11.45 24.39
CA ALA D 117 0.80 -11.13 25.15
C ALA D 117 0.29 -9.78 24.73
N MSE D 118 1.24 -8.90 24.42
CA MSE D 118 0.90 -7.52 24.04
C MSE D 118 0.21 -7.36 22.70
O MSE D 118 -0.42 -6.29 22.45
CB MSE D 118 2.15 -6.67 24.03
CG MSE D 118 2.54 -6.09 25.42
SE MSE D 118 3.97 -4.81 25.49
CE MSE D 118 5.45 -5.71 24.56
N SER D 119 0.34 -8.36 21.82
CA SER D 119 -0.31 -8.40 20.51
C SER D 119 -1.74 -8.93 20.59
N CYS D 120 -2.10 -9.58 21.72
CA CYS D 120 -3.46 -9.98 22.00
C CYS D 120 -4.30 -8.74 22.30
N HIS D 121 -5.61 -8.85 22.17
CA HIS D 121 -6.49 -7.69 22.30
C HIS D 121 -6.68 -7.28 23.75
N MSE D 122 -6.67 -8.27 24.63
CA MSE D 122 -6.85 -8.11 26.08
C MSE D 122 -5.83 -8.97 26.85
O MSE D 122 -5.40 -10.02 26.35
CB MSE D 122 -8.25 -8.52 26.44
CG MSE D 122 -9.32 -7.50 25.93
SE MSE D 122 -11.12 -8.27 25.93
CE MSE D 122 -10.90 -9.38 24.32
N ARG D 123 -5.46 -8.54 28.05
CA ARG D 123 -4.64 -9.35 28.95
C ARG D 123 -5.23 -9.36 30.35
N PHE D 124 -5.27 -10.56 30.94
CA PHE D 124 -5.53 -10.70 32.37
C PHE D 124 -4.35 -11.43 33.00
N ALA D 125 -4.04 -11.09 34.25
CA ALA D 125 -2.87 -11.63 34.92
C ALA D 125 -3.11 -11.87 36.42
N THR D 126 -2.29 -12.74 36.98
CA THR D 126 -2.28 -12.93 38.43
C THR D 126 -1.52 -11.76 39.03
N GLU D 127 -1.80 -11.48 40.29
CA GLU D 127 -1.14 -10.34 40.94
C GLU D 127 0.38 -10.46 41.01
N SER D 128 0.89 -11.68 41.10
CA SER D 128 2.31 -11.98 41.27
C SER D 128 3.04 -12.27 39.97
N ALA D 129 2.31 -12.31 38.86
CA ALA D 129 2.92 -12.55 37.57
C ALA D 129 3.96 -11.44 37.33
N LYS D 130 5.09 -11.78 36.71
CA LYS D 130 6.14 -10.83 36.34
C LYS D 130 6.05 -10.51 34.82
N LEU D 131 5.96 -9.22 34.50
CA LEU D 131 5.86 -8.78 33.09
C LEU D 131 7.02 -7.83 32.81
N GLY D 132 7.76 -8.07 31.73
CA GLY D 132 8.88 -7.18 31.42
C GLY D 132 9.56 -7.45 30.11
N LEU D 133 10.44 -6.52 29.73
CA LEU D 133 11.30 -6.70 28.55
C LEU D 133 12.75 -6.61 28.95
N PRO D 134 13.38 -7.75 29.25
CA PRO D 134 14.74 -7.73 29.76
C PRO D 134 15.81 -7.89 28.70
N GLU D 135 15.48 -7.66 27.45
CA GLU D 135 16.40 -7.94 26.36
C GLU D 135 17.75 -7.20 26.46
N LEU D 136 17.78 -6.02 27.06
CA LEU D 136 19.02 -5.23 27.13
C LEU D 136 20.04 -5.93 28.05
N THR D 137 19.57 -6.79 28.95
CA THR D 137 20.52 -7.65 29.73
C THR D 137 21.44 -8.41 28.81
N LEU D 138 20.93 -8.75 27.63
CA LEU D 138 21.69 -9.53 26.62
C LEU D 138 22.45 -8.64 25.62
N GLY D 139 22.45 -7.33 25.85
CA GLY D 139 22.98 -6.39 24.86
C GLY D 139 22.17 -6.31 23.59
N LEU D 140 20.88 -6.65 23.67
CA LEU D 140 20.00 -6.66 22.50
C LEU D 140 18.86 -5.69 22.75
N ILE D 141 17.99 -5.50 21.76
CA ILE D 141 16.75 -4.79 22.03
C ILE D 141 15.56 -5.76 21.83
N PRO D 142 14.38 -5.41 22.37
CA PRO D 142 13.18 -6.10 21.90
C PRO D 142 13.06 -6.02 20.37
N GLY D 143 12.85 -7.17 19.71
CA GLY D 143 12.75 -7.29 18.28
C GLY D 143 11.41 -7.77 17.73
N PHE D 144 10.46 -8.09 18.61
CA PHE D 144 9.11 -8.50 18.20
C PHE D 144 8.07 -7.38 18.45
N ALA D 145 8.42 -6.16 18.05
CA ALA D 145 7.56 -4.96 18.14
C ALA D 145 7.35 -4.38 19.52
N GLY D 146 7.98 -4.98 20.54
CA GLY D 146 7.94 -4.49 21.90
C GLY D 146 8.28 -3.02 22.07
N THR D 147 9.25 -2.50 21.30
CA THR D 147 9.66 -1.09 21.45
C THR D 147 8.55 -0.13 21.01
N GLN D 148 7.64 -0.62 20.21
CA GLN D 148 6.48 0.14 19.76
C GLN D 148 5.21 -0.12 20.58
N ARG D 149 4.91 -1.39 20.89
CA ARG D 149 3.69 -1.72 21.60
C ARG D 149 3.80 -1.27 23.08
N LEU D 150 4.94 -1.44 23.73
CA LEU D 150 4.97 -1.18 25.19
C LEU D 150 4.70 0.25 25.55
N PRO D 151 5.36 1.24 24.90
CA PRO D 151 5.00 2.64 25.26
C PRO D 151 3.60 3.06 24.94
N ARG D 152 3.01 2.41 23.96
CA ARG D 152 1.59 2.70 23.62
C ARG D 152 0.62 2.13 24.67
N TYR D 153 1.07 1.21 25.51
CA TYR D 153 0.30 0.76 26.68
C TYR D 153 0.61 1.58 27.92
N VAL D 154 1.90 1.63 28.32
CA VAL D 154 2.28 2.16 29.61
C VAL D 154 2.76 3.62 29.64
N GLY D 155 2.88 4.23 28.45
CA GLY D 155 3.52 5.52 28.22
C GLY D 155 4.99 5.40 27.97
N LYS D 156 5.52 6.35 27.21
CA LYS D 156 6.91 6.39 26.81
C LYS D 156 7.86 6.30 27.99
N ALA D 157 7.52 6.98 29.08
CA ALA D 157 8.44 7.05 30.24
C ALA D 157 8.62 5.72 30.96
N LYS D 158 7.51 5.09 31.28
CA LYS D 158 7.51 3.77 31.98
C LYS D 158 8.14 2.72 31.06
N ALA D 159 7.87 2.79 29.77
CA ALA D 159 8.41 1.85 28.78
C ALA D 159 9.92 2.00 28.70
N CYS D 160 10.37 3.25 28.68
CA CYS D 160 11.79 3.55 28.73
C CYS D 160 12.47 2.95 29.96
N GLU D 161 11.91 3.19 31.14
CA GLU D 161 12.42 2.63 32.38
C GLU D 161 12.47 1.10 32.33
N MSE D 162 11.41 0.47 31.85
CA MSE D 162 11.34 -1.01 31.81
C MSE D 162 12.41 -1.60 30.91
O MSE D 162 13.08 -2.56 31.29
CB MSE D 162 9.93 -1.49 31.38
CG MSE D 162 8.90 -1.26 32.48
SE MSE D 162 7.06 -1.63 31.92
CE MSE D 162 7.29 -3.60 31.78
N MSE D 163 12.60 -0.98 29.74
CA MSE D 163 13.59 -1.47 28.81
C MSE D 163 15.03 -1.20 29.25
O MSE D 163 15.93 -2.04 29.06
CB MSE D 163 13.30 -0.91 27.44
CG MSE D 163 12.03 -1.47 26.84
SE MSE D 163 11.76 -1.04 24.94
CE MSE D 163 10.87 0.64 25.18
N LEU D 164 15.24 -0.05 29.85
CA LEU D 164 16.62 0.35 30.21
C LEU D 164 17.08 -0.31 31.50
N THR D 165 16.17 -0.60 32.44
CA THR D 165 16.53 -1.32 33.65
C THR D 165 16.44 -2.83 33.51
N SER D 166 15.59 -3.30 32.58
CA SER D 166 15.27 -4.72 32.40
C SER D 166 14.43 -5.33 33.52
N THR D 167 14.06 -4.55 34.54
CA THR D 167 13.35 -5.05 35.70
C THR D 167 11.88 -5.28 35.32
N PRO D 168 11.32 -6.45 35.67
CA PRO D 168 9.93 -6.67 35.36
C PRO D 168 9.01 -6.03 36.40
N ILE D 169 7.74 -5.87 36.07
CA ILE D 169 6.76 -5.35 37.02
C ILE D 169 5.80 -6.50 37.32
N THR D 170 5.13 -6.42 38.46
CA THR D 170 4.16 -7.41 38.82
C THR D 170 2.86 -7.23 38.06
N GLY D 171 2.02 -8.25 38.08
CA GLY D 171 0.67 -8.14 37.51
C GLY D 171 -0.13 -6.96 38.08
N ALA D 172 -0.06 -6.75 39.39
CA ALA D 172 -0.75 -5.61 40.06
C ALA D 172 -0.28 -4.24 39.51
N GLU D 173 1.04 -4.10 39.38
CA GLU D 173 1.62 -2.91 38.75
C GLU D 173 1.26 -2.78 37.28
N ALA D 174 1.30 -3.88 36.54
CA ALA D 174 0.92 -3.84 35.11
C ALA D 174 -0.52 -3.35 34.95
N LEU D 175 -1.38 -3.72 35.91
CA LEU D 175 -2.75 -3.19 35.91
C LEU D 175 -2.74 -1.67 36.13
N LYS D 176 -2.00 -1.19 37.12
CA LYS D 176 -1.91 0.25 37.37
C LYS D 176 -1.48 1.01 36.12
N TRP D 177 -0.50 0.47 35.40
CA TRP D 177 0.11 1.15 34.26
C TRP D 177 -0.60 0.92 32.94
N GLY D 178 -1.64 0.10 32.92
CA GLY D 178 -2.40 -0.15 31.68
C GLY D 178 -1.82 -1.19 30.76
N LEU D 179 -0.97 -2.05 31.31
CA LEU D 179 -0.40 -3.12 30.51
C LEU D 179 -1.26 -4.42 30.53
N VAL D 180 -2.15 -4.57 31.51
CA VAL D 180 -3.16 -5.62 31.54
C VAL D 180 -4.49 -4.98 31.86
N ASN D 181 -5.55 -5.70 31.54
CA ASN D 181 -6.94 -5.33 31.80
C ASN D 181 -7.39 -5.54 33.19
N GLY D 182 -6.88 -6.58 33.83
CA GLY D 182 -7.40 -6.99 35.16
C GLY D 182 -6.53 -8.06 35.73
N VAL D 183 -6.70 -8.30 37.02
CA VAL D 183 -5.96 -9.32 37.74
C VAL D 183 -6.98 -10.22 38.40
N PHE D 184 -6.68 -11.52 38.42
CA PHE D 184 -7.51 -12.48 39.14
C PHE D 184 -6.67 -13.33 40.08
N ALA D 185 -7.32 -13.96 41.08
CA ALA D 185 -6.61 -14.83 42.02
C ALA D 185 -5.99 -15.99 41.27
N GLU D 186 -4.80 -16.43 41.68
CA GLU D 186 -4.14 -17.61 41.07
C GLU D 186 -5.07 -18.83 41.05
N GLU D 187 -5.88 -18.96 42.08
CA GLU D 187 -6.65 -20.18 42.34
C GLU D 187 -7.73 -20.38 41.25
N THR D 188 -8.28 -19.28 40.75
CA THR D 188 -9.41 -19.30 39.82
C THR D 188 -9.15 -18.49 38.55
N PHE D 189 -7.88 -18.19 38.30
CA PHE D 189 -7.46 -17.35 37.22
C PHE D 189 -7.95 -17.70 35.81
N LEU D 190 -7.69 -18.93 35.37
CA LEU D 190 -8.19 -19.35 34.04
C LEU D 190 -9.72 -19.27 33.94
N ASP D 191 -10.43 -19.73 34.97
CA ASP D 191 -11.91 -19.77 34.93
C ASP D 191 -12.52 -18.36 34.99
N ASP D 192 -11.92 -17.46 35.77
CA ASP D 192 -12.33 -16.06 35.81
C ASP D 192 -12.11 -15.39 34.44
N THR D 193 -11.00 -15.72 33.80
CA THR D 193 -10.75 -15.22 32.45
C THR D 193 -11.76 -15.79 31.45
N LEU D 194 -12.12 -17.05 31.63
CA LEU D 194 -13.11 -17.68 30.77
C LEU D 194 -14.49 -17.05 30.94
N LYS D 195 -14.80 -16.52 32.11
CA LYS D 195 -16.07 -15.84 32.35
C LYS D 195 -16.17 -14.57 31.49
N VAL D 196 -15.04 -13.94 31.26
CA VAL D 196 -15.00 -12.75 30.40
C VAL D 196 -15.20 -13.21 28.97
N ALA D 197 -14.47 -14.25 28.56
CA ALA D 197 -14.60 -14.83 27.22
C ALA D 197 -16.07 -15.19 26.89
N LYS D 198 -16.76 -15.74 27.88
CA LYS D 198 -18.16 -16.17 27.71
C LYS D 198 -19.08 -14.97 27.47
N GLN D 199 -18.87 -13.86 28.19
CA GLN D 199 -19.70 -12.65 27.98
C GLN D 199 -19.50 -12.13 26.55
N ILE D 200 -18.26 -12.16 26.08
CA ILE D 200 -17.91 -11.70 24.76
C ILE D 200 -18.46 -12.62 23.68
N ALA D 201 -18.45 -13.93 23.94
CA ALA D 201 -18.97 -14.88 22.97
C ALA D 201 -20.48 -14.73 22.73
N GLY D 202 -21.19 -14.10 23.67
CA GLY D 202 -22.62 -13.79 23.49
C GLY D 202 -22.98 -12.66 22.50
N LYS D 203 -21.98 -11.92 22.01
CA LYS D 203 -22.21 -10.79 21.11
C LYS D 203 -22.29 -11.20 19.64
N SER D 204 -22.96 -10.38 18.81
CA SER D 204 -23.04 -10.73 17.41
C SER D 204 -21.66 -10.59 16.78
N PRO D 205 -21.23 -11.59 16.00
CA PRO D 205 -19.89 -11.56 15.41
C PRO D 205 -19.56 -10.31 14.64
N ALA D 206 -20.52 -9.78 13.87
CA ALA D 206 -20.28 -8.57 13.11
C ALA D 206 -19.92 -7.39 14.00
N THR D 207 -20.56 -7.27 15.16
CA THR D 207 -20.22 -6.20 16.11
C THR D 207 -18.87 -6.41 16.75
N ALA D 208 -18.50 -7.65 17.09
CA ALA D 208 -17.21 -7.88 17.69
C ALA D 208 -16.12 -7.56 16.69
N ARG D 209 -16.29 -8.04 15.47
CA ARG D 209 -15.38 -7.73 14.36
C ARG D 209 -15.23 -6.20 14.15
N ALA D 210 -16.35 -5.51 14.16
CA ALA D 210 -16.36 -4.05 14.01
C ALA D 210 -15.52 -3.35 15.11
N VAL D 211 -15.73 -3.73 16.36
CA VAL D 211 -14.99 -3.18 17.48
C VAL D 211 -13.51 -3.42 17.30
N LEU D 212 -13.09 -4.65 17.00
CA LEU D 212 -11.68 -4.93 16.74
C LEU D 212 -11.08 -4.06 15.66
N GLU D 213 -11.76 -3.93 14.53
CA GLU D 213 -11.25 -3.12 13.44
C GLU D 213 -11.11 -1.64 13.84
N LEU D 214 -12.13 -1.13 14.50
CA LEU D 214 -12.15 0.30 14.87
C LEU D 214 -11.08 0.64 15.92
N LEU D 215 -10.66 -0.34 16.73
CA LEU D 215 -9.60 -0.13 17.70
C LEU D 215 -8.23 -0.02 17.05
N GLN D 216 -8.09 -0.42 15.79
CA GLN D 216 -6.78 -0.42 15.12
C GLN D 216 -6.34 0.96 14.61
N THR D 217 -7.21 1.96 14.72
CA THR D 217 -6.87 3.27 14.24
C THR D 217 -5.73 3.97 14.99
N THR D 218 -5.26 3.46 16.13
CA THR D 218 -4.08 4.04 16.74
C THR D 218 -2.83 3.47 16.17
N LYS D 219 -2.93 2.52 15.27
CA LYS D 219 -1.73 2.03 14.62
C LYS D 219 -1.37 2.88 13.41
N SER D 220 -0.55 3.90 13.67
CA SER D 220 -0.17 4.94 12.73
C SER D 220 0.94 4.50 11.80
N SER D 221 1.22 5.30 10.78
CA SER D 221 2.40 5.05 9.99
C SER D 221 3.70 5.23 10.78
N HIS D 222 3.72 6.11 11.78
CA HIS D 222 4.88 6.19 12.66
C HIS D 222 5.15 4.89 13.42
N TYR D 223 4.08 4.22 13.88
CA TYR D 223 4.14 2.93 14.53
C TYR D 223 4.78 1.90 13.57
N TYR D 224 4.21 1.82 12.39
CA TYR D 224 4.63 0.79 11.47
C TYR D 224 6.09 0.99 11.07
N GLU D 225 6.51 2.24 10.83
CA GLU D 225 7.89 2.53 10.51
C GLU D 225 8.82 2.24 11.69
N GLY D 226 8.35 2.49 12.90
CA GLY D 226 9.08 2.12 14.11
C GLY D 226 9.35 0.63 14.19
N VAL D 227 8.35 -0.17 13.86
CA VAL D 227 8.53 -1.63 13.81
C VAL D 227 9.62 -1.99 12.77
N GLN D 228 9.62 -1.31 11.60
CA GLN D 228 10.65 -1.52 10.56
C GLN D 228 12.05 -1.18 11.08
N ARG D 229 12.13 -0.02 11.74
CA ARG D 229 13.41 0.44 12.31
C ARG D 229 13.88 -0.51 13.43
N GLU D 230 12.95 -1.01 14.23
CA GLU D 230 13.31 -1.94 15.30
C GLU D 230 14.01 -3.20 14.76
N ALA D 231 13.48 -3.76 13.68
CA ALA D 231 14.06 -4.96 13.10
C ALA D 231 15.43 -4.67 12.55
N GLN D 232 15.59 -3.50 11.93
CA GLN D 232 16.89 -3.14 11.34
C GLN D 232 17.91 -3.01 12.47
N ILE D 233 17.55 -2.25 13.50
CA ILE D 233 18.44 -2.06 14.65
C ILE D 233 18.78 -3.39 15.35
N PHE D 234 17.78 -4.25 15.52
CA PHE D 234 17.95 -5.50 16.22
C PHE D 234 19.09 -6.28 15.59
N GLY D 235 19.08 -6.35 14.26
CA GLY D 235 20.12 -7.06 13.54
C GLY D 235 21.50 -6.43 13.74
N GLU D 236 21.57 -5.09 13.72
CA GLU D 236 22.83 -4.36 13.96
C GLU D 236 23.37 -4.60 15.35
N VAL D 237 22.51 -4.46 16.36
CA VAL D 237 23.00 -4.67 17.72
C VAL D 237 23.36 -6.13 17.91
N PHE D 238 22.59 -7.02 17.29
CA PHE D 238 22.82 -8.47 17.44
C PHE D 238 24.23 -8.88 17.02
N THR D 239 24.68 -8.34 15.88
CA THR D 239 26.03 -8.76 15.36
C THR D 239 27.19 -7.92 15.86
N SER D 240 26.89 -6.84 16.58
CA SER D 240 27.91 -5.98 17.19
C SER D 240 28.69 -6.70 18.30
N GLU D 241 29.85 -6.14 18.66
CA GLU D 241 30.67 -6.75 19.68
C GLU D 241 29.91 -6.85 20.99
N ASP D 242 29.21 -5.76 21.36
CA ASP D 242 28.48 -5.73 22.60
C ASP D 242 27.31 -6.71 22.61
N GLY D 243 26.64 -6.89 21.47
CA GLY D 243 25.52 -7.83 21.38
C GLY D 243 26.00 -9.26 21.50
N ARG D 244 27.12 -9.57 20.84
CA ARG D 244 27.74 -10.90 20.99
C ARG D 244 28.13 -11.18 22.44
N GLU D 245 28.73 -10.18 23.10
CA GLU D 245 29.17 -10.29 24.49
C GLU D 245 27.98 -10.41 25.45
N GLY D 246 26.92 -9.64 25.20
CA GLY D 246 25.73 -9.76 26.03
C GLY D 246 25.15 -11.17 26.06
N VAL D 247 25.08 -11.81 24.89
CA VAL D 247 24.49 -13.14 24.80
C VAL D 247 25.45 -14.19 25.38
N ALA D 248 26.72 -14.12 25.01
CA ALA D 248 27.75 -15.02 25.57
C ALA D 248 27.83 -14.91 27.10
N ALA D 249 27.75 -13.68 27.66
CA ALA D 249 27.79 -13.49 29.11
C ALA D 249 26.62 -14.17 29.81
N PHE D 250 25.41 -13.98 29.27
CA PHE D 250 24.21 -14.65 29.79
C PHE D 250 24.37 -16.18 29.80
N LEU D 251 24.84 -16.73 28.67
CA LEU D 251 25.05 -18.18 28.55
C LEU D 251 26.16 -18.69 29.45
N GLU D 252 27.14 -17.85 29.78
CA GLU D 252 28.24 -18.18 30.70
C GLU D 252 27.96 -17.73 32.13
N LYS D 253 26.74 -17.27 32.41
CA LYS D 253 26.32 -16.90 33.77
C LYS D 253 27.28 -15.92 34.41
N ARG D 254 27.58 -14.84 33.70
CA ARG D 254 28.46 -13.78 34.19
C ARG D 254 27.89 -12.42 33.77
N LYS D 255 28.55 -11.36 34.23
CA LYS D 255 28.12 -10.00 33.92
C LYS D 255 28.79 -9.56 32.63
N PRO D 256 28.00 -8.99 31.69
CA PRO D 256 28.62 -8.56 30.44
C PRO D 256 29.52 -7.34 30.60
N SER D 257 30.53 -7.25 29.75
CA SER D 257 31.42 -6.11 29.71
C SER D 257 31.20 -5.38 28.38
N PHE D 258 30.44 -4.29 28.42
CA PHE D 258 30.14 -3.52 27.21
C PHE D 258 31.12 -2.37 27.00
N SER D 259 31.56 -2.18 25.76
CA SER D 259 32.54 -1.15 25.43
C SER D 259 32.12 -0.24 24.26
N GLY D 260 30.83 -0.14 23.97
CA GLY D 260 30.27 1.04 23.26
C GLY D 260 30.70 1.24 21.84
N MSE E 4 -36.44 27.61 22.26
CA MSE E 4 -35.14 27.33 21.54
C MSE E 4 -34.55 25.97 21.85
O MSE E 4 -34.19 25.23 20.95
CB MSE E 4 -34.08 28.38 21.91
CG MSE E 4 -34.05 29.62 21.00
SE MSE E 4 -32.21 30.12 20.43
CE MSE E 4 -31.77 28.61 19.24
N LEU E 5 -34.40 25.68 23.14
CA LEU E 5 -33.89 24.39 23.57
C LEU E 5 -35.05 23.62 24.21
N LYS E 6 -35.38 22.45 23.66
CA LYS E 6 -36.50 21.68 24.19
C LYS E 6 -36.14 20.91 25.48
N PHE E 7 -35.00 20.23 25.46
CA PHE E 7 -34.64 19.28 26.50
C PHE E 7 -33.36 19.66 27.28
N LEU E 8 -32.86 20.86 27.02
CA LEU E 8 -31.79 21.46 27.77
C LEU E 8 -32.29 22.79 28.31
N SER E 9 -31.97 23.06 29.56
CA SER E 9 -32.15 24.40 30.05
C SER E 9 -30.76 24.85 30.47
N VAL E 10 -30.54 26.16 30.32
CA VAL E 10 -29.26 26.76 30.58
C VAL E 10 -29.51 27.99 31.45
N ARG E 11 -28.78 28.05 32.58
CA ARG E 11 -28.78 29.16 33.50
C ARG E 11 -27.34 29.62 33.68
N VAL E 12 -27.10 30.90 33.37
CA VAL E 12 -25.78 31.50 33.53
C VAL E 12 -25.74 32.22 34.87
N GLU E 13 -24.75 31.86 35.69
CA GLU E 13 -24.53 32.58 36.95
C GLU E 13 -23.04 32.66 37.16
N ASP E 14 -22.56 33.89 37.36
CA ASP E 14 -21.16 34.12 37.67
C ASP E 14 -20.26 33.49 36.59
N HIS E 15 -20.66 33.69 35.34
CA HIS E 15 -19.90 33.26 34.15
C HIS E 15 -19.87 31.76 33.90
N ILE E 16 -20.61 31.00 34.70
CA ILE E 16 -20.77 29.57 34.51
C ILE E 16 -22.17 29.32 33.95
N ALA E 17 -22.21 28.77 32.75
CA ALA E 17 -23.43 28.29 32.16
C ALA E 17 -23.67 26.87 32.69
N VAL E 18 -24.73 26.70 33.48
CA VAL E 18 -25.11 25.39 33.98
C VAL E 18 -26.20 24.91 33.03
N ALA E 19 -25.88 23.88 32.25
CA ALA E 19 -26.83 23.28 31.33
C ALA E 19 -27.35 21.95 31.89
N THR E 20 -28.66 21.87 32.06
CA THR E 20 -29.31 20.69 32.62
C THR E 20 -30.06 19.95 31.50
N LEU E 21 -29.64 18.71 31.22
CA LEU E 21 -30.35 17.82 30.30
C LEU E 21 -31.55 17.19 31.00
N ASN E 22 -32.73 17.34 30.39
CA ASN E 22 -33.98 16.80 30.95
C ASN E 22 -34.85 16.26 29.83
N HIS E 23 -34.52 15.05 29.40
CA HIS E 23 -35.31 14.35 28.41
C HIS E 23 -35.80 13.07 29.06
N ALA E 24 -36.98 13.18 29.68
CA ALA E 24 -37.50 12.13 30.56
C ALA E 24 -37.69 10.81 29.82
N PRO E 25 -37.46 9.66 30.48
CA PRO E 25 -37.09 9.46 31.88
C PRO E 25 -35.60 9.22 32.14
N ALA E 26 -34.83 9.05 31.06
CA ALA E 26 -33.45 8.58 31.15
C ALA E 26 -32.43 9.50 30.43
N ASN E 27 -32.90 10.68 29.99
CA ASN E 27 -32.06 11.67 29.35
C ASN E 27 -31.39 11.12 28.10
N ALA E 28 -32.18 10.37 27.33
CA ALA E 28 -31.72 9.79 26.08
C ALA E 28 -31.31 10.84 25.06
N MSE E 29 -30.23 10.57 24.33
CA MSE E 29 -29.69 11.52 23.36
C MSE E 29 -30.44 11.37 22.02
O MSE E 29 -29.93 10.77 21.11
CB MSE E 29 -28.16 11.34 23.15
CG MSE E 29 -27.21 11.36 24.43
SE MSE E 29 -27.45 12.97 25.46
CE MSE E 29 -26.68 14.12 24.10
N SER E 30 -31.62 11.97 21.89
CA SER E 30 -32.38 11.96 20.63
C SER E 30 -31.90 13.05 19.67
N SER E 31 -32.34 12.96 18.41
CA SER E 31 -32.08 13.97 17.39
C SER E 31 -32.38 15.36 17.92
N GLN E 32 -33.48 15.53 18.63
CA GLN E 32 -33.84 16.88 19.13
C GLN E 32 -32.83 17.33 20.18
N VAL E 33 -32.39 16.43 21.03
CA VAL E 33 -31.38 16.71 22.02
C VAL E 33 -30.07 17.09 21.32
N MSE E 34 -29.75 16.44 20.18
CA MSE E 34 -28.55 16.78 19.44
C MSE E 34 -28.63 18.20 18.96
O MSE E 34 -27.70 18.93 19.08
CB MSE E 34 -28.27 15.82 18.29
CG MSE E 34 -28.17 14.36 18.74
SE MSE E 34 -26.56 14.13 19.85
CE MSE E 34 -26.40 12.15 19.72
N HIS E 35 -29.78 18.57 18.41
N HIS E 35 -29.77 18.61 18.44
CA HIS E 35 -30.00 19.94 17.92
CA HIS E 35 -29.88 19.97 17.91
C HIS E 35 -29.85 20.93 19.08
C HIS E 35 -29.93 21.00 19.06
N ASP E 36 -30.41 20.59 20.24
CA ASP E 36 -30.31 21.42 21.43
C ASP E 36 -28.84 21.62 21.86
N VAL E 37 -28.05 20.57 21.79
CA VAL E 37 -26.63 20.63 22.18
C VAL E 37 -25.84 21.56 21.22
N THR E 38 -26.12 21.45 19.93
CA THR E 38 -25.49 22.31 18.92
C THR E 38 -25.84 23.79 19.21
N GLU E 39 -27.08 24.01 19.49
CA GLU E 39 -27.55 25.36 19.87
C GLU E 39 -26.92 25.86 21.17
N LEU E 40 -26.75 24.99 22.15
CA LEU E 40 -26.09 25.35 23.40
C LEU E 40 -24.66 25.76 23.12
N ILE E 41 -23.94 25.01 22.27
CA ILE E 41 -22.55 25.36 22.00
C ILE E 41 -22.46 26.70 21.28
N ASP E 42 -23.33 26.96 20.30
CA ASP E 42 -23.35 28.26 19.64
C ASP E 42 -23.63 29.41 20.62
N GLN E 43 -24.61 29.22 21.49
CA GLN E 43 -24.97 30.20 22.52
C GLN E 43 -23.81 30.47 23.45
N VAL E 44 -23.17 29.41 23.93
CA VAL E 44 -21.98 29.49 24.75
C VAL E 44 -20.84 30.27 24.12
N GLU E 45 -20.52 30.01 22.85
CA GLU E 45 -19.39 30.63 22.23
C GLU E 45 -19.68 32.08 22.04
N LYS E 46 -20.93 32.40 21.77
CA LYS E 46 -21.27 33.77 21.44
C LYS E 46 -21.57 34.66 22.60
N ASP E 47 -21.98 34.11 23.72
CA ASP E 47 -22.36 34.92 24.90
C ASP E 47 -21.07 35.25 25.66
N ASP E 48 -20.60 36.48 25.49
CA ASP E 48 -19.41 37.01 26.17
C ASP E 48 -19.45 36.89 27.71
N ASN E 49 -20.64 36.71 28.27
CA ASN E 49 -20.75 36.53 29.72
C ASN E 49 -20.39 35.15 30.18
N ILE E 50 -20.44 34.18 29.27
CA ILE E 50 -20.14 32.78 29.62
C ILE E 50 -18.66 32.53 29.43
N ARG E 51 -18.03 31.89 30.43
CA ARG E 51 -16.65 31.47 30.39
C ARG E 51 -16.45 29.94 30.51
N VAL E 52 -17.41 29.25 31.08
CA VAL E 52 -17.32 27.78 31.26
C VAL E 52 -18.73 27.21 31.29
N VAL E 53 -18.88 25.94 30.88
CA VAL E 53 -20.17 25.31 30.87
C VAL E 53 -20.05 24.09 31.73
N VAL E 54 -21.06 23.84 32.55
CA VAL E 54 -21.12 22.58 33.29
C VAL E 54 -22.43 21.92 32.84
N ILE E 55 -22.33 20.69 32.35
CA ILE E 55 -23.51 19.95 31.87
C ILE E 55 -23.80 18.80 32.82
N HIS E 56 -25.05 18.67 33.26
CA HIS E 56 -25.44 17.56 34.11
C HIS E 56 -26.86 17.10 33.75
N GLY E 57 -27.25 15.94 34.25
CA GLY E 57 -28.56 15.38 33.97
C GLY E 57 -29.53 15.67 35.10
N GLU E 58 -30.76 15.96 34.74
CA GLU E 58 -31.87 16.00 35.69
C GLU E 58 -32.26 14.58 36.06
N GLY E 59 -32.67 14.35 37.30
CA GLY E 59 -33.19 13.06 37.73
C GLY E 59 -32.06 12.15 38.15
N ARG E 60 -32.21 10.85 37.89
CA ARG E 60 -31.26 9.90 38.44
C ARG E 60 -29.99 9.68 37.66
N PHE E 61 -29.98 10.09 36.39
CA PHE E 61 -28.86 9.81 35.46
C PHE E 61 -28.36 11.04 34.74
N PHE E 62 -27.07 11.04 34.38
CA PHE E 62 -26.53 11.94 33.35
C PHE E 62 -27.25 11.68 32.02
N SER E 63 -27.12 10.47 31.52
CA SER E 63 -27.82 10.02 30.31
C SER E 63 -27.60 8.53 30.16
N ALA E 64 -28.70 7.78 30.01
CA ALA E 64 -28.62 6.32 29.91
C ALA E 64 -28.41 5.78 28.49
N GLY E 65 -28.39 6.64 27.48
CA GLY E 65 -28.04 6.20 26.11
C GLY E 65 -28.56 7.10 25.01
N ALA E 66 -28.40 6.65 23.77
CA ALA E 66 -29.14 7.14 22.64
C ALA E 66 -30.63 6.85 22.85
N ASP E 67 -31.48 7.51 22.08
CA ASP E 67 -32.92 7.25 22.16
C ASP E 67 -33.25 6.04 21.33
N ILE E 68 -33.40 4.88 21.99
CA ILE E 68 -33.57 3.65 21.26
C ILE E 68 -34.98 3.63 20.62
N LYS E 69 -35.97 4.24 21.24
CA LYS E 69 -37.28 4.38 20.62
C LYS E 69 -37.19 5.11 19.27
N GLU E 70 -36.45 6.21 19.25
CA GLU E 70 -36.22 6.92 18.00
C GLU E 70 -35.46 6.05 17.02
N PHE E 71 -34.56 5.22 17.51
CA PHE E 71 -33.93 4.22 16.66
C PHE E 71 -34.95 3.40 15.83
N THR E 72 -36.05 3.02 16.47
CA THR E 72 -37.07 2.22 15.79
C THR E 72 -37.90 3.00 14.76
N SER E 73 -37.62 4.30 14.55
CA SER E 73 -38.20 5.04 13.45
C SER E 73 -37.40 4.92 12.15
N VAL E 74 -36.26 4.25 12.21
CA VAL E 74 -35.37 4.11 11.08
C VAL E 74 -35.77 2.95 10.23
N THR E 75 -35.89 3.20 8.94
CA THR E 75 -36.34 2.18 7.98
C THR E 75 -35.25 1.71 6.98
N GLU E 76 -34.05 2.30 6.99
CA GLU E 76 -32.95 1.94 6.04
C GLU E 76 -31.57 2.23 6.63
N ALA E 77 -30.55 1.48 6.20
CA ALA E 77 -29.14 1.66 6.61
C ALA E 77 -28.67 3.13 6.51
N LYS E 78 -29.03 3.79 5.42
CA LYS E 78 -28.65 5.17 5.19
C LYS E 78 -29.10 6.12 6.31
N GLN E 79 -30.36 6.00 6.75
CA GLN E 79 -30.88 6.79 7.87
C GLN E 79 -30.17 6.51 9.19
N ALA E 80 -29.79 5.27 9.44
CA ALA E 80 -29.13 4.93 10.66
C ALA E 80 -27.72 5.52 10.62
N THR E 81 -27.07 5.47 9.46
CA THR E 81 -25.75 6.10 9.30
C THR E 81 -25.87 7.61 9.49
N GLU E 82 -26.93 8.22 8.98
CA GLU E 82 -27.15 9.64 9.18
C GLU E 82 -27.41 10.03 10.64
N LEU E 83 -28.09 9.18 11.40
CA LEU E 83 -28.33 9.47 12.83
C LEU E 83 -27.04 9.35 13.63
N ALA E 84 -26.23 8.35 13.31
CA ALA E 84 -24.88 8.25 13.86
C ALA E 84 -24.07 9.50 13.58
N GLN E 85 -24.08 9.94 12.32
CA GLN E 85 -23.32 11.08 11.93
C GLN E 85 -23.81 12.30 12.66
N LEU E 86 -25.11 12.40 12.91
CA LEU E 86 -25.64 13.59 13.58
C LEU E 86 -25.05 13.67 14.98
N GLY E 87 -24.98 12.54 15.68
CA GLY E 87 -24.41 12.54 17.00
C GLY E 87 -22.93 12.84 16.98
N GLN E 88 -22.19 12.31 15.97
CA GLN E 88 -20.79 12.54 15.83
C GLN E 88 -20.49 14.00 15.60
N VAL E 89 -21.20 14.60 14.66
CA VAL E 89 -21.02 16.02 14.32
C VAL E 89 -21.34 16.91 15.54
N THR E 90 -22.45 16.61 16.22
CA THR E 90 -22.85 17.35 17.41
C THR E 90 -21.75 17.28 18.51
N PHE E 91 -21.25 16.09 18.79
CA PHE E 91 -20.25 15.93 19.78
C PHE E 91 -18.91 16.52 19.33
N GLU E 92 -18.63 16.58 18.02
CA GLU E 92 -17.36 17.19 17.57
C GLU E 92 -17.46 18.72 17.83
N ARG E 93 -18.65 19.29 17.69
CA ARG E 93 -18.87 20.73 17.94
C ARG E 93 -18.66 21.03 19.43
N VAL E 94 -19.05 20.10 20.31
CA VAL E 94 -18.80 20.24 21.76
C VAL E 94 -17.29 20.22 22.00
N GLU E 95 -16.62 19.20 21.46
CA GLU E 95 -15.19 19.07 21.71
C GLU E 95 -14.39 20.22 21.13
N LYS E 96 -14.85 20.79 20.02
CA LYS E 96 -14.22 21.98 19.43
C LYS E 96 -14.65 23.32 20.04
N CYS E 97 -15.53 23.29 21.01
CA CYS E 97 -15.97 24.48 21.68
C CYS E 97 -14.78 25.28 22.21
N SER E 98 -14.77 26.61 21.97
CA SER E 98 -13.64 27.42 22.34
C SER E 98 -13.74 27.87 23.83
N LYS E 99 -14.82 27.49 24.51
CA LYS E 99 -14.95 27.65 25.96
C LYS E 99 -15.00 26.28 26.63
N PRO E 100 -14.40 26.15 27.82
CA PRO E 100 -14.31 24.84 28.52
C PRO E 100 -15.69 24.29 28.91
N VAL E 101 -15.85 23.00 28.63
CA VAL E 101 -17.08 22.29 28.88
C VAL E 101 -16.76 21.10 29.80
N ILE E 102 -17.47 21.08 30.93
CA ILE E 102 -17.34 20.03 31.93
C ILE E 102 -18.60 19.22 32.04
N ALA E 103 -18.49 17.90 31.96
CA ALA E 103 -19.60 17.00 32.22
C ALA E 103 -19.54 16.59 33.70
N ALA E 104 -20.67 16.75 34.40
CA ALA E 104 -20.76 16.38 35.77
C ALA E 104 -21.72 15.18 35.81
N ILE E 105 -21.15 13.99 36.00
CA ILE E 105 -21.89 12.74 35.89
C ILE E 105 -22.24 12.12 37.25
N HIS E 106 -23.53 11.97 37.51
CA HIS E 106 -24.03 11.08 38.58
C HIS E 106 -24.96 9.99 38.02
N GLY E 107 -25.12 8.90 38.79
CA GLY E 107 -26.00 7.79 38.43
C GLY E 107 -25.44 6.88 37.37
N ALA E 108 -25.51 7.37 36.12
CA ALA E 108 -24.97 6.65 34.96
C ALA E 108 -24.74 7.55 33.74
N ALA E 109 -23.72 7.21 32.96
CA ALA E 109 -23.53 7.76 31.65
C ALA E 109 -23.21 6.55 30.78
N LEU E 110 -24.21 6.12 30.00
CA LEU E 110 -24.15 4.87 29.25
C LEU E 110 -24.42 5.09 27.78
N GLY E 111 -23.68 4.36 26.94
CA GLY E 111 -23.86 4.40 25.52
C GLY E 111 -23.74 5.79 25.00
N GLY E 112 -24.76 6.24 24.27
CA GLY E 112 -24.75 7.61 23.70
C GLY E 112 -24.49 8.68 24.77
N GLY E 113 -24.94 8.41 26.02
CA GLY E 113 -24.72 9.31 27.15
C GLY E 113 -23.24 9.45 27.53
N LEU E 114 -22.56 8.32 27.56
CA LEU E 114 -21.09 8.36 27.77
C LEU E 114 -20.42 9.02 26.59
N GLU E 115 -20.87 8.77 25.37
CA GLU E 115 -20.29 9.39 24.17
C GLU E 115 -20.41 10.91 24.21
N PHE E 116 -21.51 11.38 24.74
CA PHE E 116 -21.74 12.82 25.01
C PHE E 116 -20.70 13.37 25.99
N ALA E 117 -20.59 12.69 27.14
CA ALA E 117 -19.70 13.09 28.21
C ALA E 117 -18.26 13.05 27.73
N MSE E 118 -17.92 12.05 26.90
CA MSE E 118 -16.57 11.91 26.38
C MSE E 118 -16.12 13.04 25.45
O MSE E 118 -14.93 13.26 25.23
CB MSE E 118 -16.42 10.52 25.70
CG MSE E 118 -16.31 9.43 26.77
SE MSE E 118 -15.66 7.77 25.95
CE MSE E 118 -17.14 7.52 24.65
N SER E 119 -17.11 13.70 24.86
CA SER E 119 -16.85 14.85 24.00
C SER E 119 -16.64 16.14 24.78
N CYS E 120 -17.01 16.17 26.06
CA CYS E 120 -16.74 17.28 26.92
C CYS E 120 -15.22 17.29 27.21
N HIS E 121 -14.71 18.46 27.55
CA HIS E 121 -13.26 18.61 27.78
C HIS E 121 -12.80 17.94 29.06
N MSE E 122 -13.70 17.95 30.04
CA MSE E 122 -13.46 17.33 31.32
C MSE E 122 -14.71 16.68 31.84
O MSE E 122 -15.82 17.05 31.47
CB MSE E 122 -13.01 18.41 32.32
CG MSE E 122 -11.64 19.11 32.03
SE MSE E 122 -11.54 20.84 32.94
CE MSE E 122 -12.56 22.02 31.73
N ARG E 123 -14.50 15.68 32.69
CA ARG E 123 -15.58 14.89 33.37
C ARG E 123 -15.30 14.73 34.83
N PHE E 124 -16.32 14.95 35.65
CA PHE E 124 -16.30 14.55 37.06
C PHE E 124 -17.47 13.61 37.33
N ALA E 125 -17.27 12.63 38.20
CA ALA E 125 -18.29 11.62 38.50
C ALA E 125 -18.44 11.31 39.98
N THR E 126 -19.57 10.75 40.38
CA THR E 126 -19.66 10.15 41.70
C THR E 126 -18.96 8.80 41.68
N GLU E 127 -18.53 8.34 42.85
CA GLU E 127 -17.86 7.06 42.98
C GLU E 127 -18.64 5.91 42.46
N SER E 128 -19.95 5.93 42.66
CA SER E 128 -20.78 4.77 42.27
C SER E 128 -21.49 4.93 40.92
N ALA E 129 -21.32 6.07 40.24
CA ALA E 129 -21.89 6.25 38.91
C ALA E 129 -21.43 5.10 38.01
N LYS E 130 -22.27 4.74 37.04
CA LYS E 130 -21.93 3.67 36.09
C LYS E 130 -21.62 4.28 34.73
N LEU E 131 -20.47 3.94 34.16
CA LEU E 131 -20.01 4.47 32.89
C LEU E 131 -19.69 3.30 32.00
N GLY E 132 -20.37 3.21 30.86
CA GLY E 132 -20.05 2.14 29.91
C GLY E 132 -20.57 2.40 28.52
N LEU E 133 -20.25 1.47 27.62
CA LEU E 133 -20.78 1.47 26.24
C LEU E 133 -21.43 0.10 26.04
N PRO E 134 -22.74 0.00 26.32
CA PRO E 134 -23.36 -1.32 26.25
C PRO E 134 -24.04 -1.62 24.88
N GLU E 135 -23.67 -0.88 23.83
CA GLU E 135 -24.35 -1.00 22.56
C GLU E 135 -24.34 -2.42 21.99
N LEU E 136 -23.32 -3.21 22.28
CA LEU E 136 -23.30 -4.52 21.68
C LEU E 136 -24.43 -5.41 22.21
N THR E 137 -24.95 -5.08 23.39
CA THR E 137 -26.11 -5.78 23.89
C THR E 137 -27.31 -5.60 22.94
N LEU E 138 -27.35 -4.48 22.21
CA LEU E 138 -28.39 -4.20 21.20
C LEU E 138 -28.07 -4.78 19.81
N GLY E 139 -26.98 -5.55 19.71
CA GLY E 139 -26.45 -5.97 18.42
C GLY E 139 -25.98 -4.84 17.55
N LEU E 140 -25.66 -3.70 18.19
CA LEU E 140 -25.13 -2.53 17.50
C LEU E 140 -23.68 -2.27 17.93
N ILE E 141 -23.10 -1.19 17.42
CA ILE E 141 -21.83 -0.65 17.95
C ILE E 141 -22.09 0.78 18.41
N PRO E 142 -21.20 1.34 19.25
CA PRO E 142 -21.23 2.78 19.48
C PRO E 142 -21.16 3.50 18.13
N GLY E 143 -22.01 4.49 17.90
CA GLY E 143 -21.98 5.26 16.69
C GLY E 143 -21.84 6.75 16.80
N PHE E 144 -21.65 7.27 18.02
CA PHE E 144 -21.40 8.68 18.24
C PHE E 144 -19.91 8.87 18.64
N ALA E 145 -19.02 8.25 17.89
CA ALA E 145 -17.53 8.32 18.07
C ALA E 145 -16.91 7.60 19.27
N GLY E 146 -17.71 6.80 19.95
CA GLY E 146 -17.30 6.11 21.13
C GLY E 146 -16.20 5.11 20.89
N THR E 147 -16.18 4.50 19.70
CA THR E 147 -15.13 3.55 19.34
C THR E 147 -13.77 4.18 19.19
N GLN E 148 -13.74 5.49 18.88
CA GLN E 148 -12.54 6.24 18.77
C GLN E 148 -12.16 6.97 20.07
N ARG E 149 -13.12 7.60 20.75
CA ARG E 149 -12.79 8.34 21.97
C ARG E 149 -12.42 7.38 23.14
N LEU E 150 -13.18 6.31 23.33
CA LEU E 150 -12.98 5.45 24.50
C LEU E 150 -11.58 4.90 24.59
N PRO E 151 -11.05 4.29 23.54
CA PRO E 151 -9.69 3.76 23.72
C PRO E 151 -8.62 4.83 23.88
N ARG E 152 -8.90 6.04 23.41
CA ARG E 152 -7.95 7.12 23.58
C ARG E 152 -7.98 7.69 25.02
N TYR E 153 -9.02 7.40 25.80
CA TYR E 153 -9.02 7.63 27.25
C TYR E 153 -8.39 6.47 28.07
N VAL E 154 -8.94 5.27 27.90
CA VAL E 154 -8.69 4.17 28.82
C VAL E 154 -7.70 3.15 28.29
N GLY E 155 -7.27 3.33 27.05
CA GLY E 155 -6.43 2.34 26.37
C GLY E 155 -7.27 1.39 25.54
N LYS E 156 -6.67 0.88 24.46
CA LYS E 156 -7.43 0.02 23.60
C LYS E 156 -7.83 -1.29 24.28
N ALA E 157 -7.01 -1.84 25.17
CA ALA E 157 -7.34 -3.11 25.84
C ALA E 157 -8.61 -2.95 26.72
N LYS E 158 -8.62 -1.94 27.58
CA LYS E 158 -9.79 -1.71 28.43
C LYS E 158 -11.06 -1.37 27.65
N ALA E 159 -10.92 -0.56 26.61
CA ALA E 159 -12.04 -0.13 25.77
C ALA E 159 -12.60 -1.37 25.07
N CYS E 160 -11.70 -2.24 24.60
CA CYS E 160 -12.09 -3.49 24.00
C CYS E 160 -12.96 -4.33 24.97
N GLU E 161 -12.46 -4.49 26.18
CA GLU E 161 -13.16 -5.26 27.23
C GLU E 161 -14.51 -4.62 27.48
N MSE E 162 -14.53 -3.31 27.68
CA MSE E 162 -15.80 -2.62 27.94
C MSE E 162 -16.83 -2.74 26.82
O MSE E 162 -18.00 -2.97 27.10
CB MSE E 162 -15.55 -1.13 28.21
CG MSE E 162 -14.72 -0.89 29.51
SE MSE E 162 -14.30 0.97 29.79
CE MSE E 162 -16.06 1.79 29.87
N MSE E 163 -16.43 -2.52 25.59
CA MSE E 163 -17.35 -2.69 24.43
C MSE E 163 -17.80 -4.13 24.16
O MSE E 163 -18.94 -4.36 23.87
CB MSE E 163 -16.72 -2.08 23.18
CG MSE E 163 -16.71 -0.56 23.26
SE MSE E 163 -16.09 0.28 21.64
CE MSE E 163 -14.18 -0.01 21.79
N LEU E 164 -16.89 -5.10 24.25
CA LEU E 164 -17.23 -6.51 24.00
C LEU E 164 -18.03 -7.18 25.13
N THR E 165 -17.83 -6.77 26.38
CA THR E 165 -18.61 -7.29 27.49
C THR E 165 -19.88 -6.51 27.73
N SER E 166 -19.87 -5.22 27.34
CA SER E 166 -20.94 -4.29 27.67
C SER E 166 -21.07 -3.92 29.17
N THR E 167 -20.13 -4.39 29.99
CA THR E 167 -20.19 -4.19 31.43
C THR E 167 -19.72 -2.81 31.75
N PRO E 168 -20.49 -2.05 32.52
CA PRO E 168 -20.04 -0.70 32.87
C PRO E 168 -18.99 -0.75 33.96
N ILE E 169 -18.28 0.36 34.15
CA ILE E 169 -17.33 0.50 35.28
C ILE E 169 -17.87 1.59 36.21
N THR E 170 -17.44 1.57 37.46
CA THR E 170 -17.84 2.64 38.39
C THR E 170 -17.08 3.95 38.14
N GLY E 171 -17.58 5.03 38.72
CA GLY E 171 -16.87 6.32 38.71
C GLY E 171 -15.43 6.20 39.22
N ALA E 172 -15.25 5.46 40.33
CA ALA E 172 -13.94 5.23 40.91
C ALA E 172 -13.03 4.49 39.94
N GLU E 173 -13.54 3.47 39.26
CA GLU E 173 -12.74 2.78 38.26
C GLU E 173 -12.45 3.66 37.04
N ALA E 174 -13.44 4.46 36.65
CA ALA E 174 -13.27 5.39 35.53
C ALA E 174 -12.08 6.36 35.78
N LEU E 175 -11.97 6.82 37.01
CA LEU E 175 -10.86 7.61 37.44
C LEU E 175 -9.52 6.87 37.29
N LYS E 176 -9.43 5.63 37.78
CA LYS E 176 -8.19 4.85 37.66
C LYS E 176 -7.81 4.71 36.18
N TRP E 177 -8.81 4.48 35.34
CA TRP E 177 -8.56 4.29 33.86
C TRP E 177 -8.46 5.56 33.01
N GLY E 178 -8.62 6.72 33.62
CA GLY E 178 -8.48 7.99 32.90
C GLY E 178 -9.69 8.44 32.09
N LEU E 179 -10.84 7.91 32.44
CA LEU E 179 -12.08 8.24 31.74
C LEU E 179 -12.78 9.48 32.36
N VAL E 180 -12.42 9.78 33.61
CA VAL E 180 -12.86 10.99 34.29
C VAL E 180 -11.66 11.67 34.94
N ASN E 181 -11.83 12.95 35.23
CA ASN E 181 -10.85 13.79 35.92
C ASN E 181 -10.81 13.54 37.40
N GLY E 182 -11.97 13.21 37.97
CA GLY E 182 -12.04 13.06 39.42
C GLY E 182 -13.37 12.58 39.87
N VAL E 183 -13.42 12.18 41.13
CA VAL E 183 -14.66 11.73 41.74
C VAL E 183 -14.95 12.54 42.99
N PHE E 184 -16.24 12.80 43.22
CA PHE E 184 -16.72 13.52 44.40
C PHE E 184 -17.84 12.72 45.11
N ALA E 185 -18.07 13.05 46.37
CA ALA E 185 -19.16 12.47 47.17
C ALA E 185 -20.49 12.83 46.56
N GLU E 186 -21.47 11.93 46.65
CA GLU E 186 -22.79 12.20 46.05
C GLU E 186 -23.46 13.44 46.63
N GLU E 187 -23.22 13.69 47.92
CA GLU E 187 -23.89 14.77 48.68
C GLU E 187 -23.51 16.18 48.19
N THR E 188 -22.27 16.31 47.70
CA THR E 188 -21.70 17.59 47.34
C THR E 188 -21.25 17.65 45.87
N PHE E 189 -21.61 16.63 45.11
CA PHE E 189 -21.04 16.40 43.81
C PHE E 189 -21.14 17.62 42.88
N LEU E 190 -22.33 18.15 42.67
CA LEU E 190 -22.48 19.26 41.73
C LEU E 190 -21.72 20.47 42.21
N ASP E 191 -21.77 20.74 43.51
CA ASP E 191 -21.05 21.82 44.17
C ASP E 191 -19.52 21.76 44.01
N ASP E 192 -18.97 20.57 44.16
CA ASP E 192 -17.55 20.34 44.00
C ASP E 192 -17.15 20.60 42.53
N THR E 193 -18.01 20.19 41.62
CA THR E 193 -17.73 20.40 40.18
C THR E 193 -17.80 21.90 39.86
N LEU E 194 -18.78 22.57 40.44
CA LEU E 194 -18.91 24.04 40.25
C LEU E 194 -17.71 24.85 40.76
N LYS E 195 -17.05 24.36 41.81
CA LYS E 195 -15.85 24.99 42.34
C LYS E 195 -14.70 24.91 41.33
N VAL E 196 -14.60 23.79 40.62
CA VAL E 196 -13.65 23.69 39.54
C VAL E 196 -13.99 24.72 38.45
N ALA E 197 -15.25 24.80 38.06
CA ALA E 197 -15.64 25.68 36.98
C ALA E 197 -15.34 27.11 37.38
N LYS E 198 -15.60 27.44 38.64
CA LYS E 198 -15.30 28.78 39.13
C LYS E 198 -13.81 29.09 39.02
N GLN E 199 -12.93 28.13 39.28
CA GLN E 199 -11.47 28.35 39.15
C GLN E 199 -11.12 28.66 37.72
N ILE E 200 -11.71 27.93 36.80
CA ILE E 200 -11.45 28.07 35.38
C ILE E 200 -12.00 29.40 34.84
N ALA E 201 -13.13 29.83 35.36
CA ALA E 201 -13.77 31.10 34.98
C ALA E 201 -12.90 32.35 35.27
N GLY E 202 -11.90 32.19 36.13
CA GLY E 202 -11.03 33.28 36.48
C GLY E 202 -9.91 33.51 35.49
N LYS E 203 -9.69 32.57 34.57
CA LYS E 203 -8.67 32.72 33.54
C LYS E 203 -9.17 33.57 32.38
N SER E 204 -8.22 34.17 31.65
CA SER E 204 -8.56 34.96 30.49
C SER E 204 -9.15 34.09 29.38
N PRO E 205 -10.23 34.56 28.76
CA PRO E 205 -10.83 33.82 27.65
C PRO E 205 -9.85 33.45 26.54
N ALA E 206 -8.92 34.35 26.19
CA ALA E 206 -7.95 34.03 25.13
C ALA E 206 -7.04 32.84 25.52
N THR E 207 -6.68 32.73 26.80
CA THR E 207 -5.81 31.60 27.21
C THR E 207 -6.61 30.32 27.29
N ALA E 208 -7.87 30.41 27.70
CA ALA E 208 -8.76 29.23 27.72
C ALA E 208 -8.92 28.70 26.29
N ARG E 209 -9.20 29.58 25.36
CA ARG E 209 -9.34 29.24 23.97
C ARG E 209 -8.05 28.64 23.41
N ALA E 210 -6.93 29.21 23.75
CA ALA E 210 -5.63 28.72 23.28
C ALA E 210 -5.36 27.31 23.79
N VAL E 211 -5.53 27.12 25.07
CA VAL E 211 -5.34 25.77 25.64
C VAL E 211 -6.22 24.72 24.94
N LEU E 212 -7.51 25.03 24.79
CA LEU E 212 -8.43 24.14 24.15
C LEU E 212 -8.03 23.87 22.69
N GLU E 213 -7.60 24.88 21.94
CA GLU E 213 -7.09 24.65 20.58
C GLU E 213 -5.90 23.69 20.60
N LEU E 214 -4.96 23.95 21.49
CA LEU E 214 -3.68 23.22 21.53
C LEU E 214 -3.88 21.78 21.97
N LEU E 215 -4.94 21.50 22.70
CA LEU E 215 -5.25 20.11 23.09
C LEU E 215 -5.77 19.27 21.91
N GLN E 216 -6.22 19.94 20.84
CA GLN E 216 -6.83 19.22 19.72
C GLN E 216 -5.80 18.53 18.84
N THR E 217 -4.51 18.74 19.07
CA THR E 217 -3.49 18.14 18.28
C THR E 217 -3.40 16.62 18.54
N THR E 218 -4.04 16.15 19.60
CA THR E 218 -4.06 14.73 19.95
C THR E 218 -4.98 13.92 18.98
N LYS E 219 -5.73 14.58 18.12
CA LYS E 219 -6.67 13.89 17.22
C LYS E 219 -6.04 13.85 15.82
N SER E 220 -5.85 12.66 15.31
CA SER E 220 -5.19 12.45 14.04
C SER E 220 -6.16 12.25 12.89
N SER E 221 -5.60 12.17 11.68
CA SER E 221 -6.38 11.76 10.54
C SER E 221 -7.01 10.36 10.73
N HIS E 222 -6.34 9.45 11.47
CA HIS E 222 -6.85 8.12 11.72
C HIS E 222 -8.06 8.12 12.61
N TYR E 223 -8.01 9.00 13.60
CA TYR E 223 -9.15 9.26 14.45
C TYR E 223 -10.34 9.65 13.57
N TYR E 224 -10.16 10.64 12.72
CA TYR E 224 -11.27 11.23 11.96
C TYR E 224 -11.81 10.23 10.93
N GLU E 225 -10.92 9.48 10.33
CA GLU E 225 -11.34 8.42 9.40
C GLU E 225 -12.05 7.28 10.15
N GLY E 226 -11.57 6.98 11.35
CA GLY E 226 -12.24 6.00 12.22
C GLY E 226 -13.69 6.36 12.59
N VAL E 227 -13.94 7.61 12.92
CA VAL E 227 -15.29 8.07 13.18
C VAL E 227 -16.15 7.89 11.94
N GLN E 228 -15.63 8.27 10.76
CA GLN E 228 -16.42 8.05 9.53
C GLN E 228 -16.78 6.58 9.30
N ARG E 229 -15.78 5.69 9.48
CA ARG E 229 -15.95 4.28 9.33
C ARG E 229 -16.94 3.75 10.33
N GLU E 230 -16.91 4.28 11.55
CA GLU E 230 -17.82 3.89 12.58
C GLU E 230 -19.28 4.12 12.17
N ALA E 231 -19.58 5.30 11.63
CA ALA E 231 -20.94 5.59 11.16
C ALA E 231 -21.41 4.69 10.05
N GLN E 232 -20.54 4.34 9.11
CA GLN E 232 -20.85 3.41 8.02
C GLN E 232 -21.21 2.02 8.58
N ILE E 233 -20.36 1.48 9.44
CA ILE E 233 -20.60 0.22 10.09
C ILE E 233 -21.89 0.21 10.92
N PHE E 234 -22.13 1.30 11.64
CA PHE E 234 -23.27 1.39 12.50
C PHE E 234 -24.58 1.14 11.70
N GLY E 235 -24.72 1.85 10.59
CA GLY E 235 -25.88 1.68 9.72
C GLY E 235 -26.06 0.26 9.18
N GLU E 236 -24.96 -0.41 8.84
CA GLU E 236 -24.98 -1.80 8.36
C GLU E 236 -25.49 -2.70 9.51
N VAL E 237 -24.94 -2.57 10.71
CA VAL E 237 -25.33 -3.52 11.78
C VAL E 237 -26.72 -3.17 12.29
N PHE E 238 -27.10 -1.90 12.21
CA PHE E 238 -28.43 -1.46 12.64
C PHE E 238 -29.61 -2.16 11.93
N THR E 239 -29.53 -2.33 10.60
CA THR E 239 -30.64 -2.91 9.85
C THR E 239 -30.44 -4.41 9.60
N SER E 240 -29.37 -4.98 10.14
CA SER E 240 -29.15 -6.43 10.12
C SER E 240 -30.13 -7.12 11.06
N GLU E 241 -30.33 -8.40 10.83
CA GLU E 241 -31.27 -9.15 11.65
C GLU E 241 -30.88 -9.06 13.11
N ASP E 242 -29.58 -9.22 13.41
CA ASP E 242 -29.10 -9.09 14.82
C ASP E 242 -29.35 -7.71 15.41
N GLY E 243 -29.10 -6.68 14.62
CA GLY E 243 -29.35 -5.32 15.10
C GLY E 243 -30.83 -5.11 15.38
N ARG E 244 -31.67 -5.59 14.48
CA ARG E 244 -33.12 -5.47 14.71
C ARG E 244 -33.54 -6.27 15.97
N GLU E 245 -33.03 -7.48 16.08
CA GLU E 245 -33.39 -8.34 17.21
C GLU E 245 -32.91 -7.74 18.54
N GLY E 246 -31.67 -7.22 18.57
CA GLY E 246 -31.14 -6.69 19.83
C GLY E 246 -31.86 -5.45 20.32
N VAL E 247 -32.25 -4.59 19.38
CA VAL E 247 -33.00 -3.40 19.69
C VAL E 247 -34.41 -3.80 20.17
N ALA E 248 -35.06 -4.72 19.46
CA ALA E 248 -36.42 -5.17 19.86
C ALA E 248 -36.38 -5.78 21.25
N ALA E 249 -35.36 -6.60 21.50
CA ALA E 249 -35.22 -7.31 22.79
C ALA E 249 -35.04 -6.30 23.91
N PHE E 250 -34.20 -5.32 23.67
CA PHE E 250 -34.00 -4.28 24.66
C PHE E 250 -35.33 -3.59 25.00
N LEU E 251 -36.10 -3.24 23.97
CA LEU E 251 -37.31 -2.45 24.14
C LEU E 251 -38.37 -3.25 24.87
N GLU E 252 -38.30 -4.57 24.75
CA GLU E 252 -39.20 -5.49 25.43
C GLU E 252 -38.54 -6.17 26.64
N LYS E 253 -37.41 -5.62 27.10
CA LYS E 253 -36.76 -6.09 28.33
C LYS E 253 -36.46 -7.60 28.35
N ARG E 254 -36.08 -8.17 27.22
CA ARG E 254 -35.68 -9.57 27.19
C ARG E 254 -34.27 -9.71 26.65
N LYS E 255 -33.72 -10.91 26.84
CA LYS E 255 -32.39 -11.24 26.37
C LYS E 255 -32.50 -11.45 24.87
N PRO E 256 -31.54 -10.91 24.10
CA PRO E 256 -31.65 -11.06 22.65
C PRO E 256 -31.05 -12.38 22.19
N SER E 257 -31.50 -12.86 21.02
CA SER E 257 -30.92 -14.08 20.44
C SER E 257 -30.29 -13.82 19.09
N PHE E 258 -28.97 -13.70 19.08
CA PHE E 258 -28.24 -13.44 17.85
C PHE E 258 -27.96 -14.72 17.06
N SER E 259 -27.92 -14.60 15.73
CA SER E 259 -27.53 -15.72 14.87
C SER E 259 -26.63 -15.32 13.68
N GLY E 260 -26.14 -14.08 13.66
CA GLY E 260 -25.16 -13.68 12.63
C GLY E 260 -23.85 -14.44 12.80
N MSE F 4 32.14 27.42 30.09
CA MSE F 4 31.98 26.92 31.49
C MSE F 4 30.54 27.14 31.97
O MSE F 4 30.02 28.24 31.88
CB MSE F 4 32.97 27.66 32.40
CG MSE F 4 33.07 27.12 33.83
SE MSE F 4 34.81 27.37 34.86
CE MSE F 4 33.76 28.21 36.32
N LEU F 5 29.89 26.10 32.47
CA LEU F 5 28.45 26.17 32.82
C LEU F 5 28.24 27.23 33.91
N LYS F 6 27.20 28.04 33.75
CA LYS F 6 26.96 29.10 34.68
C LYS F 6 26.15 28.62 35.88
N PHE F 7 25.04 27.93 35.60
CA PHE F 7 24.09 27.57 36.65
C PHE F 7 23.87 26.06 36.75
N LEU F 8 24.75 25.27 36.12
CA LEU F 8 24.72 23.83 36.25
C LEU F 8 26.08 23.36 36.68
N SER F 9 26.09 22.30 37.47
CA SER F 9 27.34 21.57 37.66
C SER F 9 27.07 20.14 37.36
N VAL F 10 28.15 19.42 37.08
CA VAL F 10 28.06 18.09 36.53
C VAL F 10 29.24 17.34 37.05
N ARG F 11 28.95 16.32 37.86
CA ARG F 11 29.96 15.32 38.21
C ARG F 11 29.65 14.02 37.50
N VAL F 12 30.68 13.23 37.25
CA VAL F 12 30.53 11.98 36.52
C VAL F 12 31.13 10.90 37.36
N GLU F 13 30.31 9.90 37.66
CA GLU F 13 30.70 8.81 38.54
C GLU F 13 30.08 7.53 38.04
N ASP F 14 30.91 6.51 37.78
CA ASP F 14 30.37 5.20 37.34
C ASP F 14 29.46 5.39 36.13
N HIS F 15 29.89 6.23 35.20
CA HIS F 15 29.18 6.51 33.96
C HIS F 15 27.90 7.31 34.08
N ILE F 16 27.60 7.80 35.28
CA ILE F 16 26.42 8.64 35.49
C ILE F 16 26.90 10.09 35.59
N ALA F 17 26.29 10.97 34.80
CA ALA F 17 26.49 12.40 34.94
C ALA F 17 25.39 12.93 35.83
N VAL F 18 25.74 13.34 37.04
CA VAL F 18 24.77 13.92 37.96
C VAL F 18 24.84 15.43 37.78
N ALA F 19 23.76 16.03 37.30
CA ALA F 19 23.74 17.46 36.99
C ALA F 19 22.83 18.20 37.99
N THR F 20 23.36 19.22 38.63
CA THR F 20 22.63 20.02 39.63
C THR F 20 22.36 21.41 39.06
N LEU F 21 21.09 21.75 38.98
CA LEU F 21 20.69 23.10 38.59
C LEU F 21 20.69 23.99 39.83
N ASN F 22 21.41 25.11 39.73
CA ASN F 22 21.53 26.05 40.82
C ASN F 22 21.47 27.47 40.27
N HIS F 23 20.26 27.94 40.08
CA HIS F 23 19.99 29.31 39.66
C HIS F 23 19.09 29.90 40.73
N ALA F 24 19.70 30.41 41.79
CA ALA F 24 18.98 30.85 42.96
C ALA F 24 18.01 31.98 42.62
N PRO F 25 16.89 32.07 43.34
CA PRO F 25 16.47 31.20 44.47
C PRO F 25 15.61 29.99 44.09
N ALA F 26 15.03 29.97 42.90
CA ALA F 26 13.97 29.03 42.59
C ALA F 26 14.25 28.20 41.33
N ASN F 27 15.53 28.20 40.91
CA ASN F 27 16.01 27.50 39.72
C ASN F 27 15.18 27.80 38.49
N ALA F 28 14.84 29.09 38.33
CA ALA F 28 14.09 29.57 37.18
C ALA F 28 14.81 29.21 35.88
N MSE F 29 14.04 28.81 34.88
CA MSE F 29 14.58 28.48 33.57
C MSE F 29 14.82 29.72 32.68
O MSE F 29 14.07 29.96 31.72
CB MSE F 29 13.66 27.48 32.86
CG MSE F 29 13.30 26.21 33.68
SE MSE F 29 14.84 25.13 34.27
CE MSE F 29 15.45 24.68 32.45
N SER F 30 15.86 30.49 32.99
CA SER F 30 16.25 31.65 32.22
C SER F 30 16.95 31.27 30.92
N SER F 31 17.10 32.24 30.03
CA SER F 31 17.84 32.05 28.78
C SER F 31 19.22 31.50 29.06
N GLN F 32 19.88 31.99 30.10
CA GLN F 32 21.21 31.44 30.43
C GLN F 32 21.13 29.99 30.89
N VAL F 33 20.13 29.66 31.72
CA VAL F 33 19.92 28.25 32.06
C VAL F 33 19.73 27.42 30.80
N MSE F 34 19.00 27.93 29.81
CA MSE F 34 18.75 27.13 28.58
C MSE F 34 20.06 26.85 27.89
O MSE F 34 20.29 25.75 27.41
CB MSE F 34 17.85 27.87 27.58
CG MSE F 34 16.43 28.19 28.09
SE MSE F 34 15.45 26.61 28.62
CE MSE F 34 13.73 27.57 28.92
N HIS F 35 20.91 27.88 27.80
CA HIS F 35 22.23 27.72 27.20
C HIS F 35 23.06 26.69 27.96
N ASP F 36 23.01 26.70 29.29
CA ASP F 36 23.69 25.67 30.08
C ASP F 36 23.15 24.28 29.79
N VAL F 37 21.81 24.14 29.66
CA VAL F 37 21.22 22.85 29.36
C VAL F 37 21.68 22.30 28.03
N THR F 38 21.71 23.14 27.01
CA THR F 38 22.19 22.78 25.68
C THR F 38 23.66 22.38 25.74
N GLU F 39 24.43 23.11 26.54
CA GLU F 39 25.87 22.74 26.75
C GLU F 39 26.02 21.39 27.47
N LEU F 40 25.18 21.14 28.47
CA LEU F 40 25.17 19.84 29.14
C LEU F 40 24.89 18.72 28.14
N ILE F 41 23.85 18.88 27.30
CA ILE F 41 23.51 17.86 26.34
C ILE F 41 24.61 17.61 25.33
N ASP F 42 25.19 18.68 24.80
CA ASP F 42 26.37 18.56 23.93
C ASP F 42 27.50 17.80 24.64
N GLN F 43 27.73 18.09 25.92
CA GLN F 43 28.79 17.42 26.70
C GLN F 43 28.50 15.92 26.86
N VAL F 44 27.26 15.61 27.23
CA VAL F 44 26.86 14.24 27.48
C VAL F 44 26.96 13.40 26.22
N GLU F 45 26.55 13.94 25.08
CA GLU F 45 26.51 13.18 23.83
C GLU F 45 27.93 12.94 23.30
N LYS F 46 28.82 13.90 23.54
CA LYS F 46 30.21 13.74 23.09
C LYS F 46 31.02 12.73 23.95
N ASP F 47 30.71 12.60 25.23
CA ASP F 47 31.56 11.88 26.16
C ASP F 47 31.13 10.40 26.26
N ASP F 48 31.91 9.50 25.64
CA ASP F 48 31.56 8.08 25.62
C ASP F 48 31.49 7.47 27.02
N ASN F 49 32.21 8.05 27.96
CA ASN F 49 32.16 7.56 29.34
C ASN F 49 30.81 7.80 30.04
N ILE F 50 30.03 8.77 29.59
CA ILE F 50 28.77 9.07 30.24
C ILE F 50 27.68 8.19 29.61
N ARG F 51 26.95 7.45 30.43
CA ARG F 51 25.91 6.59 29.92
C ARG F 51 24.50 7.01 30.33
N VAL F 52 24.36 7.85 31.35
CA VAL F 52 23.05 8.26 31.83
C VAL F 52 23.23 9.59 32.53
N VAL F 53 22.21 10.40 32.51
CA VAL F 53 22.22 11.68 33.18
C VAL F 53 21.08 11.70 34.22
N VAL F 54 21.38 12.19 35.41
CA VAL F 54 20.37 12.52 36.40
C VAL F 54 20.45 14.02 36.70
N ILE F 55 19.34 14.73 36.54
CA ILE F 55 19.29 16.16 36.79
C ILE F 55 18.42 16.40 38.01
N HIS F 56 18.94 17.14 38.99
CA HIS F 56 18.13 17.63 40.09
C HIS F 56 18.42 19.09 40.38
N GLY F 57 17.57 19.71 41.21
CA GLY F 57 17.73 21.11 41.57
C GLY F 57 18.44 21.27 42.91
N GLU F 58 19.24 22.32 43.03
CA GLU F 58 19.82 22.75 44.33
C GLU F 58 18.76 23.52 45.10
N GLY F 59 18.79 23.39 46.42
CA GLY F 59 17.88 24.08 47.30
C GLY F 59 16.51 23.41 47.40
N ARG F 60 15.47 24.22 47.48
CA ARG F 60 14.11 23.77 47.82
C ARG F 60 13.33 23.18 46.64
N PHE F 61 13.73 23.48 45.40
CA PHE F 61 12.94 23.09 44.22
C PHE F 61 13.78 22.48 43.12
N PHE F 62 13.13 21.64 42.29
CA PHE F 62 13.67 21.32 40.96
C PHE F 62 13.75 22.60 40.11
N SER F 63 12.60 23.20 39.83
CA SER F 63 12.53 24.49 39.18
C SER F 63 11.13 25.03 39.32
N ALA F 64 11.00 26.30 39.73
CA ALA F 64 9.68 26.90 39.97
C ALA F 64 9.14 27.59 38.76
N GLY F 65 9.90 27.62 37.67
CA GLY F 65 9.37 28.27 36.49
C GLY F 65 10.36 28.76 35.48
N ALA F 66 9.81 29.39 34.45
CA ALA F 66 10.54 30.33 33.63
C ALA F 66 10.89 31.54 34.51
N ASP F 67 11.79 32.37 34.01
CA ASP F 67 12.30 33.48 34.82
C ASP F 67 11.45 34.69 34.52
N ILE F 68 10.60 35.08 35.45
CA ILE F 68 9.68 36.25 35.30
C ILE F 68 10.39 37.52 34.84
N LYS F 69 11.68 37.64 35.16
CA LYS F 69 12.46 38.81 34.74
C LYS F 69 12.54 38.97 33.24
N GLU F 70 12.42 37.88 32.48
CA GLU F 70 12.46 37.99 31.03
C GLU F 70 11.08 38.24 30.36
N PHE F 71 10.01 38.37 31.17
CA PHE F 71 8.66 38.51 30.63
C PHE F 71 7.90 39.77 31.14
N THR F 72 8.63 40.85 31.39
CA THR F 72 7.99 42.12 31.84
C THR F 72 7.51 43.00 30.67
N SER F 73 6.91 44.14 31.02
CA SER F 73 6.49 45.16 30.07
C SER F 73 7.61 45.61 29.15
N THR F 75 9.67 43.76 27.27
CA THR F 75 9.80 42.78 26.21
C THR F 75 8.60 42.92 25.27
N GLU F 76 8.81 42.77 23.96
CA GLU F 76 7.70 42.70 22.95
C GLU F 76 7.49 41.29 22.33
N ALA F 77 6.49 41.19 21.43
CA ALA F 77 5.95 39.94 20.88
C ALA F 77 6.95 39.06 20.13
N LYS F 78 7.79 39.68 19.32
CA LYS F 78 8.78 38.91 18.59
C LYS F 78 9.75 38.27 19.58
N GLN F 79 10.18 39.03 20.58
CA GLN F 79 11.10 38.52 21.61
C GLN F 79 10.46 37.46 22.50
N ALA F 80 9.16 37.63 22.81
CA ALA F 80 8.46 36.67 23.64
C ALA F 80 8.37 35.36 22.89
N THR F 81 8.01 35.42 21.62
CA THR F 81 7.93 34.22 20.80
C THR F 81 9.29 33.52 20.71
N GLU F 82 10.33 34.31 20.52
CA GLU F 82 11.69 33.78 20.45
C GLU F 82 12.14 33.11 21.74
N LEU F 83 11.72 33.66 22.88
CA LEU F 83 12.05 33.05 24.18
C LEU F 83 11.32 31.71 24.31
N ALA F 84 10.04 31.71 23.93
CA ALA F 84 9.27 30.46 23.95
C ALA F 84 10.02 29.48 23.06
N GLN F 85 10.44 29.93 21.88
CA GLN F 85 11.10 29.02 20.93
C GLN F 85 12.41 28.50 21.46
N LEU F 86 13.13 29.36 22.15
CA LEU F 86 14.39 28.96 22.80
C LEU F 86 14.19 27.81 23.80
N GLY F 87 13.18 27.93 24.65
CA GLY F 87 12.87 26.84 25.60
C GLY F 87 12.45 25.55 24.92
N GLN F 88 11.56 25.68 23.94
CA GLN F 88 11.11 24.57 23.10
C GLN F 88 12.30 23.84 22.44
N VAL F 89 13.20 24.60 21.79
CA VAL F 89 14.33 23.98 21.08
C VAL F 89 15.30 23.30 22.08
N THR F 90 15.52 23.92 23.23
CA THR F 90 16.39 23.36 24.26
C THR F 90 15.83 22.08 24.84
N PHE F 91 14.54 22.10 25.15
CA PHE F 91 13.90 20.92 25.69
C PHE F 91 13.81 19.78 24.65
N GLU F 92 13.68 20.13 23.37
CA GLU F 92 13.75 19.10 22.33
C GLU F 92 15.11 18.48 22.27
N ARG F 93 16.15 19.29 22.47
CA ARG F 93 17.50 18.72 22.58
C ARG F 93 17.63 17.71 23.68
N VAL F 94 17.03 18.00 24.85
CA VAL F 94 17.07 17.05 25.93
C VAL F 94 16.32 15.79 25.52
N GLU F 95 15.07 15.94 25.05
CA GLU F 95 14.31 14.77 24.70
C GLU F 95 14.98 13.93 23.63
N LYS F 96 15.65 14.59 22.67
CA LYS F 96 16.34 13.89 21.60
C LYS F 96 17.74 13.39 21.99
N CYS F 97 18.14 13.58 23.25
CA CYS F 97 19.48 13.20 23.68
C CYS F 97 19.67 11.68 23.53
N SER F 98 20.84 11.29 23.04
CA SER F 98 21.11 9.88 22.73
C SER F 98 21.47 9.04 23.97
N LYS F 99 21.59 9.70 25.11
CA LYS F 99 21.79 9.01 26.37
C LYS F 99 20.64 9.32 27.31
N PRO F 100 20.25 8.35 28.13
CA PRO F 100 19.04 8.51 28.94
C PRO F 100 19.17 9.61 30.00
N VAL F 101 18.12 10.40 30.14
CA VAL F 101 18.09 11.52 31.03
C VAL F 101 16.92 11.36 32.01
N ILE F 102 17.27 11.39 33.28
CA ILE F 102 16.32 11.27 34.38
C ILE F 102 16.21 12.58 35.15
N ALA F 103 14.98 13.06 35.33
CA ALA F 103 14.72 14.23 36.20
C ALA F 103 14.33 13.76 37.59
N ALA F 104 15.04 14.25 38.61
CA ALA F 104 14.84 13.85 40.00
C ALA F 104 14.23 15.06 40.68
N ILE F 105 12.90 15.02 40.87
CA ILE F 105 12.14 16.23 41.27
C ILE F 105 11.81 16.20 42.77
N HIS F 106 12.30 17.19 43.51
CA HIS F 106 11.83 17.44 44.87
C HIS F 106 11.30 18.88 44.99
N GLY F 107 10.45 19.11 45.98
CA GLY F 107 9.90 20.44 46.24
C GLY F 107 8.83 20.83 45.24
N ALA F 108 9.25 21.17 44.02
CA ALA F 108 8.32 21.56 42.98
C ALA F 108 8.98 21.58 41.60
N ALA F 109 8.16 21.26 40.60
CA ALA F 109 8.46 21.44 39.21
C ALA F 109 7.23 22.11 38.60
N LEU F 110 7.32 23.42 38.41
CA LEU F 110 6.19 24.27 38.03
C LEU F 110 6.49 25.05 36.78
N GLY F 111 5.49 25.12 35.90
CA GLY F 111 5.55 25.94 34.70
C GLY F 111 6.73 25.48 33.85
N GLY F 112 7.58 26.42 33.47
CA GLY F 112 8.79 26.09 32.73
C GLY F 112 9.64 24.99 33.36
N GLY F 113 9.61 24.93 34.67
CA GLY F 113 10.27 23.85 35.39
C GLY F 113 9.72 22.47 35.12
N LEU F 114 8.39 22.34 35.08
CA LEU F 114 7.75 21.07 34.75
C LEU F 114 8.00 20.79 33.26
N GLU F 115 7.98 21.84 32.46
CA GLU F 115 8.29 21.67 31.04
C GLU F 115 9.67 21.11 30.81
N PHE F 116 10.62 21.53 31.64
CA PHE F 116 11.98 20.97 31.58
C PHE F 116 11.95 19.50 32.01
N ALA F 117 11.33 19.20 33.16
CA ALA F 117 11.24 17.84 33.64
C ALA F 117 10.58 16.91 32.61
N MSE F 118 9.51 17.42 31.96
CA MSE F 118 8.78 16.65 30.95
C MSE F 118 9.54 16.35 29.70
O MSE F 118 9.17 15.41 28.99
CB MSE F 118 7.43 17.39 30.62
CG MSE F 118 6.50 17.28 31.76
SE MSE F 118 4.69 17.90 31.18
CE MSE F 118 5.06 19.72 30.65
N SER F 119 10.61 17.08 29.44
CA SER F 119 11.47 16.82 28.26
C SER F 119 12.49 15.75 28.57
N CYS F 120 12.71 15.45 29.85
CA CYS F 120 13.57 14.31 30.22
C CYS F 120 12.86 12.96 29.91
N HIS F 121 13.64 11.89 29.85
CA HIS F 121 13.06 10.61 29.49
C HIS F 121 12.25 9.97 30.57
N MSE F 122 12.68 10.17 31.80
CA MSE F 122 12.04 9.61 32.93
C MSE F 122 12.04 10.67 34.03
O MSE F 122 12.89 11.54 34.05
CB MSE F 122 12.83 8.39 33.39
CG MSE F 122 12.81 7.30 32.40
SE MSE F 122 14.24 6.00 32.74
CE MSE F 122 15.72 6.87 31.77
N ARG F 123 11.07 10.56 34.94
CA ARG F 123 10.97 11.41 36.13
C ARG F 123 10.71 10.57 37.39
N PHE F 124 11.42 10.91 38.47
CA PHE F 124 11.07 10.40 39.81
C PHE F 124 10.83 11.58 40.73
N ALA F 125 9.95 11.44 41.72
CA ALA F 125 9.57 12.56 42.56
C ALA F 125 9.37 12.13 43.99
N THR F 126 9.45 13.07 44.90
CA THR F 126 9.03 12.85 46.30
C THR F 126 7.49 12.85 46.32
N GLU F 127 6.88 12.24 47.32
CA GLU F 127 5.42 12.15 47.40
C GLU F 127 4.75 13.49 47.43
N SER F 128 5.38 14.45 48.07
CA SER F 128 4.76 15.76 48.30
C SER F 128 5.28 16.86 47.38
N ALA F 129 6.23 16.55 46.49
CA ALA F 129 6.59 17.54 45.46
C ALA F 129 5.36 18.05 44.73
N LYS F 130 5.35 19.32 44.31
CA LYS F 130 4.26 19.90 43.57
C LYS F 130 4.64 20.00 42.08
N LEU F 131 3.79 19.46 41.22
CA LEU F 131 3.94 19.52 39.78
C LEU F 131 2.74 20.19 39.09
N GLY F 132 2.98 21.21 38.27
CA GLY F 132 1.88 21.87 37.59
C GLY F 132 2.31 22.88 36.55
N LEU F 133 1.35 23.41 35.83
CA LEU F 133 1.56 24.46 34.82
C LEU F 133 0.66 25.63 35.16
N PRO F 134 1.18 26.55 35.94
CA PRO F 134 0.36 27.68 36.43
C PRO F 134 0.38 28.93 35.57
N GLU F 135 0.87 28.83 34.33
CA GLU F 135 1.04 30.03 33.47
C GLU F 135 -0.24 30.82 33.26
N LEU F 136 -1.41 30.18 33.26
CA LEU F 136 -2.63 30.95 33.02
C LEU F 136 -2.95 31.94 34.14
N THR F 137 -2.37 31.73 35.31
CA THR F 137 -2.45 32.75 36.38
C THR F 137 -1.91 34.09 35.90
N LEU F 138 -0.92 34.03 35.01
CA LEU F 138 -0.35 35.19 34.43
C LEU F 138 -1.05 35.70 33.16
N GLY F 139 -2.22 35.15 32.76
CA GLY F 139 -2.82 35.46 31.43
C GLY F 139 -1.95 35.03 30.25
N LEU F 140 -1.08 34.04 30.50
CA LEU F 140 -0.23 33.46 29.49
C LEU F 140 -0.53 31.97 29.39
N ILE F 141 0.10 31.30 28.43
CA ILE F 141 0.00 29.84 28.31
C ILE F 141 1.41 29.26 28.47
N PRO F 142 1.51 27.94 28.73
CA PRO F 142 2.83 27.34 28.67
C PRO F 142 3.42 27.57 27.29
N GLY F 143 4.69 27.94 27.22
CA GLY F 143 5.34 28.21 25.96
C GLY F 143 6.59 27.40 25.70
N PHE F 144 6.88 26.46 26.59
CA PHE F 144 8.03 25.55 26.39
C PHE F 144 7.57 24.10 26.12
N ALA F 145 6.53 23.99 25.30
CA ALA F 145 5.93 22.75 24.81
C ALA F 145 5.06 22.01 25.80
N GLY F 146 4.72 22.61 26.94
CA GLY F 146 3.92 21.96 27.91
C GLY F 146 2.50 21.71 27.43
N THR F 147 1.99 22.52 26.52
CA THR F 147 0.63 22.30 25.99
C THR F 147 0.58 21.04 25.18
N GLN F 148 1.74 20.61 24.69
CA GLN F 148 1.84 19.39 23.92
C GLN F 148 2.31 18.18 24.76
N ARG F 149 3.37 18.32 25.56
CA ARG F 149 3.83 17.19 26.36
C ARG F 149 2.87 16.78 27.46
N LEU F 150 2.24 17.74 28.17
CA LEU F 150 1.42 17.36 29.34
C LEU F 150 0.24 16.40 29.00
N PRO F 151 -0.57 16.72 27.98
CA PRO F 151 -1.69 15.80 27.67
C PRO F 151 -1.20 14.43 27.24
N ARG F 152 0.03 14.39 26.71
CA ARG F 152 0.56 13.11 26.26
C ARG F 152 1.10 12.27 27.40
N TYR F 153 1.25 12.86 28.59
CA TYR F 153 1.55 12.11 29.82
C TYR F 153 0.27 11.76 30.55
N VAL F 154 -0.57 12.77 30.84
CA VAL F 154 -1.67 12.59 31.80
C VAL F 154 -3.06 12.43 31.14
N GLY F 155 -3.11 12.57 29.83
CA GLY F 155 -4.36 12.59 29.06
C GLY F 155 -4.82 14.04 28.91
N LYS F 156 -5.50 14.32 27.83
CA LYS F 156 -5.92 15.67 27.57
C LYS F 156 -6.93 16.22 28.57
N ALA F 157 -7.74 15.37 29.18
CA ALA F 157 -8.72 15.84 30.20
C ALA F 157 -8.02 16.37 31.46
N LYS F 158 -7.13 15.60 32.02
CA LYS F 158 -6.37 16.03 33.19
C LYS F 158 -5.47 17.19 32.85
N ALA F 159 -4.88 17.20 31.66
CA ALA F 159 -4.04 18.31 31.22
C ALA F 159 -4.82 19.58 31.12
N CYS F 160 -6.01 19.48 30.55
CA CYS F 160 -6.92 20.58 30.44
C CYS F 160 -7.20 21.15 31.83
N GLU F 161 -7.58 20.29 32.76
CA GLU F 161 -7.87 20.72 34.11
C GLU F 161 -6.65 21.41 34.76
N MSE F 162 -5.49 20.78 34.66
CA MSE F 162 -4.28 21.34 35.25
C MSE F 162 -3.98 22.75 34.67
O MSE F 162 -3.66 23.72 35.45
CB MSE F 162 -3.10 20.37 35.11
CG MSE F 162 -3.24 19.19 36.01
SE MSE F 162 -1.82 17.86 35.61
CE MSE F 162 -0.15 18.76 36.23
N MSE F 163 -4.08 22.91 33.36
CA MSE F 163 -3.79 24.21 32.74
C MSE F 163 -4.83 25.27 33.04
O MSE F 163 -4.46 26.44 33.29
CB MSE F 163 -3.55 24.08 31.24
CG MSE F 163 -2.27 23.39 31.01
SE MSE F 163 -1.76 23.29 29.11
CE MSE F 163 -2.58 21.58 28.62
N LEU F 164 -6.11 24.88 33.05
CA LEU F 164 -7.16 25.87 33.25
C LEU F 164 -7.42 26.24 34.71
N THR F 165 -7.13 25.32 35.63
CA THR F 165 -7.21 25.65 37.06
C THR F 165 -5.91 26.25 37.60
N SER F 166 -4.76 25.91 36.98
CA SER F 166 -3.41 26.30 37.46
C SER F 166 -2.92 25.59 38.70
N THR F 167 -3.71 24.69 39.23
CA THR F 167 -3.45 24.04 40.51
C THR F 167 -2.43 22.90 40.31
N PRO F 168 -1.35 22.86 41.12
CA PRO F 168 -0.42 21.73 40.93
C PRO F 168 -0.96 20.45 41.54
N ILE F 169 -0.36 19.33 41.17
CA ILE F 169 -0.65 18.05 41.82
C ILE F 169 0.57 17.55 42.61
N THR F 170 0.36 16.68 43.57
CA THR F 170 1.49 16.12 44.32
C THR F 170 2.21 15.07 43.49
N GLY F 171 3.42 14.72 43.91
CA GLY F 171 4.19 13.65 43.28
C GLY F 171 3.41 12.34 43.28
N ALA F 172 2.68 12.07 44.38
CA ALA F 172 1.88 10.85 44.51
C ALA F 172 0.79 10.80 43.43
N GLU F 173 0.13 11.95 43.24
CA GLU F 173 -0.85 12.08 42.19
C GLU F 173 -0.23 12.01 40.80
N ALA F 174 0.93 12.65 40.62
CA ALA F 174 1.62 12.63 39.36
C ALA F 174 1.92 11.20 38.96
N LEU F 175 2.28 10.35 39.91
CA LEU F 175 2.53 8.92 39.66
C LEU F 175 1.23 8.25 39.17
N LYS F 176 0.11 8.52 39.86
CA LYS F 176 -1.15 7.93 39.41
C LYS F 176 -1.47 8.30 37.97
N TRP F 177 -1.24 9.58 37.61
CA TRP F 177 -1.54 10.07 36.28
C TRP F 177 -0.47 9.82 35.24
N GLY F 178 0.64 9.20 35.61
CA GLY F 178 1.66 8.86 34.63
C GLY F 178 2.63 10.00 34.29
N LEU F 179 2.66 11.06 35.10
CA LEU F 179 3.50 12.23 34.85
C LEU F 179 4.90 11.99 35.42
N VAL F 180 4.99 11.02 36.33
CA VAL F 180 6.28 10.53 36.80
C VAL F 180 6.30 8.99 36.76
N ASN F 181 7.52 8.45 36.80
CA ASN F 181 7.79 7.02 36.86
C ASN F 181 7.56 6.39 38.22
N GLY F 182 7.83 7.13 39.27
CA GLY F 182 7.89 6.58 40.62
C GLY F 182 8.10 7.70 41.61
N VAL F 183 7.82 7.38 42.89
CA VAL F 183 8.08 8.26 43.99
C VAL F 183 8.97 7.58 45.01
N PHE F 184 9.86 8.37 45.60
CA PHE F 184 10.76 7.89 46.63
C PHE F 184 10.62 8.71 47.90
N ALA F 185 11.05 8.11 49.00
CA ALA F 185 11.10 8.79 50.30
C ALA F 185 11.97 10.03 50.18
N GLU F 186 11.52 11.13 50.79
CA GLU F 186 12.32 12.34 50.77
C GLU F 186 13.73 12.13 51.34
N GLU F 187 13.87 11.22 52.28
CA GLU F 187 15.12 11.04 53.03
C GLU F 187 16.25 10.44 52.15
N THR F 188 15.88 9.71 51.10
CA THR F 188 16.84 8.97 50.27
C THR F 188 16.56 9.20 48.78
N PHE F 189 15.91 10.30 48.49
CA PHE F 189 15.33 10.49 47.19
C PHE F 189 16.35 10.44 46.04
N LEU F 190 17.44 11.21 46.16
CA LEU F 190 18.45 11.28 45.10
C LEU F 190 19.18 9.94 45.02
N ASP F 191 19.50 9.35 46.17
CA ASP F 191 20.14 8.04 46.19
C ASP F 191 19.31 6.94 45.53
N ASP F 192 18.02 6.90 45.80
CA ASP F 192 17.13 5.97 45.16
C ASP F 192 17.08 6.18 43.62
N THR F 193 17.06 7.45 43.18
CA THR F 193 17.08 7.75 41.75
C THR F 193 18.40 7.28 41.13
N LEU F 194 19.48 7.49 41.85
CA LEU F 194 20.79 7.03 41.38
C LEU F 194 20.91 5.50 41.26
N LYS F 195 20.16 4.75 42.06
CA LYS F 195 20.16 3.31 41.90
C LYS F 195 19.59 2.96 40.54
N VAL F 196 18.54 3.69 40.11
CA VAL F 196 17.96 3.44 38.80
C VAL F 196 18.95 3.75 37.72
N ALA F 197 19.59 4.90 37.85
CA ALA F 197 20.61 5.33 36.87
C ALA F 197 21.76 4.31 36.76
N LYS F 198 22.14 3.73 37.88
CA LYS F 198 23.21 2.71 37.88
C LYS F 198 22.79 1.41 37.16
N GLN F 199 21.52 1.01 37.30
CA GLN F 199 20.99 -0.10 36.51
C GLN F 199 21.07 0.17 35.03
N ILE F 200 20.69 1.38 34.64
CA ILE F 200 20.69 1.78 33.26
C ILE F 200 22.11 1.88 32.71
N ALA F 201 23.03 2.35 33.55
CA ALA F 201 24.42 2.53 33.17
C ALA F 201 25.06 1.18 32.83
N GLY F 202 24.44 0.09 33.28
CA GLY F 202 24.97 -1.27 33.02
C GLY F 202 24.65 -1.77 31.63
N LYS F 203 23.84 -1.01 30.87
CA LYS F 203 23.42 -1.38 29.52
C LYS F 203 24.39 -0.83 28.46
N SER F 204 24.47 -1.53 27.33
CA SER F 204 25.33 -1.11 26.26
C SER F 204 24.84 0.22 25.66
N PRO F 205 25.78 1.12 25.33
CA PRO F 205 25.41 2.43 24.75
C PRO F 205 24.54 2.30 23.50
N ALA F 206 24.81 1.33 22.61
CA ALA F 206 24.00 1.19 21.40
C ALA F 206 22.53 0.81 21.72
N THR F 207 22.32 -0.04 22.72
CA THR F 207 20.96 -0.48 23.01
C THR F 207 20.22 0.68 23.66
N ALA F 208 20.87 1.41 24.57
CA ALA F 208 20.26 2.62 25.19
C ALA F 208 19.84 3.62 24.14
N ARG F 209 20.75 3.92 23.22
CA ARG F 209 20.46 4.83 22.12
C ARG F 209 19.32 4.35 21.24
N ALA F 210 19.27 3.05 20.96
CA ALA F 210 18.23 2.44 20.12
C ALA F 210 16.88 2.55 20.83
N VAL F 211 16.85 2.22 22.12
CA VAL F 211 15.58 2.32 22.84
C VAL F 211 15.01 3.76 22.75
N LEU F 212 15.86 4.75 23.01
CA LEU F 212 15.48 6.18 22.97
C LEU F 212 14.99 6.61 21.57
N GLU F 213 15.72 6.19 20.54
CA GLU F 213 15.30 6.49 19.16
C GLU F 213 13.90 5.91 18.86
N LEU F 214 13.69 4.66 19.23
CA LEU F 214 12.47 3.91 18.90
C LEU F 214 11.28 4.45 19.66
N LEU F 215 11.54 5.05 20.82
CA LEU F 215 10.48 5.67 21.61
C LEU F 215 9.98 7.00 21.03
N GLN F 216 10.75 7.62 20.12
CA GLN F 216 10.35 8.91 19.51
C GLN F 216 9.19 8.81 18.50
N THR F 217 8.83 7.60 18.13
CA THR F 217 7.73 7.37 17.17
C THR F 217 6.37 7.75 17.70
N THR F 218 6.27 7.95 19.01
CA THR F 218 5.01 8.29 19.64
C THR F 218 4.63 9.75 19.36
N LYS F 219 5.58 10.57 18.93
CA LYS F 219 5.30 12.02 18.67
C LYS F 219 4.80 12.22 17.21
N SER F 220 3.57 12.72 17.07
CA SER F 220 2.96 12.93 15.74
C SER F 220 3.40 14.22 15.08
N SER F 221 3.16 14.31 13.77
CA SER F 221 3.36 15.53 13.06
C SER F 221 2.55 16.61 13.75
N HIS F 222 1.40 16.26 14.34
CA HIS F 222 0.54 17.30 14.94
C HIS F 222 1.14 17.80 16.26
N TYR F 223 1.88 16.92 16.95
CA TYR F 223 2.71 17.32 18.11
C TYR F 223 3.65 18.47 17.70
N TYR F 224 4.38 18.32 16.58
CA TYR F 224 5.40 19.29 16.24
C TYR F 224 4.78 20.54 15.72
N GLU F 225 3.70 20.42 14.93
CA GLU F 225 2.90 21.59 14.52
C GLU F 225 2.38 22.36 15.74
N GLY F 226 1.92 21.60 16.72
CA GLY F 226 1.37 22.15 17.92
C GLY F 226 2.36 22.94 18.73
N VAL F 227 3.61 22.44 18.83
CA VAL F 227 4.68 23.16 19.49
C VAL F 227 4.86 24.54 18.79
N GLN F 228 4.91 24.54 17.45
CA GLN F 228 5.06 25.78 16.76
C GLN F 228 3.90 26.75 16.99
N ARG F 229 2.68 26.22 16.94
CA ARG F 229 1.48 27.02 17.16
C ARG F 229 1.48 27.59 18.58
N GLU F 230 1.91 26.79 19.55
CA GLU F 230 2.06 27.24 20.92
C GLU F 230 2.92 28.49 21.05
N ALA F 231 4.07 28.50 20.38
CA ALA F 231 4.98 29.60 20.43
C ALA F 231 4.35 30.81 19.82
N GLN F 232 3.63 30.65 18.70
CA GLN F 232 2.92 31.78 18.03
C GLN F 232 1.87 32.37 18.97
N ILE F 233 1.05 31.51 19.54
CA ILE F 233 0.00 31.99 20.43
C ILE F 233 0.66 32.64 21.63
N PHE F 234 1.76 32.04 22.13
CA PHE F 234 2.39 32.56 23.33
C PHE F 234 2.73 34.05 23.13
N GLY F 235 3.33 34.36 21.99
CA GLY F 235 3.63 35.74 21.66
C GLY F 235 2.44 36.66 21.61
N GLU F 236 1.34 36.18 21.01
CA GLU F 236 0.10 36.96 20.91
C GLU F 236 -0.50 37.27 22.26
N VAL F 237 -0.59 36.25 23.11
CA VAL F 237 -1.17 36.46 24.42
C VAL F 237 -0.26 37.26 25.32
N PHE F 238 1.06 37.11 25.14
CA PHE F 238 2.01 37.85 25.91
C PHE F 238 1.83 39.36 25.73
N THR F 239 1.65 39.82 24.50
CA THR F 239 1.54 41.25 24.23
C THR F 239 0.13 41.79 24.33
N SER F 240 -0.85 40.91 24.48
CA SER F 240 -2.28 41.27 24.62
C SER F 240 -2.55 42.06 25.91
N GLU F 241 -3.66 42.78 25.93
CA GLU F 241 -4.11 43.45 27.14
C GLU F 241 -4.13 42.49 28.38
N ASP F 242 -4.78 41.34 28.25
CA ASP F 242 -4.88 40.40 29.37
C ASP F 242 -3.55 39.79 29.79
N GLY F 243 -2.68 39.50 28.84
CA GLY F 243 -1.34 39.00 29.15
C GLY F 243 -0.49 39.99 29.91
N ARG F 244 -0.54 41.26 29.49
CA ARG F 244 0.21 42.32 30.18
C ARG F 244 -0.33 42.48 31.61
N GLU F 245 -1.65 42.46 31.73
CA GLU F 245 -2.31 42.59 33.03
C GLU F 245 -1.93 41.46 33.97
N GLY F 246 -1.94 40.22 33.46
CA GLY F 246 -1.62 39.06 34.26
C GLY F 246 -0.24 39.10 34.84
N VAL F 247 0.76 39.40 34.02
CA VAL F 247 2.14 39.54 34.53
C VAL F 247 2.25 40.72 35.54
N ALA F 248 1.65 41.85 35.18
CA ALA F 248 1.66 43.04 36.05
C ALA F 248 1.06 42.71 37.40
N ALA F 249 -0.13 42.08 37.42
CA ALA F 249 -0.79 41.68 38.66
C ALA F 249 0.06 40.73 39.49
N PHE F 250 0.74 39.79 38.83
CA PHE F 250 1.67 38.92 39.52
C PHE F 250 2.83 39.68 40.17
N LEU F 251 3.42 40.63 39.45
CA LEU F 251 4.55 41.38 40.00
C LEU F 251 4.11 42.31 41.16
N GLU F 252 2.85 42.72 41.15
CA GLU F 252 2.24 43.53 42.22
C GLU F 252 1.54 42.66 43.29
N LYS F 253 1.72 41.34 43.23
CA LYS F 253 1.12 40.41 44.20
C LYS F 253 -0.35 40.70 44.44
N ARG F 254 -1.08 40.75 43.34
CA ARG F 254 -2.52 40.97 43.34
C ARG F 254 -3.12 39.96 42.37
N LYS F 255 -4.38 39.61 42.62
CA LYS F 255 -5.20 38.83 41.70
C LYS F 255 -5.42 39.62 40.40
N PRO F 256 -5.26 38.97 39.23
CA PRO F 256 -5.42 39.72 38.00
C PRO F 256 -6.90 39.95 37.63
N SER F 257 -7.14 40.99 36.86
CA SER F 257 -8.47 41.31 36.38
C SER F 257 -8.46 41.33 34.84
N PHE F 258 -9.16 40.41 34.18
CA PHE F 258 -9.10 40.23 32.71
C PHE F 258 -10.29 40.83 31.94
N SER F 259 -9.99 41.40 30.77
CA SER F 259 -10.98 42.04 29.88
C SER F 259 -11.73 41.09 28.98
N GLY F 260 -11.09 39.99 28.59
CA GLY F 260 -11.56 39.19 27.47
C GLY F 260 -11.03 39.82 26.20
CAC FLC G . 7.18 -22.11 -23.27
CA FLC G . 6.82 -22.11 -21.78
CB FLC G . 5.67 -21.23 -21.28
CBC FLC G . 5.73 -20.01 -22.00
CG FLC G . 5.88 -20.79 -19.81
CGC FLC G . 7.27 -20.56 -19.17
OA1 FLC G . 8.39 -22.16 -23.59
OA2 FLC G . 6.30 -22.19 -24.11
OB1 FLC G . 4.60 -19.60 -22.48
OB2 FLC G . 6.88 -19.58 -22.05
OG1 FLC G . 7.22 -20.12 -18.03
OG2 FLC G . 8.43 -20.83 -19.64
OHB FLC G . 4.27 -21.53 -21.75
O1 PG4 H . -2.49 -12.11 -53.40
C1 PG4 H . -2.23 -13.51 -53.21
C2 PG4 H . -0.75 -13.76 -53.05
O2 PG4 H . -0.16 -14.03 -54.34
C3 PG4 H . 1.18 -14.52 -54.28
C4 PG4 H . 1.18 -15.96 -53.86
O3 PG4 H . 2.49 -16.53 -53.89
C5 PG4 H . 2.70 -17.83 -53.26
C6 PG4 H . 2.06 -17.96 -51.85
O4 PG4 H . 2.52 -18.96 -50.92
C7 PG4 H . 2.66 -18.47 -49.49
C8 PG4 H . 3.90 -18.82 -48.61
O5 PG4 H . 4.11 -18.00 -47.34
CAC FLC I . 8.10 -14.63 -22.68
CA FLC I . 7.57 -15.96 -23.12
CB FLC I . 6.04 -15.98 -22.85
CBC FLC I . 5.74 -17.36 -22.53
CG FLC I . 5.29 -15.66 -24.14
CGC FLC I . 3.79 -15.95 -24.19
OA1 FLC I . 7.77 -13.61 -23.32
OA2 FLC I . 8.77 -14.58 -21.64
OB1 FLC I . 5.31 -17.60 -21.37
OB2 FLC I . 6.07 -18.09 -23.45
OG1 FLC I . 3.14 -16.30 -23.17
OG2 FLC I . 3.22 -15.73 -25.28
OHB FLC I . 5.62 -15.34 -21.59
C ACT J . 22.64 -0.72 -15.98
O ACT J . 22.95 0.36 -16.53
OXT ACT J . 21.57 -1.27 -16.31
CH3 ACT J . 23.58 -1.35 -14.98
O1 PG4 K . -20.23 -3.19 -11.09
C1 PG4 K . -21.21 -3.45 -12.09
C2 PG4 K . -22.30 -4.46 -11.69
O2 PG4 K . -21.68 -5.67 -11.24
C3 PG4 K . -22.28 -6.86 -11.72
C4 PG4 K . -21.75 -8.09 -10.99
O3 PG4 K . -20.32 -8.19 -11.02
C5 PG4 K . -19.86 -9.38 -10.39
C6 PG4 K . -18.33 -9.48 -10.50
O4 PG4 K . -18.05 -9.72 -11.90
C7 PG4 K . -17.67 -11.05 -12.15
C8 PG4 K . -17.33 -11.06 -13.63
O5 PG4 K . -15.97 -10.67 -13.77
CAC FLC L . 0.83 8.74 10.97
CA FLC L . 0.38 10.20 10.82
CB FLC L . 0.39 11.05 12.10
CBC FLC L . 0.07 10.28 13.24
CG FLC L . -0.69 12.19 12.01
CGC FLC L . -2.06 11.99 11.30
OA1 FLC L . 1.89 8.51 11.52
OA2 FLC L . 0.13 7.85 10.46
OB1 FLC L . -1.02 9.74 13.11
OB2 FLC L . 0.95 10.31 14.19
OG1 FLC L . -2.86 12.95 11.37
OG2 FLC L . -2.44 10.99 10.62
OHB FLC L . 1.74 11.43 12.66
O1 PG4 M . 12.27 -9.50 21.65
C1 PG4 M . 12.59 -10.83 21.23
C2 PG4 M . 14.08 -11.03 21.07
O2 PG4 M . 14.65 -11.23 22.35
C3 PG4 M . 16.08 -11.31 22.38
C4 PG4 M . 16.47 -12.75 22.73
O3 PG4 M . 15.82 -13.18 23.94
C5 PG4 M . 16.09 -14.56 24.39
C6 PG4 M . 16.82 -14.51 25.73
O4 PG4 M . 16.06 -14.68 26.91
C7 PG4 M . 16.79 -14.32 28.12
C8 PG4 M . 16.49 -12.86 28.48
O5 PG4 M . 17.49 -12.18 29.25
CAC FLC N . -4.06 8.16 16.81
CA FLC N . -2.77 8.23 16.04
CB FLC N . -1.89 9.31 16.72
CBC FLC N . -1.07 9.71 15.60
CG FLC N . -1.15 8.69 17.93
CGC FLC N . 0.25 9.24 18.17
OA1 FLC N . -4.06 7.61 17.91
OA2 FLC N . -5.06 8.73 16.33
OB1 FLC N . -1.23 10.90 15.19
OB2 FLC N . -0.40 8.79 15.10
OG1 FLC N . 0.45 10.42 17.84
OG2 FLC N . 1.11 8.53 18.74
OHB FLC N . -2.47 10.65 16.96
C ACT O . -24.92 4.94 20.10
O ACT O . -23.71 5.27 20.04
OXT ACT O . -25.31 4.45 21.16
CH3 ACT O . -25.88 5.05 18.97
O1 PG4 P . 6.09 28.02 29.87
C1 PG4 P . 7.00 28.95 30.39
C2 PG4 P . 6.60 30.40 30.12
O2 PG4 P . 5.87 30.96 31.23
C3 PG4 P . 6.21 32.33 31.68
C4 PG4 P . 6.22 32.37 33.21
O3 PG4 P . 7.22 33.18 33.88
C5 PG4 P . 7.46 32.82 35.26
C6 PG4 P . 6.18 32.81 36.08
O4 PG4 P . 6.37 32.45 37.45
C7 PG4 P . 5.15 32.50 38.22
C8 PG4 P . 3.97 31.73 37.59
O5 PG4 P . 2.92 31.44 38.54
#